data_2IOM
# 
_entry.id   2IOM 
# 
_audit_conform.dict_name       mmcif_pdbx.dic 
_audit_conform.dict_version    5.387 
_audit_conform.dict_location   http://mmcif.pdb.org/dictionaries/ascii/mmcif_pdbx.dic 
# 
loop_
_database_2.database_id 
_database_2.database_code 
_database_2.pdbx_database_accession 
_database_2.pdbx_DOI 
PDB   2IOM         pdb_00002iom 10.2210/pdb2iom/pdb 
RCSB  RCSB039823   ?            ?                   
WWPDB D_1000039823 ?            ?                   
# 
loop_
_pdbx_audit_revision_history.ordinal 
_pdbx_audit_revision_history.data_content_type 
_pdbx_audit_revision_history.major_revision 
_pdbx_audit_revision_history.minor_revision 
_pdbx_audit_revision_history.revision_date 
1 'Structure model' 1 0 2006-12-05 
2 'Structure model' 1 1 2008-05-01 
3 'Structure model' 1 2 2011-07-13 
4 'Structure model' 1 3 2017-10-11 
5 'Structure model' 1 4 2024-02-21 
# 
_pdbx_audit_revision_details.ordinal             1 
_pdbx_audit_revision_details.revision_ordinal    1 
_pdbx_audit_revision_details.data_content_type   'Structure model' 
_pdbx_audit_revision_details.provider            repository 
_pdbx_audit_revision_details.type                'Initial release' 
_pdbx_audit_revision_details.description         ? 
_pdbx_audit_revision_details.details             ? 
# 
loop_
_pdbx_audit_revision_group.ordinal 
_pdbx_audit_revision_group.revision_ordinal 
_pdbx_audit_revision_group.data_content_type 
_pdbx_audit_revision_group.group 
1 2 'Structure model' 'Version format compliance' 
2 3 'Structure model' 'Version format compliance' 
3 4 'Structure model' 'Data collection'           
4 5 'Structure model' 'Data collection'           
5 5 'Structure model' 'Database references'       
6 5 'Structure model' 'Derived calculations'      
# 
loop_
_pdbx_audit_revision_category.ordinal 
_pdbx_audit_revision_category.revision_ordinal 
_pdbx_audit_revision_category.data_content_type 
_pdbx_audit_revision_category.category 
1 4 'Structure model' reflns                 
2 5 'Structure model' chem_comp_atom         
3 5 'Structure model' chem_comp_bond         
4 5 'Structure model' database_2             
5 5 'Structure model' pdbx_struct_conn_angle 
6 5 'Structure model' struct_conn            
7 5 'Structure model' struct_site            
# 
loop_
_pdbx_audit_revision_item.ordinal 
_pdbx_audit_revision_item.revision_ordinal 
_pdbx_audit_revision_item.data_content_type 
_pdbx_audit_revision_item.item 
1  4 'Structure model' '_reflns.percent_possible_obs'               
2  5 'Structure model' '_database_2.pdbx_DOI'                       
3  5 'Structure model' '_database_2.pdbx_database_accession'        
4  5 'Structure model' '_pdbx_struct_conn_angle.ptnr1_auth_seq_id'  
5  5 'Structure model' '_pdbx_struct_conn_angle.ptnr1_label_seq_id' 
6  5 'Structure model' '_pdbx_struct_conn_angle.ptnr3_auth_seq_id'  
7  5 'Structure model' '_pdbx_struct_conn_angle.ptnr3_label_seq_id' 
8  5 'Structure model' '_pdbx_struct_conn_angle.value'              
9  5 'Structure model' '_struct_conn.pdbx_dist_value'               
10 5 'Structure model' '_struct_conn.ptnr1_auth_comp_id'            
11 5 'Structure model' '_struct_conn.ptnr1_auth_seq_id'             
12 5 'Structure model' '_struct_conn.ptnr1_label_asym_id'           
13 5 'Structure model' '_struct_conn.ptnr1_label_atom_id'           
14 5 'Structure model' '_struct_conn.ptnr1_label_comp_id'           
15 5 'Structure model' '_struct_conn.ptnr1_label_seq_id'            
16 5 'Structure model' '_struct_conn.ptnr2_auth_comp_id'            
17 5 'Structure model' '_struct_conn.ptnr2_auth_seq_id'             
18 5 'Structure model' '_struct_conn.ptnr2_label_asym_id'           
19 5 'Structure model' '_struct_conn.ptnr2_label_atom_id'           
20 5 'Structure model' '_struct_conn.ptnr2_label_comp_id'           
21 5 'Structure model' '_struct_conn.ptnr2_label_seq_id'            
22 5 'Structure model' '_struct_site.pdbx_auth_asym_id'             
23 5 'Structure model' '_struct_site.pdbx_auth_comp_id'             
24 5 'Structure model' '_struct_site.pdbx_auth_seq_id'              
# 
_pdbx_database_status.status_code                     REL 
_pdbx_database_status.entry_id                        2IOM 
_pdbx_database_status.recvd_initial_deposition_date   2006-10-10 
_pdbx_database_status.deposit_site                    RCSB 
_pdbx_database_status.process_site                    RCSB 
_pdbx_database_status.status_code_sf                  REL 
_pdbx_database_status.status_code_mr                  ? 
_pdbx_database_status.SG_entry                        ? 
_pdbx_database_status.pdb_format_compatible           Y 
_pdbx_database_status.status_code_cs                  ? 
_pdbx_database_status.methods_development_category    ? 
_pdbx_database_status.status_code_nmr_data            ? 
# 
loop_
_pdbx_database_related.db_name 
_pdbx_database_related.db_id 
_pdbx_database_related.details 
_pdbx_database_related.content_type 
PDB 2IOI 'High-resolution structure of the p53 core domain: implications for binding small-molecule stabilizing compounds' 
unspecified 
PDB 2IOO 'High-resolution structure of the p53 core domain: implications for binding small molecule compounds'             
unspecified 
# 
loop_
_audit_author.name 
_audit_author.pdbx_ordinal 
'Ho, W.C.'         1 
'Luo, C.'          2 
'Zhao, K.'         3 
'Chai, X.'         4 
'Fitzgerald, M.X.' 5 
'Marmorstein, R.'  6 
# 
_citation.id                        primary 
_citation.title                     
'High-resolution structure of the p53 core domain: implications for binding small-molecule stabilizing compounds.' 
_citation.journal_abbrev            'ACTA CRYSTALLOGR.,SECT.D' 
_citation.journal_volume            62 
_citation.page_first                1484 
_citation.page_last                 1493 
_citation.year                      2006 
_citation.journal_id_ASTM           ABCRE6 
_citation.country                   DK 
_citation.journal_id_ISSN           0907-4449 
_citation.journal_id_CSD            0766 
_citation.book_publisher            ? 
_citation.pdbx_database_id_PubMed   17139084 
_citation.pdbx_database_id_DOI      10.1107/S090744490603890X 
# 
loop_
_citation_author.citation_id 
_citation_author.name 
_citation_author.ordinal 
_citation_author.identifier_ORCID 
primary 'Ho, W.C.'         1 ? 
primary 'Luo, C.'          2 ? 
primary 'Zhao, K.'         3 ? 
primary 'Chai, X.'         4 ? 
primary 'Fitzgerald, M.X.' 5 ? 
primary 'Marmorstein, R.'  6 ? 
# 
loop_
_entity.id 
_entity.type 
_entity.src_method 
_entity.pdbx_description 
_entity.formula_weight 
_entity.pdbx_number_of_molecules 
_entity.pdbx_ec 
_entity.pdbx_mutation 
_entity.pdbx_fragment 
_entity.details 
1 polymer     man 'Cellular tumor antigen p53'             22814.057 1   ? ? 'mouse p53 core domain, residues 92-292' ? 
2 non-polymer syn 'ZINC ION'                               65.409    1   ? ? ?                                        ? 
3 non-polymer syn 2-AMINO-2-HYDROXYMETHYL-PROPANE-1,3-DIOL 122.143   1   ? ? ?                                        ? 
4 non-polymer syn 'ISOPROPYL ALCOHOL'                      60.095    1   ? ? ?                                        ? 
5 water       nat water                                    18.015    157 ? ? ?                                        ? 
# 
_entity_name_com.entity_id   1 
_entity_name_com.name        'Tumor suppressor p53' 
# 
_entity_poly.entity_id                      1 
_entity_poly.type                           'polypeptide(L)' 
_entity_poly.nstd_linkage                   no 
_entity_poly.nstd_monomer                   no 
_entity_poly.pdbx_seq_one_letter_code       
;SFVPSQKTYQGNYGFHLGFLQSGTAKSVMCTYSPPLNKLFCQLAKTCPVQLWVSATPPAGSRVRAMAIYKKSQHMTEVVR
RCPHHERCSDGDGLAPPQHLIRVEGNLYPEYLEDRQTFRHSVVVPYEPPEAGSEYTTIHYKYMCNSSCMGGMNRRPILTI
ITLEDSSGNLLGRDSFEVRVCACPGRDRRTEEENFRKKEVL
;
_entity_poly.pdbx_seq_one_letter_code_can   
;SFVPSQKTYQGNYGFHLGFLQSGTAKSVMCTYSPPLNKLFCQLAKTCPVQLWVSATPPAGSRVRAMAIYKKSQHMTEVVR
RCPHHERCSDGDGLAPPQHLIRVEGNLYPEYLEDRQTFRHSVVVPYEPPEAGSEYTTIHYKYMCNSSCMGGMNRRPILTI
ITLEDSSGNLLGRDSFEVRVCACPGRDRRTEEENFRKKEVL
;
_entity_poly.pdbx_strand_id                 A 
_entity_poly.pdbx_target_identifier         ? 
# 
loop_
_pdbx_entity_nonpoly.entity_id 
_pdbx_entity_nonpoly.name 
_pdbx_entity_nonpoly.comp_id 
2 'ZINC ION'                               ZN  
3 2-AMINO-2-HYDROXYMETHYL-PROPANE-1,3-DIOL TRS 
4 'ISOPROPYL ALCOHOL'                      IPA 
5 water                                    HOH 
# 
loop_
_entity_poly_seq.entity_id 
_entity_poly_seq.num 
_entity_poly_seq.mon_id 
_entity_poly_seq.hetero 
1 1   SER n 
1 2   PHE n 
1 3   VAL n 
1 4   PRO n 
1 5   SER n 
1 6   GLN n 
1 7   LYS n 
1 8   THR n 
1 9   TYR n 
1 10  GLN n 
1 11  GLY n 
1 12  ASN n 
1 13  TYR n 
1 14  GLY n 
1 15  PHE n 
1 16  HIS n 
1 17  LEU n 
1 18  GLY n 
1 19  PHE n 
1 20  LEU n 
1 21  GLN n 
1 22  SER n 
1 23  GLY n 
1 24  THR n 
1 25  ALA n 
1 26  LYS n 
1 27  SER n 
1 28  VAL n 
1 29  MET n 
1 30  CYS n 
1 31  THR n 
1 32  TYR n 
1 33  SER n 
1 34  PRO n 
1 35  PRO n 
1 36  LEU n 
1 37  ASN n 
1 38  LYS n 
1 39  LEU n 
1 40  PHE n 
1 41  CYS n 
1 42  GLN n 
1 43  LEU n 
1 44  ALA n 
1 45  LYS n 
1 46  THR n 
1 47  CYS n 
1 48  PRO n 
1 49  VAL n 
1 50  GLN n 
1 51  LEU n 
1 52  TRP n 
1 53  VAL n 
1 54  SER n 
1 55  ALA n 
1 56  THR n 
1 57  PRO n 
1 58  PRO n 
1 59  ALA n 
1 60  GLY n 
1 61  SER n 
1 62  ARG n 
1 63  VAL n 
1 64  ARG n 
1 65  ALA n 
1 66  MET n 
1 67  ALA n 
1 68  ILE n 
1 69  TYR n 
1 70  LYS n 
1 71  LYS n 
1 72  SER n 
1 73  GLN n 
1 74  HIS n 
1 75  MET n 
1 76  THR n 
1 77  GLU n 
1 78  VAL n 
1 79  VAL n 
1 80  ARG n 
1 81  ARG n 
1 82  CYS n 
1 83  PRO n 
1 84  HIS n 
1 85  HIS n 
1 86  GLU n 
1 87  ARG n 
1 88  CYS n 
1 89  SER n 
1 90  ASP n 
1 91  GLY n 
1 92  ASP n 
1 93  GLY n 
1 94  LEU n 
1 95  ALA n 
1 96  PRO n 
1 97  PRO n 
1 98  GLN n 
1 99  HIS n 
1 100 LEU n 
1 101 ILE n 
1 102 ARG n 
1 103 VAL n 
1 104 GLU n 
1 105 GLY n 
1 106 ASN n 
1 107 LEU n 
1 108 TYR n 
1 109 PRO n 
1 110 GLU n 
1 111 TYR n 
1 112 LEU n 
1 113 GLU n 
1 114 ASP n 
1 115 ARG n 
1 116 GLN n 
1 117 THR n 
1 118 PHE n 
1 119 ARG n 
1 120 HIS n 
1 121 SER n 
1 122 VAL n 
1 123 VAL n 
1 124 VAL n 
1 125 PRO n 
1 126 TYR n 
1 127 GLU n 
1 128 PRO n 
1 129 PRO n 
1 130 GLU n 
1 131 ALA n 
1 132 GLY n 
1 133 SER n 
1 134 GLU n 
1 135 TYR n 
1 136 THR n 
1 137 THR n 
1 138 ILE n 
1 139 HIS n 
1 140 TYR n 
1 141 LYS n 
1 142 TYR n 
1 143 MET n 
1 144 CYS n 
1 145 ASN n 
1 146 SER n 
1 147 SER n 
1 148 CYS n 
1 149 MET n 
1 150 GLY n 
1 151 GLY n 
1 152 MET n 
1 153 ASN n 
1 154 ARG n 
1 155 ARG n 
1 156 PRO n 
1 157 ILE n 
1 158 LEU n 
1 159 THR n 
1 160 ILE n 
1 161 ILE n 
1 162 THR n 
1 163 LEU n 
1 164 GLU n 
1 165 ASP n 
1 166 SER n 
1 167 SER n 
1 168 GLY n 
1 169 ASN n 
1 170 LEU n 
1 171 LEU n 
1 172 GLY n 
1 173 ARG n 
1 174 ASP n 
1 175 SER n 
1 176 PHE n 
1 177 GLU n 
1 178 VAL n 
1 179 ARG n 
1 180 VAL n 
1 181 CYS n 
1 182 ALA n 
1 183 CYS n 
1 184 PRO n 
1 185 GLY n 
1 186 ARG n 
1 187 ASP n 
1 188 ARG n 
1 189 ARG n 
1 190 THR n 
1 191 GLU n 
1 192 GLU n 
1 193 GLU n 
1 194 ASN n 
1 195 PHE n 
1 196 ARG n 
1 197 LYS n 
1 198 LYS n 
1 199 GLU n 
1 200 VAL n 
1 201 LEU n 
# 
_entity_src_gen.entity_id                          1 
_entity_src_gen.pdbx_src_id                        1 
_entity_src_gen.pdbx_alt_source_flag               sample 
_entity_src_gen.pdbx_seq_type                      ? 
_entity_src_gen.pdbx_beg_seq_num                   ? 
_entity_src_gen.pdbx_end_seq_num                   ? 
_entity_src_gen.gene_src_common_name               'house mouse' 
_entity_src_gen.gene_src_genus                     Mus 
_entity_src_gen.pdbx_gene_src_gene                 'Tp53, P53, Trp53' 
_entity_src_gen.gene_src_species                   ? 
_entity_src_gen.gene_src_strain                    ? 
_entity_src_gen.gene_src_tissue                    ? 
_entity_src_gen.gene_src_tissue_fraction           ? 
_entity_src_gen.gene_src_details                   ? 
_entity_src_gen.pdbx_gene_src_fragment             ? 
_entity_src_gen.pdbx_gene_src_scientific_name      'Mus musculus' 
_entity_src_gen.pdbx_gene_src_ncbi_taxonomy_id     10090 
_entity_src_gen.pdbx_gene_src_variant              ? 
_entity_src_gen.pdbx_gene_src_cell_line            ? 
_entity_src_gen.pdbx_gene_src_atcc                 ? 
_entity_src_gen.pdbx_gene_src_organ                ? 
_entity_src_gen.pdbx_gene_src_organelle            ? 
_entity_src_gen.pdbx_gene_src_cell                 ? 
_entity_src_gen.pdbx_gene_src_cellular_location    ? 
_entity_src_gen.host_org_common_name               ? 
_entity_src_gen.pdbx_host_org_scientific_name      'Escherichia coli BL21' 
_entity_src_gen.pdbx_host_org_ncbi_taxonomy_id     511693 
_entity_src_gen.host_org_genus                     Escherichia 
_entity_src_gen.pdbx_host_org_gene                 ? 
_entity_src_gen.pdbx_host_org_organ                ? 
_entity_src_gen.host_org_species                   'Escherichia coli' 
_entity_src_gen.pdbx_host_org_tissue               ? 
_entity_src_gen.pdbx_host_org_tissue_fraction      ? 
_entity_src_gen.pdbx_host_org_strain               BL21 
_entity_src_gen.pdbx_host_org_variant              ? 
_entity_src_gen.pdbx_host_org_cell_line            ? 
_entity_src_gen.pdbx_host_org_atcc                 ? 
_entity_src_gen.pdbx_host_org_culture_collection   ? 
_entity_src_gen.pdbx_host_org_cell                 ? 
_entity_src_gen.pdbx_host_org_organelle            ? 
_entity_src_gen.pdbx_host_org_cellular_location    ? 
_entity_src_gen.pdbx_host_org_vector_type          Plasmid 
_entity_src_gen.pdbx_host_org_vector               ? 
_entity_src_gen.host_org_details                   ? 
_entity_src_gen.expression_system_id               ? 
_entity_src_gen.plasmid_name                       pRSETA 
_entity_src_gen.plasmid_details                    ? 
_entity_src_gen.pdbx_description                   ? 
# 
loop_
_chem_comp.id 
_chem_comp.type 
_chem_comp.mon_nstd_flag 
_chem_comp.name 
_chem_comp.pdbx_synonyms 
_chem_comp.formula 
_chem_comp.formula_weight 
ALA 'L-peptide linking' y ALANINE                                  ?             'C3 H7 N O2'     89.093  
ARG 'L-peptide linking' y ARGININE                                 ?             'C6 H15 N4 O2 1' 175.209 
ASN 'L-peptide linking' y ASPARAGINE                               ?             'C4 H8 N2 O3'    132.118 
ASP 'L-peptide linking' y 'ASPARTIC ACID'                          ?             'C4 H7 N O4'     133.103 
CYS 'L-peptide linking' y CYSTEINE                                 ?             'C3 H7 N O2 S'   121.158 
GLN 'L-peptide linking' y GLUTAMINE                                ?             'C5 H10 N2 O3'   146.144 
GLU 'L-peptide linking' y 'GLUTAMIC ACID'                          ?             'C5 H9 N O4'     147.129 
GLY 'peptide linking'   y GLYCINE                                  ?             'C2 H5 N O2'     75.067  
HIS 'L-peptide linking' y HISTIDINE                                ?             'C6 H10 N3 O2 1' 156.162 
HOH non-polymer         . WATER                                    ?             'H2 O'           18.015  
ILE 'L-peptide linking' y ISOLEUCINE                               ?             'C6 H13 N O2'    131.173 
IPA non-polymer         . 'ISOPROPYL ALCOHOL'                      2-PROPANOL    'C3 H8 O'        60.095  
LEU 'L-peptide linking' y LEUCINE                                  ?             'C6 H13 N O2'    131.173 
LYS 'L-peptide linking' y LYSINE                                   ?             'C6 H15 N2 O2 1' 147.195 
MET 'L-peptide linking' y METHIONINE                               ?             'C5 H11 N O2 S'  149.211 
PHE 'L-peptide linking' y PHENYLALANINE                            ?             'C9 H11 N O2'    165.189 
PRO 'L-peptide linking' y PROLINE                                  ?             'C5 H9 N O2'     115.130 
SER 'L-peptide linking' y SERINE                                   ?             'C3 H7 N O3'     105.093 
THR 'L-peptide linking' y THREONINE                                ?             'C4 H9 N O3'     119.119 
TRP 'L-peptide linking' y TRYPTOPHAN                               ?             'C11 H12 N2 O2'  204.225 
TRS non-polymer         . 2-AMINO-2-HYDROXYMETHYL-PROPANE-1,3-DIOL 'TRIS BUFFER' 'C4 H12 N O3 1'  122.143 
TYR 'L-peptide linking' y TYROSINE                                 ?             'C9 H11 N O3'    181.189 
VAL 'L-peptide linking' y VALINE                                   ?             'C5 H11 N O2'    117.146 
ZN  non-polymer         . 'ZINC ION'                               ?             'Zn 2'           65.409  
# 
loop_
_pdbx_poly_seq_scheme.asym_id 
_pdbx_poly_seq_scheme.entity_id 
_pdbx_poly_seq_scheme.seq_id 
_pdbx_poly_seq_scheme.mon_id 
_pdbx_poly_seq_scheme.ndb_seq_num 
_pdbx_poly_seq_scheme.pdb_seq_num 
_pdbx_poly_seq_scheme.auth_seq_num 
_pdbx_poly_seq_scheme.pdb_mon_id 
_pdbx_poly_seq_scheme.auth_mon_id 
_pdbx_poly_seq_scheme.pdb_strand_id 
_pdbx_poly_seq_scheme.pdb_ins_code 
_pdbx_poly_seq_scheme.hetero 
A 1 1   SER 1   92  ?   ?   ?   A . n 
A 1 2   PHE 2   93  ?   ?   ?   A . n 
A 1 3   VAL 3   94  ?   ?   ?   A . n 
A 1 4   PRO 4   95  ?   ?   ?   A . n 
A 1 5   SER 5   96  ?   ?   ?   A . n 
A 1 6   GLN 6   97  97  GLN GLN A . n 
A 1 7   LYS 7   98  98  LYS LYS A . n 
A 1 8   THR 8   99  99  THR THR A . n 
A 1 9   TYR 9   100 100 TYR TYR A . n 
A 1 10  GLN 10  101 101 GLN GLN A . n 
A 1 11  GLY 11  102 102 GLY GLY A . n 
A 1 12  ASN 12  103 103 ASN ASN A . n 
A 1 13  TYR 13  104 104 TYR TYR A . n 
A 1 14  GLY 14  105 105 GLY GLY A . n 
A 1 15  PHE 15  106 106 PHE PHE A . n 
A 1 16  HIS 16  107 107 HIS HIS A . n 
A 1 17  LEU 17  108 108 LEU LEU A . n 
A 1 18  GLY 18  109 109 GLY GLY A . n 
A 1 19  PHE 19  110 110 PHE PHE A . n 
A 1 20  LEU 20  111 111 LEU LEU A . n 
A 1 21  GLN 21  112 112 GLN GLN A . n 
A 1 22  SER 22  113 113 SER SER A . n 
A 1 23  GLY 23  114 114 GLY GLY A . n 
A 1 24  THR 24  115 115 THR THR A . n 
A 1 25  ALA 25  116 116 ALA ALA A . n 
A 1 26  LYS 26  117 117 LYS LYS A . n 
A 1 27  SER 27  118 118 SER SER A . n 
A 1 28  VAL 28  119 119 VAL VAL A . n 
A 1 29  MET 29  120 120 MET MET A . n 
A 1 30  CYS 30  121 121 CYS CYS A . n 
A 1 31  THR 31  122 122 THR THR A . n 
A 1 32  TYR 32  123 123 TYR TYR A . n 
A 1 33  SER 33  124 124 SER SER A . n 
A 1 34  PRO 34  125 125 PRO PRO A . n 
A 1 35  PRO 35  126 126 PRO PRO A . n 
A 1 36  LEU 36  127 127 LEU LEU A . n 
A 1 37  ASN 37  128 128 ASN ASN A . n 
A 1 38  LYS 38  129 129 LYS LYS A . n 
A 1 39  LEU 39  130 130 LEU LEU A . n 
A 1 40  PHE 40  131 131 PHE PHE A . n 
A 1 41  CYS 41  132 132 CYS CYS A . n 
A 1 42  GLN 42  133 133 GLN GLN A . n 
A 1 43  LEU 43  134 134 LEU LEU A . n 
A 1 44  ALA 44  135 135 ALA ALA A . n 
A 1 45  LYS 45  136 136 LYS LYS A . n 
A 1 46  THR 46  137 137 THR THR A . n 
A 1 47  CYS 47  138 138 CYS CYS A . n 
A 1 48  PRO 48  139 139 PRO PRO A . n 
A 1 49  VAL 49  140 140 VAL VAL A . n 
A 1 50  GLN 50  141 141 GLN GLN A . n 
A 1 51  LEU 51  142 142 LEU LEU A . n 
A 1 52  TRP 52  143 143 TRP TRP A . n 
A 1 53  VAL 53  144 144 VAL VAL A . n 
A 1 54  SER 54  145 145 SER SER A . n 
A 1 55  ALA 55  146 146 ALA ALA A . n 
A 1 56  THR 56  147 147 THR THR A . n 
A 1 57  PRO 57  148 148 PRO PRO A . n 
A 1 58  PRO 58  149 149 PRO PRO A . n 
A 1 59  ALA 59  150 150 ALA ALA A . n 
A 1 60  GLY 60  151 151 GLY GLY A . n 
A 1 61  SER 61  152 152 SER SER A . n 
A 1 62  ARG 62  153 153 ARG ARG A . n 
A 1 63  VAL 63  154 154 VAL VAL A . n 
A 1 64  ARG 64  155 155 ARG ARG A . n 
A 1 65  ALA 65  156 156 ALA ALA A . n 
A 1 66  MET 66  157 157 MET MET A . n 
A 1 67  ALA 67  158 158 ALA ALA A . n 
A 1 68  ILE 68  159 159 ILE ILE A . n 
A 1 69  TYR 69  160 160 TYR TYR A . n 
A 1 70  LYS 70  161 161 LYS LYS A . n 
A 1 71  LYS 71  162 162 LYS LYS A . n 
A 1 72  SER 72  163 163 SER SER A . n 
A 1 73  GLN 73  164 164 GLN GLN A . n 
A 1 74  HIS 74  165 165 HIS HIS A . n 
A 1 75  MET 75  166 166 MET MET A . n 
A 1 76  THR 76  167 167 THR THR A . n 
A 1 77  GLU 77  168 168 GLU GLU A . n 
A 1 78  VAL 78  169 169 VAL VAL A . n 
A 1 79  VAL 79  170 170 VAL VAL A . n 
A 1 80  ARG 80  171 171 ARG ARG A . n 
A 1 81  ARG 81  172 172 ARG ARG A . n 
A 1 82  CYS 82  173 173 CYS CYS A . n 
A 1 83  PRO 83  174 174 PRO PRO A . n 
A 1 84  HIS 84  175 175 HIS HIS A . n 
A 1 85  HIS 85  176 176 HIS HIS A . n 
A 1 86  GLU 86  177 177 GLU GLU A . n 
A 1 87  ARG 87  178 178 ARG ARG A . n 
A 1 88  CYS 88  179 179 CYS CYS A . n 
A 1 89  SER 89  180 180 SER SER A . n 
A 1 90  ASP 90  181 181 ASP ASP A . n 
A 1 91  GLY 91  182 182 GLY GLY A . n 
A 1 92  ASP 92  183 183 ASP ASP A . n 
A 1 93  GLY 93  184 184 GLY GLY A . n 
A 1 94  LEU 94  185 185 LEU LEU A . n 
A 1 95  ALA 95  186 186 ALA ALA A . n 
A 1 96  PRO 96  187 187 PRO PRO A . n 
A 1 97  PRO 97  188 188 PRO PRO A . n 
A 1 98  GLN 98  189 189 GLN GLN A . n 
A 1 99  HIS 99  190 190 HIS HIS A . n 
A 1 100 LEU 100 191 191 LEU LEU A . n 
A 1 101 ILE 101 192 192 ILE ILE A . n 
A 1 102 ARG 102 193 193 ARG ARG A . n 
A 1 103 VAL 103 194 194 VAL VAL A . n 
A 1 104 GLU 104 195 195 GLU GLU A . n 
A 1 105 GLY 105 196 196 GLY GLY A . n 
A 1 106 ASN 106 197 197 ASN ASN A . n 
A 1 107 LEU 107 198 198 LEU LEU A . n 
A 1 108 TYR 108 199 199 TYR TYR A . n 
A 1 109 PRO 109 200 200 PRO PRO A . n 
A 1 110 GLU 110 201 201 GLU GLU A . n 
A 1 111 TYR 111 202 202 TYR TYR A . n 
A 1 112 LEU 112 203 203 LEU LEU A . n 
A 1 113 GLU 113 204 204 GLU GLU A . n 
A 1 114 ASP 114 205 205 ASP ASP A . n 
A 1 115 ARG 115 206 206 ARG ARG A . n 
A 1 116 GLN 116 207 207 GLN GLN A . n 
A 1 117 THR 117 208 208 THR THR A . n 
A 1 118 PHE 118 209 209 PHE PHE A . n 
A 1 119 ARG 119 210 210 ARG ARG A . n 
A 1 120 HIS 120 211 211 HIS HIS A . n 
A 1 121 SER 121 212 212 SER SER A . n 
A 1 122 VAL 122 213 213 VAL VAL A . n 
A 1 123 VAL 123 214 214 VAL VAL A . n 
A 1 124 VAL 124 215 215 VAL VAL A . n 
A 1 125 PRO 125 216 216 PRO PRO A . n 
A 1 126 TYR 126 217 217 TYR TYR A . n 
A 1 127 GLU 127 218 218 GLU GLU A . n 
A 1 128 PRO 128 219 219 PRO PRO A . n 
A 1 129 PRO 129 220 220 PRO PRO A . n 
A 1 130 GLU 130 221 221 GLU GLU A . n 
A 1 131 ALA 131 222 222 ALA ALA A . n 
A 1 132 GLY 132 223 223 GLY GLY A . n 
A 1 133 SER 133 224 224 SER SER A . n 
A 1 134 GLU 134 225 225 GLU GLU A . n 
A 1 135 TYR 135 226 226 TYR TYR A . n 
A 1 136 THR 136 227 227 THR THR A . n 
A 1 137 THR 137 228 228 THR THR A . n 
A 1 138 ILE 138 229 229 ILE ILE A . n 
A 1 139 HIS 139 230 230 HIS HIS A . n 
A 1 140 TYR 140 231 231 TYR TYR A . n 
A 1 141 LYS 141 232 232 LYS LYS A . n 
A 1 142 TYR 142 233 233 TYR TYR A . n 
A 1 143 MET 143 234 234 MET MET A . n 
A 1 144 CYS 144 235 235 CYS CYS A . n 
A 1 145 ASN 145 236 236 ASN ASN A . n 
A 1 146 SER 146 237 237 SER SER A . n 
A 1 147 SER 147 238 238 SER SER A . n 
A 1 148 CYS 148 239 239 CYS CYS A . n 
A 1 149 MET 149 240 240 MET MET A . n 
A 1 150 GLY 150 241 241 GLY GLY A . n 
A 1 151 GLY 151 242 242 GLY GLY A . n 
A 1 152 MET 152 243 243 MET MET A . n 
A 1 153 ASN 153 244 244 ASN ASN A . n 
A 1 154 ARG 154 245 245 ARG ARG A . n 
A 1 155 ARG 155 246 246 ARG ARG A . n 
A 1 156 PRO 156 247 247 PRO PRO A . n 
A 1 157 ILE 157 248 248 ILE ILE A . n 
A 1 158 LEU 158 249 249 LEU LEU A . n 
A 1 159 THR 159 250 250 THR THR A . n 
A 1 160 ILE 160 251 251 ILE ILE A . n 
A 1 161 ILE 161 252 252 ILE ILE A . n 
A 1 162 THR 162 253 253 THR THR A . n 
A 1 163 LEU 163 254 254 LEU LEU A . n 
A 1 164 GLU 164 255 255 GLU GLU A . n 
A 1 165 ASP 165 256 256 ASP ASP A . n 
A 1 166 SER 166 257 257 SER SER A . n 
A 1 167 SER 167 258 258 SER SER A . n 
A 1 168 GLY 168 259 259 GLY GLY A . n 
A 1 169 ASN 169 260 260 ASN ASN A . n 
A 1 170 LEU 170 261 261 LEU LEU A . n 
A 1 171 LEU 171 262 262 LEU LEU A . n 
A 1 172 GLY 172 263 263 GLY GLY A . n 
A 1 173 ARG 173 264 264 ARG ARG A . n 
A 1 174 ASP 174 265 265 ASP ASP A . n 
A 1 175 SER 175 266 266 SER SER A . n 
A 1 176 PHE 176 267 267 PHE PHE A . n 
A 1 177 GLU 177 268 268 GLU GLU A . n 
A 1 178 VAL 178 269 269 VAL VAL A . n 
A 1 179 ARG 179 270 270 ARG ARG A . n 
A 1 180 VAL 180 271 271 VAL VAL A . n 
A 1 181 CYS 181 272 272 CYS CYS A . n 
A 1 182 ALA 182 273 273 ALA ALA A . n 
A 1 183 CYS 183 274 274 CYS CYS A . n 
A 1 184 PRO 184 275 275 PRO PRO A . n 
A 1 185 GLY 185 276 276 GLY GLY A . n 
A 1 186 ARG 186 277 277 ARG ARG A . n 
A 1 187 ASP 187 278 278 ASP ASP A . n 
A 1 188 ARG 188 279 279 ARG ARG A . n 
A 1 189 ARG 189 280 280 ARG ARG A . n 
A 1 190 THR 190 281 281 THR THR A . n 
A 1 191 GLU 191 282 282 GLU GLU A . n 
A 1 192 GLU 192 283 283 GLU GLU A . n 
A 1 193 GLU 193 284 ?   ?   ?   A . n 
A 1 194 ASN 194 285 ?   ?   ?   A . n 
A 1 195 PHE 195 286 ?   ?   ?   A . n 
A 1 196 ARG 196 287 ?   ?   ?   A . n 
A 1 197 LYS 197 288 ?   ?   ?   A . n 
A 1 198 LYS 198 289 ?   ?   ?   A . n 
A 1 199 GLU 199 290 ?   ?   ?   A . n 
A 1 200 VAL 200 291 ?   ?   ?   A . n 
A 1 201 LEU 201 292 ?   ?   ?   A . n 
# 
loop_
_pdbx_nonpoly_scheme.asym_id 
_pdbx_nonpoly_scheme.entity_id 
_pdbx_nonpoly_scheme.mon_id 
_pdbx_nonpoly_scheme.ndb_seq_num 
_pdbx_nonpoly_scheme.pdb_seq_num 
_pdbx_nonpoly_scheme.auth_seq_num 
_pdbx_nonpoly_scheme.pdb_mon_id 
_pdbx_nonpoly_scheme.auth_mon_id 
_pdbx_nonpoly_scheme.pdb_strand_id 
_pdbx_nonpoly_scheme.pdb_ins_code 
B 2 ZN  1   2001 2001 ZN  ZN  A . 
C 3 TRS 1   1163 1163 TRS TRS A . 
D 4 IPA 1   3001 3001 IPA IPA A . 
E 5 HOH 1   1001 1001 HOH HOH A . 
E 5 HOH 2   1002 1002 HOH HOH A . 
E 5 HOH 3   1003 1003 HOH HOH A . 
E 5 HOH 4   1004 1004 HOH HOH A . 
E 5 HOH 5   1005 1005 HOH HOH A . 
E 5 HOH 6   1006 1006 HOH HOH A . 
E 5 HOH 7   1007 1007 HOH HOH A . 
E 5 HOH 8   1008 1008 HOH HOH A . 
E 5 HOH 9   1009 1009 HOH HOH A . 
E 5 HOH 10  1010 1010 HOH HOH A . 
E 5 HOH 11  1011 1011 HOH HOH A . 
E 5 HOH 12  1012 1012 HOH HOH A . 
E 5 HOH 13  1013 1013 HOH HOH A . 
E 5 HOH 14  1014 1014 HOH HOH A . 
E 5 HOH 15  1015 1015 HOH HOH A . 
E 5 HOH 16  1016 1016 HOH HOH A . 
E 5 HOH 17  1017 1017 HOH HOH A . 
E 5 HOH 18  1018 1018 HOH HOH A . 
E 5 HOH 19  1019 1019 HOH HOH A . 
E 5 HOH 20  1020 1020 HOH HOH A . 
E 5 HOH 21  1021 1021 HOH HOH A . 
E 5 HOH 22  1022 1022 HOH HOH A . 
E 5 HOH 23  1023 1023 HOH HOH A . 
E 5 HOH 24  1024 1024 HOH HOH A . 
E 5 HOH 25  1025 1025 HOH HOH A . 
E 5 HOH 26  1026 1026 HOH HOH A . 
E 5 HOH 27  1027 1027 HOH HOH A . 
E 5 HOH 28  1028 1028 HOH HOH A . 
E 5 HOH 29  1029 1029 HOH HOH A . 
E 5 HOH 30  1031 1031 HOH HOH A . 
E 5 HOH 31  1032 1032 HOH HOH A . 
E 5 HOH 32  1033 1033 HOH HOH A . 
E 5 HOH 33  1034 1034 HOH HOH A . 
E 5 HOH 34  1035 1035 HOH HOH A . 
E 5 HOH 35  1036 1036 HOH HOH A . 
E 5 HOH 36  1037 1037 HOH HOH A . 
E 5 HOH 37  1038 1038 HOH HOH A . 
E 5 HOH 38  1039 1039 HOH HOH A . 
E 5 HOH 39  1040 1040 HOH HOH A . 
E 5 HOH 40  1041 1041 HOH HOH A . 
E 5 HOH 41  1042 1042 HOH HOH A . 
E 5 HOH 42  1043 1043 HOH HOH A . 
E 5 HOH 43  1045 1045 HOH HOH A . 
E 5 HOH 44  1046 1046 HOH HOH A . 
E 5 HOH 45  1047 1047 HOH HOH A . 
E 5 HOH 46  1048 1048 HOH HOH A . 
E 5 HOH 47  1049 1049 HOH HOH A . 
E 5 HOH 48  1050 1050 HOH HOH A . 
E 5 HOH 49  1051 1051 HOH HOH A . 
E 5 HOH 50  1052 1052 HOH HOH A . 
E 5 HOH 51  1053 1053 HOH HOH A . 
E 5 HOH 52  1054 1054 HOH HOH A . 
E 5 HOH 53  1055 1055 HOH HOH A . 
E 5 HOH 54  1056 1056 HOH HOH A . 
E 5 HOH 55  1057 1057 HOH HOH A . 
E 5 HOH 56  1058 1058 HOH HOH A . 
E 5 HOH 57  1059 1059 HOH HOH A . 
E 5 HOH 58  1060 1060 HOH HOH A . 
E 5 HOH 59  1061 1061 HOH HOH A . 
E 5 HOH 60  1062 1062 HOH HOH A . 
E 5 HOH 61  1063 1063 HOH HOH A . 
E 5 HOH 62  1064 1064 HOH HOH A . 
E 5 HOH 63  1065 1065 HOH HOH A . 
E 5 HOH 64  1066 1066 HOH HOH A . 
E 5 HOH 65  1067 1067 HOH HOH A . 
E 5 HOH 66  1068 1068 HOH HOH A . 
E 5 HOH 67  1069 1069 HOH HOH A . 
E 5 HOH 68  1070 1070 HOH HOH A . 
E 5 HOH 69  1071 1071 HOH HOH A . 
E 5 HOH 70  1072 1072 HOH HOH A . 
E 5 HOH 71  1073 1073 HOH HOH A . 
E 5 HOH 72  1074 1074 HOH HOH A . 
E 5 HOH 73  1075 1075 HOH HOH A . 
E 5 HOH 74  1076 1076 HOH HOH A . 
E 5 HOH 75  1077 1077 HOH HOH A . 
E 5 HOH 76  1078 1078 HOH HOH A . 
E 5 HOH 77  1079 1079 HOH HOH A . 
E 5 HOH 78  1080 1080 HOH HOH A . 
E 5 HOH 79  1081 1081 HOH HOH A . 
E 5 HOH 80  1082 1082 HOH HOH A . 
E 5 HOH 81  1083 1083 HOH HOH A . 
E 5 HOH 82  1084 1084 HOH HOH A . 
E 5 HOH 83  1085 1085 HOH HOH A . 
E 5 HOH 84  1087 1087 HOH HOH A . 
E 5 HOH 85  1088 1088 HOH HOH A . 
E 5 HOH 86  1089 1089 HOH HOH A . 
E 5 HOH 87  1090 1090 HOH HOH A . 
E 5 HOH 88  1091 1091 HOH HOH A . 
E 5 HOH 89  1092 1092 HOH HOH A . 
E 5 HOH 90  1093 1093 HOH HOH A . 
E 5 HOH 91  1094 1094 HOH HOH A . 
E 5 HOH 92  1095 1095 HOH HOH A . 
E 5 HOH 93  1096 1096 HOH HOH A . 
E 5 HOH 94  1097 1097 HOH HOH A . 
E 5 HOH 95  1098 1098 HOH HOH A . 
E 5 HOH 96  1099 1099 HOH HOH A . 
E 5 HOH 97  1100 1100 HOH HOH A . 
E 5 HOH 98  1101 1101 HOH HOH A . 
E 5 HOH 99  1102 1102 HOH HOH A . 
E 5 HOH 100 1103 1103 HOH HOH A . 
E 5 HOH 101 1104 1104 HOH HOH A . 
E 5 HOH 102 1105 1105 HOH HOH A . 
E 5 HOH 103 1106 1106 HOH HOH A . 
E 5 HOH 104 1107 1107 HOH HOH A . 
E 5 HOH 105 1108 1108 HOH HOH A . 
E 5 HOH 106 1109 1109 HOH HOH A . 
E 5 HOH 107 1110 1110 HOH HOH A . 
E 5 HOH 108 1111 1111 HOH HOH A . 
E 5 HOH 109 1112 1112 HOH HOH A . 
E 5 HOH 110 1113 1113 HOH HOH A . 
E 5 HOH 111 1114 1114 HOH HOH A . 
E 5 HOH 112 1115 1115 HOH HOH A . 
E 5 HOH 113 1116 1116 HOH HOH A . 
E 5 HOH 114 1117 1117 HOH HOH A . 
E 5 HOH 115 1118 1118 HOH HOH A . 
E 5 HOH 116 1119 1119 HOH HOH A . 
E 5 HOH 117 1120 1120 HOH HOH A . 
E 5 HOH 118 1121 1121 HOH HOH A . 
E 5 HOH 119 1122 1122 HOH HOH A . 
E 5 HOH 120 1123 1123 HOH HOH A . 
E 5 HOH 121 1124 1124 HOH HOH A . 
E 5 HOH 122 1125 1125 HOH HOH A . 
E 5 HOH 123 1126 1126 HOH HOH A . 
E 5 HOH 124 1127 1127 HOH HOH A . 
E 5 HOH 125 1129 1129 HOH HOH A . 
E 5 HOH 126 1130 1130 HOH HOH A . 
E 5 HOH 127 1131 1131 HOH HOH A . 
E 5 HOH 128 1132 1132 HOH HOH A . 
E 5 HOH 129 1133 1133 HOH HOH A . 
E 5 HOH 130 1134 1134 HOH HOH A . 
E 5 HOH 131 1135 1135 HOH HOH A . 
E 5 HOH 132 1136 1136 HOH HOH A . 
E 5 HOH 133 1138 1138 HOH HOH A . 
E 5 HOH 134 1139 1139 HOH HOH A . 
E 5 HOH 135 1140 1140 HOH HOH A . 
E 5 HOH 136 1141 1141 HOH HOH A . 
E 5 HOH 137 1142 1142 HOH HOH A . 
E 5 HOH 138 1143 1143 HOH HOH A . 
E 5 HOH 139 1144 1144 HOH HOH A . 
E 5 HOH 140 1145 1145 HOH HOH A . 
E 5 HOH 141 1146 1146 HOH HOH A . 
E 5 HOH 142 1147 1147 HOH HOH A . 
E 5 HOH 143 1148 1148 HOH HOH A . 
E 5 HOH 144 1149 1149 HOH HOH A . 
E 5 HOH 145 1150 1150 HOH HOH A . 
E 5 HOH 146 1151 1151 HOH HOH A . 
E 5 HOH 147 1152 1152 HOH HOH A . 
E 5 HOH 148 1153 1153 HOH HOH A . 
E 5 HOH 149 1154 1154 HOH HOH A . 
E 5 HOH 150 1155 1155 HOH HOH A . 
E 5 HOH 151 1156 1156 HOH HOH A . 
E 5 HOH 152 1157 1157 HOH HOH A . 
E 5 HOH 153 1158 1158 HOH HOH A . 
E 5 HOH 154 1159 1159 HOH HOH A . 
E 5 HOH 155 1160 1160 HOH HOH A . 
E 5 HOH 156 1161 1161 HOH HOH A . 
E 5 HOH 157 1162 1162 HOH HOH A . 
# 
loop_
_pdbx_unobs_or_zero_occ_atoms.id 
_pdbx_unobs_or_zero_occ_atoms.PDB_model_num 
_pdbx_unobs_or_zero_occ_atoms.polymer_flag 
_pdbx_unobs_or_zero_occ_atoms.occupancy_flag 
_pdbx_unobs_or_zero_occ_atoms.auth_asym_id 
_pdbx_unobs_or_zero_occ_atoms.auth_comp_id 
_pdbx_unobs_or_zero_occ_atoms.auth_seq_id 
_pdbx_unobs_or_zero_occ_atoms.PDB_ins_code 
_pdbx_unobs_or_zero_occ_atoms.auth_atom_id 
_pdbx_unobs_or_zero_occ_atoms.label_alt_id 
_pdbx_unobs_or_zero_occ_atoms.label_asym_id 
_pdbx_unobs_or_zero_occ_atoms.label_comp_id 
_pdbx_unobs_or_zero_occ_atoms.label_seq_id 
_pdbx_unobs_or_zero_occ_atoms.label_atom_id 
1 1 Y 1 A LYS 117 ? CB ? A LYS 26 CB 
2 1 Y 1 A LYS 117 ? CG ? A LYS 26 CG 
3 1 Y 1 A LYS 117 ? CD ? A LYS 26 CD 
4 1 Y 1 A LYS 117 ? CE ? A LYS 26 CE 
5 1 Y 1 A LYS 117 ? NZ ? A LYS 26 NZ 
# 
loop_
_software.name 
_software.classification 
_software.version 
_software.citation_id 
_software.pdbx_ordinal 
AMoRE     phasing          .   ? 1 
CNS       refinement       1.1 ? 2 
DENZO     'data reduction' .   ? 3 
SCALEPACK 'data scaling'   .   ? 4 
# 
_cell.entry_id           2IOM 
_cell.length_a           92.299 
_cell.length_b           44.541 
_cell.length_c           62.915 
_cell.angle_alpha        90.00 
_cell.angle_beta         126.23 
_cell.angle_gamma        90.00 
_cell.Z_PDB              4 
_cell.pdbx_unique_axis   ? 
_cell.length_a_esd       ? 
_cell.length_b_esd       ? 
_cell.length_c_esd       ? 
_cell.angle_alpha_esd    ? 
_cell.angle_beta_esd     ? 
_cell.angle_gamma_esd    ? 
# 
_symmetry.entry_id                         2IOM 
_symmetry.space_group_name_H-M             'C 1 2 1' 
_symmetry.pdbx_full_space_group_name_H-M   ? 
_symmetry.cell_setting                     ? 
_symmetry.Int_Tables_number                5 
_symmetry.space_group_name_Hall            ? 
# 
_exptl.entry_id          2IOM 
_exptl.method            'X-RAY DIFFRACTION' 
_exptl.crystals_number   1 
# 
_exptl_crystal.id                    1 
_exptl_crystal.density_meas          ? 
_exptl_crystal.density_Matthews      2.28 
_exptl_crystal.density_percent_sol   46.17 
_exptl_crystal.description           ? 
_exptl_crystal.F_000                 ? 
_exptl_crystal.preparation           ? 
# 
_exptl_crystal_grow.crystal_id      1 
_exptl_crystal_grow.method          ? 
_exptl_crystal_grow.temp            293 
_exptl_crystal_grow.temp_details    ? 
_exptl_crystal_grow.pH              7.00 
_exptl_crystal_grow.pdbx_details    
'100mM Tris, 16-18% PEG 2K MME, pH 7.0, VAPOR DIFFUSION, HANGING DROP, temperature 293K, pH 7.00' 
_exptl_crystal_grow.pdbx_pH_range   . 
# 
_diffrn.id                     1 
_diffrn.ambient_temp           92.2 
_diffrn.ambient_temp_details   ? 
_diffrn.crystal_id             1 
# 
_diffrn_detector.diffrn_id              1 
_diffrn_detector.detector               'IMAGE PLATE' 
_diffrn_detector.type                   'RIGAKU RAXIS IV' 
_diffrn_detector.pdbx_collection_date   ? 
_diffrn_detector.details                ? 
# 
_diffrn_radiation.diffrn_id                        1 
_diffrn_radiation.wavelength_id                    1 
_diffrn_radiation.pdbx_monochromatic_or_laue_m_l   M 
_diffrn_radiation.monochromator                    ? 
_diffrn_radiation.pdbx_diffrn_protocol             'SINGLE WAVELENGTH' 
_diffrn_radiation.pdbx_scattering_type             x-ray 
# 
_diffrn_radiation_wavelength.id           1 
_diffrn_radiation_wavelength.wavelength   1.5418 
_diffrn_radiation_wavelength.wt           1.0 
# 
_diffrn_source.diffrn_id                   1 
_diffrn_source.source                      'ROTATING ANODE' 
_diffrn_source.type                        RIGAKU 
_diffrn_source.pdbx_synchrotron_site       ? 
_diffrn_source.pdbx_synchrotron_beamline   ? 
_diffrn_source.pdbx_wavelength             1.5418 
_diffrn_source.pdbx_wavelength_list        ? 
# 
_reflns.entry_id                     2IOM 
_reflns.observed_criterion_sigma_I   ? 
_reflns.observed_criterion_sigma_F   ? 
_reflns.d_resolution_low             50.000 
_reflns.d_resolution_high            2.000 
_reflns.number_obs                   57269 
_reflns.number_all                   ? 
_reflns.percent_possible_obs         ? 
_reflns.pdbx_Rmerge_I_obs            0.063 
_reflns.pdbx_Rsym_value              ? 
_reflns.pdbx_netI_over_sigmaI        21.1000 
_reflns.B_iso_Wilson_estimate        ? 
_reflns.pdbx_redundancy              ? 
_reflns.R_free_details               ? 
_reflns.limit_h_max                  ? 
_reflns.limit_h_min                  ? 
_reflns.limit_k_max                  ? 
_reflns.limit_k_min                  ? 
_reflns.limit_l_max                  ? 
_reflns.limit_l_min                  ? 
_reflns.observed_criterion_F_max     ? 
_reflns.observed_criterion_F_min     ? 
_reflns.pdbx_chi_squared             ? 
_reflns.pdbx_scaling_rejects         ? 
_reflns.pdbx_diffrn_id               1 
_reflns.pdbx_ordinal                 1 
# 
_reflns_shell.d_res_high             2.00 
_reflns_shell.d_res_low              50.00 
_reflns_shell.percent_possible_all   ? 
_reflns_shell.Rmerge_I_obs           0.263 
_reflns_shell.pdbx_Rsym_value        ? 
_reflns_shell.meanI_over_sigI_obs    3.920 
_reflns_shell.pdbx_redundancy        ? 
_reflns_shell.percent_possible_obs   ? 
_reflns_shell.number_unique_all      ? 
_reflns_shell.number_measured_all    ? 
_reflns_shell.number_measured_obs    ? 
_reflns_shell.number_unique_obs      ? 
_reflns_shell.pdbx_chi_squared       ? 
_reflns_shell.pdbx_diffrn_id         ? 
_reflns_shell.pdbx_ordinal           1 
# 
_refine.entry_id                                 2IOM 
_refine.ls_number_reflns_obs                     57269 
_refine.ls_number_reflns_all                     ? 
_refine.pdbx_ls_sigma_I                          ? 
_refine.pdbx_ls_sigma_F                          ? 
_refine.pdbx_data_cutoff_high_absF               ? 
_refine.pdbx_data_cutoff_low_absF                ? 
_refine.pdbx_data_cutoff_high_rms_absF           ? 
_refine.ls_d_res_low                             50.00 
_refine.ls_d_res_high                            2.00 
_refine.ls_percent_reflns_obs                    ? 
_refine.ls_R_factor_obs                          0.209 
_refine.ls_R_factor_all                          ? 
_refine.ls_R_factor_R_work                       0.209 
_refine.ls_R_factor_R_free                       0.246 
_refine.ls_R_factor_R_free_error                 ? 
_refine.ls_R_factor_R_free_error_details         ? 
_refine.ls_percent_reflns_R_free                 ? 
_refine.ls_number_reflns_R_free                  13740 
_refine.ls_number_parameters                     ? 
_refine.ls_number_restraints                     ? 
_refine.occupancy_min                            ? 
_refine.occupancy_max                            ? 
_refine.correlation_coeff_Fo_to_Fc               ? 
_refine.correlation_coeff_Fo_to_Fc_free          ? 
_refine.B_iso_mean                               ? 
_refine.aniso_B[1][1]                            ? 
_refine.aniso_B[2][2]                            ? 
_refine.aniso_B[3][3]                            ? 
_refine.aniso_B[1][2]                            ? 
_refine.aniso_B[1][3]                            ? 
_refine.aniso_B[2][3]                            ? 
_refine.solvent_model_details                    ? 
_refine.solvent_model_param_ksol                 ? 
_refine.solvent_model_param_bsol                 ? 
_refine.pdbx_solvent_vdw_probe_radii             ? 
_refine.pdbx_solvent_ion_probe_radii             ? 
_refine.pdbx_solvent_shrinkage_radii             ? 
_refine.pdbx_ls_cross_valid_method               ? 
_refine.details                                  ? 
_refine.pdbx_starting_model                      ? 
_refine.pdbx_method_to_determine_struct          'MOLECULAR REPLACEMENT' 
_refine.pdbx_isotropic_thermal_model             ? 
_refine.pdbx_stereochemistry_target_values       ? 
_refine.pdbx_stereochem_target_val_spec_case     ? 
_refine.pdbx_R_Free_selection_details            ? 
_refine.pdbx_overall_ESU_R                       ? 
_refine.pdbx_overall_ESU_R_Free                  ? 
_refine.overall_SU_ML                            ? 
_refine.overall_SU_B                             ? 
_refine.ls_redundancy_reflns_obs                 ? 
_refine.B_iso_min                                ? 
_refine.B_iso_max                                ? 
_refine.overall_SU_R_Cruickshank_DPI             ? 
_refine.overall_SU_R_free                        ? 
_refine.ls_wR_factor_R_free                      ? 
_refine.ls_wR_factor_R_work                      ? 
_refine.overall_FOM_free_R_set                   ? 
_refine.overall_FOM_work_R_set                   ? 
_refine.pdbx_refine_id                           'X-RAY DIFFRACTION' 
_refine.pdbx_diffrn_id                           1 
_refine.pdbx_TLS_residual_ADP_flag               ? 
_refine.pdbx_overall_phase_error                 ? 
_refine.pdbx_overall_SU_R_free_Cruickshank_DPI   ? 
_refine.pdbx_overall_SU_R_Blow_DPI               ? 
_refine.pdbx_overall_SU_R_free_Blow_DPI          ? 
# 
_refine_hist.pdbx_refine_id                   'X-RAY DIFFRACTION' 
_refine_hist.cycle_id                         LAST 
_refine_hist.pdbx_number_atoms_protein        1472 
_refine_hist.pdbx_number_atoms_nucleic_acid   0 
_refine_hist.pdbx_number_atoms_ligand         9 
_refine_hist.number_atoms_solvent             161 
_refine_hist.number_atoms_total               1642 
_refine_hist.d_res_high                       2.00 
_refine_hist.d_res_low                        50.00 
# 
loop_
_refine_ls_restr.type 
_refine_ls_restr.dev_ideal 
_refine_ls_restr.dev_ideal_target 
_refine_ls_restr.weight 
_refine_ls_restr.number 
_refine_ls_restr.pdbx_refine_id 
_refine_ls_restr.pdbx_restraint_function 
c_bond_d                0.011 ? ? ? 'X-RAY DIFFRACTION' ? 
c_bond_d_na             ?     ? ? ? 'X-RAY DIFFRACTION' ? 
c_bond_d_prot           ?     ? ? ? 'X-RAY DIFFRACTION' ? 
c_angle_d               ?     ? ? ? 'X-RAY DIFFRACTION' ? 
c_angle_d_na            ?     ? ? ? 'X-RAY DIFFRACTION' ? 
c_angle_d_prot          ?     ? ? ? 'X-RAY DIFFRACTION' ? 
c_angle_deg             1.44  ? ? ? 'X-RAY DIFFRACTION' ? 
c_angle_deg_na          ?     ? ? ? 'X-RAY DIFFRACTION' ? 
c_angle_deg_prot        ?     ? ? ? 'X-RAY DIFFRACTION' ? 
c_dihedral_angle_d      ?     ? ? ? 'X-RAY DIFFRACTION' ? 
c_dihedral_angle_d_na   ?     ? ? ? 'X-RAY DIFFRACTION' ? 
c_dihedral_angle_d_prot ?     ? ? ? 'X-RAY DIFFRACTION' ? 
c_improper_angle_d      ?     ? ? ? 'X-RAY DIFFRACTION' ? 
c_improper_angle_d_na   ?     ? ? ? 'X-RAY DIFFRACTION' ? 
c_improper_angle_d_prot ?     ? ? ? 'X-RAY DIFFRACTION' ? 
c_mcbond_it             ?     ? ? ? 'X-RAY DIFFRACTION' ? 
c_mcangle_it            ?     ? ? ? 'X-RAY DIFFRACTION' ? 
c_scbond_it             ?     ? ? ? 'X-RAY DIFFRACTION' ? 
c_scangle_it            ?     ? ? ? 'X-RAY DIFFRACTION' ? 
# 
_struct.entry_id                  2IOM 
_struct.title                     'Mouse p53 core domain soaked with 2-propanol' 
_struct.pdbx_model_details        ? 
_struct.pdbx_CASP_flag            ? 
_struct.pdbx_model_type_details   ? 
# 
_struct_keywords.entry_id        2IOM 
_struct_keywords.pdbx_keywords   'TRANSCRIPTION, ANTITUMOR PROTEIN' 
_struct_keywords.text            'IG Fold, TRANSCRIPTION, ANTITUMOR PROTEIN' 
# 
loop_
_struct_asym.id 
_struct_asym.pdbx_blank_PDB_chainid_flag 
_struct_asym.pdbx_modified 
_struct_asym.entity_id 
_struct_asym.details 
A N N 1 ? 
B N N 2 ? 
C N N 3 ? 
D N N 4 ? 
E N N 5 ? 
# 
_struct_ref.id                         1 
_struct_ref.db_name                    UNP 
_struct_ref.db_code                    P53_MOUSE 
_struct_ref.pdbx_db_accession          P02340 
_struct_ref.entity_id                  1 
_struct_ref.pdbx_seq_one_letter_code   
;SFVPSQKTYQGNYGFHLGFLQSGTAKSVMCTYSPPLNKLFCQLAKTCPVQLWVSATPPAGSRVRAMAIYKKSQHMTEVVR
RCPHHERCSDGDGLAPPQHLIRVEGNLYPEYLEDRQTFRHSVVVPYEPPEAGSEYTTIHYKYMCNSSCMGGMNRRPILTI
ITLEDSSGNLLGRDSFEVRVCACPGRDRRTEEENFRKKEVL
;
_struct_ref.pdbx_align_begin           92 
_struct_ref.pdbx_db_isoform            ? 
# 
_struct_ref_seq.align_id                      1 
_struct_ref_seq.ref_id                        1 
_struct_ref_seq.pdbx_PDB_id_code              2IOM 
_struct_ref_seq.pdbx_strand_id                A 
_struct_ref_seq.seq_align_beg                 1 
_struct_ref_seq.pdbx_seq_align_beg_ins_code   ? 
_struct_ref_seq.seq_align_end                 201 
_struct_ref_seq.pdbx_seq_align_end_ins_code   ? 
_struct_ref_seq.pdbx_db_accession             P02340 
_struct_ref_seq.db_align_beg                  92 
_struct_ref_seq.pdbx_db_align_beg_ins_code    ? 
_struct_ref_seq.db_align_end                  292 
_struct_ref_seq.pdbx_db_align_end_ins_code    ? 
_struct_ref_seq.pdbx_auth_seq_align_beg       92 
_struct_ref_seq.pdbx_auth_seq_align_end       292 
# 
_pdbx_struct_assembly.id                   1 
_pdbx_struct_assembly.details              author_defined_assembly 
_pdbx_struct_assembly.method_details       ? 
_pdbx_struct_assembly.oligomeric_details   monomeric 
_pdbx_struct_assembly.oligomeric_count     1 
# 
_pdbx_struct_assembly_gen.assembly_id       1 
_pdbx_struct_assembly_gen.oper_expression   1 
_pdbx_struct_assembly_gen.asym_id_list      A,B,C,D,E 
# 
_pdbx_struct_oper_list.id                   1 
_pdbx_struct_oper_list.type                 'identity operation' 
_pdbx_struct_oper_list.name                 1_555 
_pdbx_struct_oper_list.symmetry_operation   x,y,z 
_pdbx_struct_oper_list.matrix[1][1]         1.0000000000 
_pdbx_struct_oper_list.matrix[1][2]         0.0000000000 
_pdbx_struct_oper_list.matrix[1][3]         0.0000000000 
_pdbx_struct_oper_list.vector[1]            0.0000000000 
_pdbx_struct_oper_list.matrix[2][1]         0.0000000000 
_pdbx_struct_oper_list.matrix[2][2]         1.0000000000 
_pdbx_struct_oper_list.matrix[2][3]         0.0000000000 
_pdbx_struct_oper_list.vector[2]            0.0000000000 
_pdbx_struct_oper_list.matrix[3][1]         0.0000000000 
_pdbx_struct_oper_list.matrix[3][2]         0.0000000000 
_pdbx_struct_oper_list.matrix[3][3]         1.0000000000 
_pdbx_struct_oper_list.vector[3]            0.0000000000 
# 
loop_
_struct_conf.conf_type_id 
_struct_conf.id 
_struct_conf.pdbx_PDB_helix_id 
_struct_conf.beg_label_comp_id 
_struct_conf.beg_label_asym_id 
_struct_conf.beg_label_seq_id 
_struct_conf.pdbx_beg_PDB_ins_code 
_struct_conf.end_label_comp_id 
_struct_conf.end_label_asym_id 
_struct_conf.end_label_seq_id 
_struct_conf.pdbx_end_PDB_ins_code 
_struct_conf.beg_auth_comp_id 
_struct_conf.beg_auth_asym_id 
_struct_conf.beg_auth_seq_id 
_struct_conf.end_auth_comp_id 
_struct_conf.end_auth_asym_id 
_struct_conf.end_auth_seq_id 
_struct_conf.pdbx_PDB_helix_class 
_struct_conf.details 
_struct_conf.pdbx_PDB_helix_length 
HELX_P HELX_P1 1 GLN A 10  ? GLY A 14  ? GLN A 101 GLY A 105 5 ? 5  
HELX_P HELX_P2 2 CYS A 82  ? ARG A 87  ? CYS A 173 ARG A 178 1 ? 6  
HELX_P HELX_P3 3 CYS A 183 ? GLU A 192 ? CYS A 274 GLU A 283 1 ? 10 
# 
_struct_conf_type.id          HELX_P 
_struct_conf_type.criteria    ? 
_struct_conf_type.reference   ? 
# 
loop_
_struct_conn.id 
_struct_conn.conn_type_id 
_struct_conn.pdbx_leaving_atom_flag 
_struct_conn.pdbx_PDB_id 
_struct_conn.ptnr1_label_asym_id 
_struct_conn.ptnr1_label_comp_id 
_struct_conn.ptnr1_label_seq_id 
_struct_conn.ptnr1_label_atom_id 
_struct_conn.pdbx_ptnr1_label_alt_id 
_struct_conn.pdbx_ptnr1_PDB_ins_code 
_struct_conn.pdbx_ptnr1_standard_comp_id 
_struct_conn.ptnr1_symmetry 
_struct_conn.ptnr2_label_asym_id 
_struct_conn.ptnr2_label_comp_id 
_struct_conn.ptnr2_label_seq_id 
_struct_conn.ptnr2_label_atom_id 
_struct_conn.pdbx_ptnr2_label_alt_id 
_struct_conn.pdbx_ptnr2_PDB_ins_code 
_struct_conn.ptnr1_auth_asym_id 
_struct_conn.ptnr1_auth_comp_id 
_struct_conn.ptnr1_auth_seq_id 
_struct_conn.ptnr2_auth_asym_id 
_struct_conn.ptnr2_auth_comp_id 
_struct_conn.ptnr2_auth_seq_id 
_struct_conn.ptnr2_symmetry 
_struct_conn.pdbx_ptnr3_label_atom_id 
_struct_conn.pdbx_ptnr3_label_seq_id 
_struct_conn.pdbx_ptnr3_label_comp_id 
_struct_conn.pdbx_ptnr3_label_asym_id 
_struct_conn.pdbx_ptnr3_label_alt_id 
_struct_conn.pdbx_ptnr3_PDB_ins_code 
_struct_conn.details 
_struct_conn.pdbx_dist_value 
_struct_conn.pdbx_value_order 
_struct_conn.pdbx_role 
metalc1 metalc ? ? A CYS 82  SG  ? ? ? 1_555 B ZN . ZN ? ? A CYS 173 A ZN 2001 1_555 ? ? ? ? ? ? ? 2.418 ? ? 
metalc2 metalc ? ? A HIS 85  ND1 ? ? ? 1_555 B ZN . ZN ? ? A HIS 176 A ZN 2001 1_555 ? ? ? ? ? ? ? 2.005 ? ? 
metalc3 metalc ? ? A CYS 144 SG  ? ? ? 1_555 B ZN . ZN ? ? A CYS 235 A ZN 2001 1_555 ? ? ? ? ? ? ? 2.288 ? ? 
metalc4 metalc ? ? A CYS 148 SG  ? ? ? 1_555 B ZN . ZN ? ? A CYS 239 A ZN 2001 1_555 ? ? ? ? ? ? ? 2.309 ? ? 
# 
_struct_conn_type.id          metalc 
_struct_conn_type.criteria    ? 
_struct_conn_type.reference   ? 
# 
loop_
_pdbx_struct_conn_angle.id 
_pdbx_struct_conn_angle.ptnr1_label_atom_id 
_pdbx_struct_conn_angle.ptnr1_label_alt_id 
_pdbx_struct_conn_angle.ptnr1_label_asym_id 
_pdbx_struct_conn_angle.ptnr1_label_comp_id 
_pdbx_struct_conn_angle.ptnr1_label_seq_id 
_pdbx_struct_conn_angle.ptnr1_auth_atom_id 
_pdbx_struct_conn_angle.ptnr1_auth_asym_id 
_pdbx_struct_conn_angle.ptnr1_auth_comp_id 
_pdbx_struct_conn_angle.ptnr1_auth_seq_id 
_pdbx_struct_conn_angle.ptnr1_PDB_ins_code 
_pdbx_struct_conn_angle.ptnr1_symmetry 
_pdbx_struct_conn_angle.ptnr2_label_atom_id 
_pdbx_struct_conn_angle.ptnr2_label_alt_id 
_pdbx_struct_conn_angle.ptnr2_label_asym_id 
_pdbx_struct_conn_angle.ptnr2_label_comp_id 
_pdbx_struct_conn_angle.ptnr2_label_seq_id 
_pdbx_struct_conn_angle.ptnr2_auth_atom_id 
_pdbx_struct_conn_angle.ptnr2_auth_asym_id 
_pdbx_struct_conn_angle.ptnr2_auth_comp_id 
_pdbx_struct_conn_angle.ptnr2_auth_seq_id 
_pdbx_struct_conn_angle.ptnr2_PDB_ins_code 
_pdbx_struct_conn_angle.ptnr2_symmetry 
_pdbx_struct_conn_angle.ptnr3_label_atom_id 
_pdbx_struct_conn_angle.ptnr3_label_alt_id 
_pdbx_struct_conn_angle.ptnr3_label_asym_id 
_pdbx_struct_conn_angle.ptnr3_label_comp_id 
_pdbx_struct_conn_angle.ptnr3_label_seq_id 
_pdbx_struct_conn_angle.ptnr3_auth_atom_id 
_pdbx_struct_conn_angle.ptnr3_auth_asym_id 
_pdbx_struct_conn_angle.ptnr3_auth_comp_id 
_pdbx_struct_conn_angle.ptnr3_auth_seq_id 
_pdbx_struct_conn_angle.ptnr3_PDB_ins_code 
_pdbx_struct_conn_angle.ptnr3_symmetry 
_pdbx_struct_conn_angle.value 
_pdbx_struct_conn_angle.value_esd 
1 SG  ? A CYS 82  ? A CYS 173 ? 1_555 ZN ? B ZN . ? A ZN 2001 ? 1_555 ND1 ? A HIS 85  ? A HIS 176 ? 1_555 97.9  ? 
2 SG  ? A CYS 82  ? A CYS 173 ? 1_555 ZN ? B ZN . ? A ZN 2001 ? 1_555 SG  ? A CYS 144 ? A CYS 235 ? 1_555 110.8 ? 
3 ND1 ? A HIS 85  ? A HIS 176 ? 1_555 ZN ? B ZN . ? A ZN 2001 ? 1_555 SG  ? A CYS 144 ? A CYS 235 ? 1_555 111.6 ? 
4 SG  ? A CYS 82  ? A CYS 173 ? 1_555 ZN ? B ZN . ? A ZN 2001 ? 1_555 SG  ? A CYS 148 ? A CYS 239 ? 1_555 111.0 ? 
5 ND1 ? A HIS 85  ? A HIS 176 ? 1_555 ZN ? B ZN . ? A ZN 2001 ? 1_555 SG  ? A CYS 148 ? A CYS 239 ? 1_555 108.4 ? 
6 SG  ? A CYS 144 ? A CYS 235 ? 1_555 ZN ? B ZN . ? A ZN 2001 ? 1_555 SG  ? A CYS 148 ? A CYS 239 ? 1_555 115.7 ? 
# 
loop_
_struct_sheet.id 
_struct_sheet.type 
_struct_sheet.number_strands 
_struct_sheet.details 
A ? 4 ? 
B ? 7 ? 
# 
loop_
_struct_sheet_order.sheet_id 
_struct_sheet_order.range_id_1 
_struct_sheet_order.range_id_2 
_struct_sheet_order.offset 
_struct_sheet_order.sense 
A 1 2 ? anti-parallel 
A 2 3 ? anti-parallel 
A 3 4 ? anti-parallel 
B 1 2 ? anti-parallel 
B 2 3 ? parallel      
B 3 4 ? anti-parallel 
B 4 5 ? anti-parallel 
B 5 6 ? anti-parallel 
B 6 7 ? anti-parallel 
# 
loop_
_struct_sheet_range.sheet_id 
_struct_sheet_range.id 
_struct_sheet_range.beg_label_comp_id 
_struct_sheet_range.beg_label_asym_id 
_struct_sheet_range.beg_label_seq_id 
_struct_sheet_range.pdbx_beg_PDB_ins_code 
_struct_sheet_range.end_label_comp_id 
_struct_sheet_range.end_label_asym_id 
_struct_sheet_range.end_label_seq_id 
_struct_sheet_range.pdbx_end_PDB_ins_code 
_struct_sheet_range.beg_auth_comp_id 
_struct_sheet_range.beg_auth_asym_id 
_struct_sheet_range.beg_auth_seq_id 
_struct_sheet_range.end_auth_comp_id 
_struct_sheet_range.end_auth_asym_id 
_struct_sheet_range.end_auth_seq_id 
A 1 HIS A 16  ? GLY A 18  ? HIS A 107 GLY A 109 
A 2 CYS A 47  ? TRP A 52  ? CYS A 138 TRP A 143 
A 3 THR A 136 ? TYR A 142 ? THR A 227 TYR A 233 
A 4 ILE A 101 ? GLU A 104 ? ILE A 192 GLU A 195 
B 1 CYS A 30  ? SER A 33  ? CYS A 121 SER A 124 
B 2 LYS A 38  ? CYS A 41  ? LYS A 129 CYS A 132 
B 3 LEU A 170 ? VAL A 180 ? LEU A 261 VAL A 271 
B 4 ILE A 157 ? GLU A 164 ? ILE A 248 GLU A 255 
B 5 ARG A 62  ? TYR A 69  ? ARG A 153 TYR A 160 
B 6 HIS A 120 ? PRO A 125 ? HIS A 211 PRO A 216 
B 7 GLU A 110 ? GLU A 113 ? GLU A 201 GLU A 204 
# 
loop_
_pdbx_struct_sheet_hbond.sheet_id 
_pdbx_struct_sheet_hbond.range_id_1 
_pdbx_struct_sheet_hbond.range_id_2 
_pdbx_struct_sheet_hbond.range_1_label_atom_id 
_pdbx_struct_sheet_hbond.range_1_label_comp_id 
_pdbx_struct_sheet_hbond.range_1_label_asym_id 
_pdbx_struct_sheet_hbond.range_1_label_seq_id 
_pdbx_struct_sheet_hbond.range_1_PDB_ins_code 
_pdbx_struct_sheet_hbond.range_1_auth_atom_id 
_pdbx_struct_sheet_hbond.range_1_auth_comp_id 
_pdbx_struct_sheet_hbond.range_1_auth_asym_id 
_pdbx_struct_sheet_hbond.range_1_auth_seq_id 
_pdbx_struct_sheet_hbond.range_2_label_atom_id 
_pdbx_struct_sheet_hbond.range_2_label_comp_id 
_pdbx_struct_sheet_hbond.range_2_label_asym_id 
_pdbx_struct_sheet_hbond.range_2_label_seq_id 
_pdbx_struct_sheet_hbond.range_2_PDB_ins_code 
_pdbx_struct_sheet_hbond.range_2_auth_atom_id 
_pdbx_struct_sheet_hbond.range_2_auth_comp_id 
_pdbx_struct_sheet_hbond.range_2_auth_asym_id 
_pdbx_struct_sheet_hbond.range_2_auth_seq_id 
A 1 2 N HIS A 16  ? N HIS A 107 O TRP A 52  ? O TRP A 143 
A 2 3 N LEU A 51  ? N LEU A 142 O THR A 136 ? O THR A 227 
A 3 4 O HIS A 139 ? O HIS A 230 N GLU A 104 ? N GLU A 195 
B 1 2 N SER A 33  ? N SER A 124 O LYS A 38  ? O LYS A 129 
B 2 3 N LEU A 39  ? N LEU A 130 O GLU A 177 ? O GLU A 268 
B 3 4 O LEU A 171 ? O LEU A 262 N LEU A 163 ? N LEU A 254 
B 4 5 O ILE A 160 ? O ILE A 251 N MET A 66  ? N MET A 157 
B 5 6 N VAL A 63  ? N VAL A 154 O VAL A 124 ? O VAL A 215 
B 6 7 O VAL A 123 ? O VAL A 214 N GLU A 110 ? N GLU A 201 
# 
loop_
_struct_site.id 
_struct_site.pdbx_evidence_code 
_struct_site.pdbx_auth_asym_id 
_struct_site.pdbx_auth_comp_id 
_struct_site.pdbx_auth_seq_id 
_struct_site.pdbx_auth_ins_code 
_struct_site.pdbx_num_residues 
_struct_site.details 
AC1 Software A ZN  2001 ? 4 'BINDING SITE FOR RESIDUE ZN A 2001'  
AC2 Software A TRS 1163 ? 6 'BINDING SITE FOR RESIDUE TRS A 1163' 
AC3 Software A IPA 3001 ? 5 'BINDING SITE FOR RESIDUE IPA A 3001' 
# 
loop_
_struct_site_gen.id 
_struct_site_gen.site_id 
_struct_site_gen.pdbx_num_res 
_struct_site_gen.label_comp_id 
_struct_site_gen.label_asym_id 
_struct_site_gen.label_seq_id 
_struct_site_gen.pdbx_auth_ins_code 
_struct_site_gen.auth_comp_id 
_struct_site_gen.auth_asym_id 
_struct_site_gen.auth_seq_id 
_struct_site_gen.label_atom_id 
_struct_site_gen.label_alt_id 
_struct_site_gen.symmetry 
_struct_site_gen.details 
1  AC1 4 CYS A 82  ? CYS A 173  . ? 1_555 ? 
2  AC1 4 HIS A 85  ? HIS A 176  . ? 1_555 ? 
3  AC1 4 CYS A 144 ? CYS A 235  . ? 1_555 ? 
4  AC1 4 CYS A 148 ? CYS A 239  . ? 1_555 ? 
5  AC2 6 LEU A 17  ? LEU A 108  . ? 1_555 ? 
6  AC2 6 TYR A 32  ? TYR A 123  . ? 1_555 ? 
7  AC2 6 ASN A 37  ? ASN A 128  . ? 1_555 ? 
8  AC2 6 ASP A 174 ? ASP A 265  . ? 1_555 ? 
9  AC2 6 HOH E .   ? HOH A 1022 . ? 1_555 ? 
10 AC2 6 HOH E .   ? HOH A 1099 . ? 1_555 ? 
11 AC3 5 PHE A 19  ? PHE A 110  . ? 1_555 ? 
12 AC3 5 LEU A 20  ? LEU A 111  . ? 1_555 ? 
13 AC3 5 SER A 22  ? SER A 113  . ? 1_555 ? 
14 AC3 5 PRO A 48  ? PRO A 139  . ? 1_555 ? 
15 AC3 5 HOH E .   ? HOH A 1112 . ? 1_555 ? 
# 
_pdbx_validate_torsion.id              1 
_pdbx_validate_torsion.PDB_model_num   1 
_pdbx_validate_torsion.auth_comp_id    GLU 
_pdbx_validate_torsion.auth_asym_id    A 
_pdbx_validate_torsion.auth_seq_id     221 
_pdbx_validate_torsion.PDB_ins_code    ? 
_pdbx_validate_torsion.label_alt_id    ? 
_pdbx_validate_torsion.phi             -58.34 
_pdbx_validate_torsion.psi             176.30 
# 
loop_
_pdbx_unobs_or_zero_occ_residues.id 
_pdbx_unobs_or_zero_occ_residues.PDB_model_num 
_pdbx_unobs_or_zero_occ_residues.polymer_flag 
_pdbx_unobs_or_zero_occ_residues.occupancy_flag 
_pdbx_unobs_or_zero_occ_residues.auth_asym_id 
_pdbx_unobs_or_zero_occ_residues.auth_comp_id 
_pdbx_unobs_or_zero_occ_residues.auth_seq_id 
_pdbx_unobs_or_zero_occ_residues.PDB_ins_code 
_pdbx_unobs_or_zero_occ_residues.label_asym_id 
_pdbx_unobs_or_zero_occ_residues.label_comp_id 
_pdbx_unobs_or_zero_occ_residues.label_seq_id 
1  1 Y 1 A SER 92  ? A SER 1   
2  1 Y 1 A PHE 93  ? A PHE 2   
3  1 Y 1 A VAL 94  ? A VAL 3   
4  1 Y 1 A PRO 95  ? A PRO 4   
5  1 Y 1 A SER 96  ? A SER 5   
6  1 Y 1 A GLU 284 ? A GLU 193 
7  1 Y 1 A ASN 285 ? A ASN 194 
8  1 Y 1 A PHE 286 ? A PHE 195 
9  1 Y 1 A ARG 287 ? A ARG 196 
10 1 Y 1 A LYS 288 ? A LYS 197 
11 1 Y 1 A LYS 289 ? A LYS 198 
12 1 Y 1 A GLU 290 ? A GLU 199 
13 1 Y 1 A VAL 291 ? A VAL 200 
14 1 Y 1 A LEU 292 ? A LEU 201 
# 
loop_
_chem_comp_atom.comp_id 
_chem_comp_atom.atom_id 
_chem_comp_atom.type_symbol 
_chem_comp_atom.pdbx_aromatic_flag 
_chem_comp_atom.pdbx_stereo_config 
_chem_comp_atom.pdbx_ordinal 
ALA N    N  N N 1   
ALA CA   C  N S 2   
ALA C    C  N N 3   
ALA O    O  N N 4   
ALA CB   C  N N 5   
ALA OXT  O  N N 6   
ALA H    H  N N 7   
ALA H2   H  N N 8   
ALA HA   H  N N 9   
ALA HB1  H  N N 10  
ALA HB2  H  N N 11  
ALA HB3  H  N N 12  
ALA HXT  H  N N 13  
ARG N    N  N N 14  
ARG CA   C  N S 15  
ARG C    C  N N 16  
ARG O    O  N N 17  
ARG CB   C  N N 18  
ARG CG   C  N N 19  
ARG CD   C  N N 20  
ARG NE   N  N N 21  
ARG CZ   C  N N 22  
ARG NH1  N  N N 23  
ARG NH2  N  N N 24  
ARG OXT  O  N N 25  
ARG H    H  N N 26  
ARG H2   H  N N 27  
ARG HA   H  N N 28  
ARG HB2  H  N N 29  
ARG HB3  H  N N 30  
ARG HG2  H  N N 31  
ARG HG3  H  N N 32  
ARG HD2  H  N N 33  
ARG HD3  H  N N 34  
ARG HE   H  N N 35  
ARG HH11 H  N N 36  
ARG HH12 H  N N 37  
ARG HH21 H  N N 38  
ARG HH22 H  N N 39  
ARG HXT  H  N N 40  
ASN N    N  N N 41  
ASN CA   C  N S 42  
ASN C    C  N N 43  
ASN O    O  N N 44  
ASN CB   C  N N 45  
ASN CG   C  N N 46  
ASN OD1  O  N N 47  
ASN ND2  N  N N 48  
ASN OXT  O  N N 49  
ASN H    H  N N 50  
ASN H2   H  N N 51  
ASN HA   H  N N 52  
ASN HB2  H  N N 53  
ASN HB3  H  N N 54  
ASN HD21 H  N N 55  
ASN HD22 H  N N 56  
ASN HXT  H  N N 57  
ASP N    N  N N 58  
ASP CA   C  N S 59  
ASP C    C  N N 60  
ASP O    O  N N 61  
ASP CB   C  N N 62  
ASP CG   C  N N 63  
ASP OD1  O  N N 64  
ASP OD2  O  N N 65  
ASP OXT  O  N N 66  
ASP H    H  N N 67  
ASP H2   H  N N 68  
ASP HA   H  N N 69  
ASP HB2  H  N N 70  
ASP HB3  H  N N 71  
ASP HD2  H  N N 72  
ASP HXT  H  N N 73  
CYS N    N  N N 74  
CYS CA   C  N R 75  
CYS C    C  N N 76  
CYS O    O  N N 77  
CYS CB   C  N N 78  
CYS SG   S  N N 79  
CYS OXT  O  N N 80  
CYS H    H  N N 81  
CYS H2   H  N N 82  
CYS HA   H  N N 83  
CYS HB2  H  N N 84  
CYS HB3  H  N N 85  
CYS HG   H  N N 86  
CYS HXT  H  N N 87  
GLN N    N  N N 88  
GLN CA   C  N S 89  
GLN C    C  N N 90  
GLN O    O  N N 91  
GLN CB   C  N N 92  
GLN CG   C  N N 93  
GLN CD   C  N N 94  
GLN OE1  O  N N 95  
GLN NE2  N  N N 96  
GLN OXT  O  N N 97  
GLN H    H  N N 98  
GLN H2   H  N N 99  
GLN HA   H  N N 100 
GLN HB2  H  N N 101 
GLN HB3  H  N N 102 
GLN HG2  H  N N 103 
GLN HG3  H  N N 104 
GLN HE21 H  N N 105 
GLN HE22 H  N N 106 
GLN HXT  H  N N 107 
GLU N    N  N N 108 
GLU CA   C  N S 109 
GLU C    C  N N 110 
GLU O    O  N N 111 
GLU CB   C  N N 112 
GLU CG   C  N N 113 
GLU CD   C  N N 114 
GLU OE1  O  N N 115 
GLU OE2  O  N N 116 
GLU OXT  O  N N 117 
GLU H    H  N N 118 
GLU H2   H  N N 119 
GLU HA   H  N N 120 
GLU HB2  H  N N 121 
GLU HB3  H  N N 122 
GLU HG2  H  N N 123 
GLU HG3  H  N N 124 
GLU HE2  H  N N 125 
GLU HXT  H  N N 126 
GLY N    N  N N 127 
GLY CA   C  N N 128 
GLY C    C  N N 129 
GLY O    O  N N 130 
GLY OXT  O  N N 131 
GLY H    H  N N 132 
GLY H2   H  N N 133 
GLY HA2  H  N N 134 
GLY HA3  H  N N 135 
GLY HXT  H  N N 136 
HIS N    N  N N 137 
HIS CA   C  N S 138 
HIS C    C  N N 139 
HIS O    O  N N 140 
HIS CB   C  N N 141 
HIS CG   C  Y N 142 
HIS ND1  N  Y N 143 
HIS CD2  C  Y N 144 
HIS CE1  C  Y N 145 
HIS NE2  N  Y N 146 
HIS OXT  O  N N 147 
HIS H    H  N N 148 
HIS H2   H  N N 149 
HIS HA   H  N N 150 
HIS HB2  H  N N 151 
HIS HB3  H  N N 152 
HIS HD1  H  N N 153 
HIS HD2  H  N N 154 
HIS HE1  H  N N 155 
HIS HE2  H  N N 156 
HIS HXT  H  N N 157 
HOH O    O  N N 158 
HOH H1   H  N N 159 
HOH H2   H  N N 160 
ILE N    N  N N 161 
ILE CA   C  N S 162 
ILE C    C  N N 163 
ILE O    O  N N 164 
ILE CB   C  N S 165 
ILE CG1  C  N N 166 
ILE CG2  C  N N 167 
ILE CD1  C  N N 168 
ILE OXT  O  N N 169 
ILE H    H  N N 170 
ILE H2   H  N N 171 
ILE HA   H  N N 172 
ILE HB   H  N N 173 
ILE HG12 H  N N 174 
ILE HG13 H  N N 175 
ILE HG21 H  N N 176 
ILE HG22 H  N N 177 
ILE HG23 H  N N 178 
ILE HD11 H  N N 179 
ILE HD12 H  N N 180 
ILE HD13 H  N N 181 
ILE HXT  H  N N 182 
IPA C1   C  N N 183 
IPA C2   C  N N 184 
IPA C3   C  N N 185 
IPA O2   O  N N 186 
IPA H11  H  N N 187 
IPA H12  H  N N 188 
IPA H13  H  N N 189 
IPA H2   H  N N 190 
IPA H31  H  N N 191 
IPA H32  H  N N 192 
IPA H33  H  N N 193 
IPA HO2  H  N N 194 
LEU N    N  N N 195 
LEU CA   C  N S 196 
LEU C    C  N N 197 
LEU O    O  N N 198 
LEU CB   C  N N 199 
LEU CG   C  N N 200 
LEU CD1  C  N N 201 
LEU CD2  C  N N 202 
LEU OXT  O  N N 203 
LEU H    H  N N 204 
LEU H2   H  N N 205 
LEU HA   H  N N 206 
LEU HB2  H  N N 207 
LEU HB3  H  N N 208 
LEU HG   H  N N 209 
LEU HD11 H  N N 210 
LEU HD12 H  N N 211 
LEU HD13 H  N N 212 
LEU HD21 H  N N 213 
LEU HD22 H  N N 214 
LEU HD23 H  N N 215 
LEU HXT  H  N N 216 
LYS N    N  N N 217 
LYS CA   C  N S 218 
LYS C    C  N N 219 
LYS O    O  N N 220 
LYS CB   C  N N 221 
LYS CG   C  N N 222 
LYS CD   C  N N 223 
LYS CE   C  N N 224 
LYS NZ   N  N N 225 
LYS OXT  O  N N 226 
LYS H    H  N N 227 
LYS H2   H  N N 228 
LYS HA   H  N N 229 
LYS HB2  H  N N 230 
LYS HB3  H  N N 231 
LYS HG2  H  N N 232 
LYS HG3  H  N N 233 
LYS HD2  H  N N 234 
LYS HD3  H  N N 235 
LYS HE2  H  N N 236 
LYS HE3  H  N N 237 
LYS HZ1  H  N N 238 
LYS HZ2  H  N N 239 
LYS HZ3  H  N N 240 
LYS HXT  H  N N 241 
MET N    N  N N 242 
MET CA   C  N S 243 
MET C    C  N N 244 
MET O    O  N N 245 
MET CB   C  N N 246 
MET CG   C  N N 247 
MET SD   S  N N 248 
MET CE   C  N N 249 
MET OXT  O  N N 250 
MET H    H  N N 251 
MET H2   H  N N 252 
MET HA   H  N N 253 
MET HB2  H  N N 254 
MET HB3  H  N N 255 
MET HG2  H  N N 256 
MET HG3  H  N N 257 
MET HE1  H  N N 258 
MET HE2  H  N N 259 
MET HE3  H  N N 260 
MET HXT  H  N N 261 
PHE N    N  N N 262 
PHE CA   C  N S 263 
PHE C    C  N N 264 
PHE O    O  N N 265 
PHE CB   C  N N 266 
PHE CG   C  Y N 267 
PHE CD1  C  Y N 268 
PHE CD2  C  Y N 269 
PHE CE1  C  Y N 270 
PHE CE2  C  Y N 271 
PHE CZ   C  Y N 272 
PHE OXT  O  N N 273 
PHE H    H  N N 274 
PHE H2   H  N N 275 
PHE HA   H  N N 276 
PHE HB2  H  N N 277 
PHE HB3  H  N N 278 
PHE HD1  H  N N 279 
PHE HD2  H  N N 280 
PHE HE1  H  N N 281 
PHE HE2  H  N N 282 
PHE HZ   H  N N 283 
PHE HXT  H  N N 284 
PRO N    N  N N 285 
PRO CA   C  N S 286 
PRO C    C  N N 287 
PRO O    O  N N 288 
PRO CB   C  N N 289 
PRO CG   C  N N 290 
PRO CD   C  N N 291 
PRO OXT  O  N N 292 
PRO H    H  N N 293 
PRO HA   H  N N 294 
PRO HB2  H  N N 295 
PRO HB3  H  N N 296 
PRO HG2  H  N N 297 
PRO HG3  H  N N 298 
PRO HD2  H  N N 299 
PRO HD3  H  N N 300 
PRO HXT  H  N N 301 
SER N    N  N N 302 
SER CA   C  N S 303 
SER C    C  N N 304 
SER O    O  N N 305 
SER CB   C  N N 306 
SER OG   O  N N 307 
SER OXT  O  N N 308 
SER H    H  N N 309 
SER H2   H  N N 310 
SER HA   H  N N 311 
SER HB2  H  N N 312 
SER HB3  H  N N 313 
SER HG   H  N N 314 
SER HXT  H  N N 315 
THR N    N  N N 316 
THR CA   C  N S 317 
THR C    C  N N 318 
THR O    O  N N 319 
THR CB   C  N R 320 
THR OG1  O  N N 321 
THR CG2  C  N N 322 
THR OXT  O  N N 323 
THR H    H  N N 324 
THR H2   H  N N 325 
THR HA   H  N N 326 
THR HB   H  N N 327 
THR HG1  H  N N 328 
THR HG21 H  N N 329 
THR HG22 H  N N 330 
THR HG23 H  N N 331 
THR HXT  H  N N 332 
TRP N    N  N N 333 
TRP CA   C  N S 334 
TRP C    C  N N 335 
TRP O    O  N N 336 
TRP CB   C  N N 337 
TRP CG   C  Y N 338 
TRP CD1  C  Y N 339 
TRP CD2  C  Y N 340 
TRP NE1  N  Y N 341 
TRP CE2  C  Y N 342 
TRP CE3  C  Y N 343 
TRP CZ2  C  Y N 344 
TRP CZ3  C  Y N 345 
TRP CH2  C  Y N 346 
TRP OXT  O  N N 347 
TRP H    H  N N 348 
TRP H2   H  N N 349 
TRP HA   H  N N 350 
TRP HB2  H  N N 351 
TRP HB3  H  N N 352 
TRP HD1  H  N N 353 
TRP HE1  H  N N 354 
TRP HE3  H  N N 355 
TRP HZ2  H  N N 356 
TRP HZ3  H  N N 357 
TRP HH2  H  N N 358 
TRP HXT  H  N N 359 
TRS C    C  N N 360 
TRS C1   C  N N 361 
TRS C2   C  N N 362 
TRS C3   C  N N 363 
TRS N    N  N N 364 
TRS O1   O  N N 365 
TRS O2   O  N N 366 
TRS O3   O  N N 367 
TRS H11  H  N N 368 
TRS H12  H  N N 369 
TRS H21  H  N N 370 
TRS H22  H  N N 371 
TRS H31  H  N N 372 
TRS H32  H  N N 373 
TRS HN1  H  N N 374 
TRS HN2  H  N N 375 
TRS HN3  H  N N 376 
TRS HO1  H  N N 377 
TRS HO2  H  N N 378 
TRS HO3  H  N N 379 
TYR N    N  N N 380 
TYR CA   C  N S 381 
TYR C    C  N N 382 
TYR O    O  N N 383 
TYR CB   C  N N 384 
TYR CG   C  Y N 385 
TYR CD1  C  Y N 386 
TYR CD2  C  Y N 387 
TYR CE1  C  Y N 388 
TYR CE2  C  Y N 389 
TYR CZ   C  Y N 390 
TYR OH   O  N N 391 
TYR OXT  O  N N 392 
TYR H    H  N N 393 
TYR H2   H  N N 394 
TYR HA   H  N N 395 
TYR HB2  H  N N 396 
TYR HB3  H  N N 397 
TYR HD1  H  N N 398 
TYR HD2  H  N N 399 
TYR HE1  H  N N 400 
TYR HE2  H  N N 401 
TYR HH   H  N N 402 
TYR HXT  H  N N 403 
VAL N    N  N N 404 
VAL CA   C  N S 405 
VAL C    C  N N 406 
VAL O    O  N N 407 
VAL CB   C  N N 408 
VAL CG1  C  N N 409 
VAL CG2  C  N N 410 
VAL OXT  O  N N 411 
VAL H    H  N N 412 
VAL H2   H  N N 413 
VAL HA   H  N N 414 
VAL HB   H  N N 415 
VAL HG11 H  N N 416 
VAL HG12 H  N N 417 
VAL HG13 H  N N 418 
VAL HG21 H  N N 419 
VAL HG22 H  N N 420 
VAL HG23 H  N N 421 
VAL HXT  H  N N 422 
ZN  ZN   ZN N N 423 
# 
loop_
_chem_comp_bond.comp_id 
_chem_comp_bond.atom_id_1 
_chem_comp_bond.atom_id_2 
_chem_comp_bond.value_order 
_chem_comp_bond.pdbx_aromatic_flag 
_chem_comp_bond.pdbx_stereo_config 
_chem_comp_bond.pdbx_ordinal 
ALA N   CA   sing N N 1   
ALA N   H    sing N N 2   
ALA N   H2   sing N N 3   
ALA CA  C    sing N N 4   
ALA CA  CB   sing N N 5   
ALA CA  HA   sing N N 6   
ALA C   O    doub N N 7   
ALA C   OXT  sing N N 8   
ALA CB  HB1  sing N N 9   
ALA CB  HB2  sing N N 10  
ALA CB  HB3  sing N N 11  
ALA OXT HXT  sing N N 12  
ARG N   CA   sing N N 13  
ARG N   H    sing N N 14  
ARG N   H2   sing N N 15  
ARG CA  C    sing N N 16  
ARG CA  CB   sing N N 17  
ARG CA  HA   sing N N 18  
ARG C   O    doub N N 19  
ARG C   OXT  sing N N 20  
ARG CB  CG   sing N N 21  
ARG CB  HB2  sing N N 22  
ARG CB  HB3  sing N N 23  
ARG CG  CD   sing N N 24  
ARG CG  HG2  sing N N 25  
ARG CG  HG3  sing N N 26  
ARG CD  NE   sing N N 27  
ARG CD  HD2  sing N N 28  
ARG CD  HD3  sing N N 29  
ARG NE  CZ   sing N N 30  
ARG NE  HE   sing N N 31  
ARG CZ  NH1  sing N N 32  
ARG CZ  NH2  doub N N 33  
ARG NH1 HH11 sing N N 34  
ARG NH1 HH12 sing N N 35  
ARG NH2 HH21 sing N N 36  
ARG NH2 HH22 sing N N 37  
ARG OXT HXT  sing N N 38  
ASN N   CA   sing N N 39  
ASN N   H    sing N N 40  
ASN N   H2   sing N N 41  
ASN CA  C    sing N N 42  
ASN CA  CB   sing N N 43  
ASN CA  HA   sing N N 44  
ASN C   O    doub N N 45  
ASN C   OXT  sing N N 46  
ASN CB  CG   sing N N 47  
ASN CB  HB2  sing N N 48  
ASN CB  HB3  sing N N 49  
ASN CG  OD1  doub N N 50  
ASN CG  ND2  sing N N 51  
ASN ND2 HD21 sing N N 52  
ASN ND2 HD22 sing N N 53  
ASN OXT HXT  sing N N 54  
ASP N   CA   sing N N 55  
ASP N   H    sing N N 56  
ASP N   H2   sing N N 57  
ASP CA  C    sing N N 58  
ASP CA  CB   sing N N 59  
ASP CA  HA   sing N N 60  
ASP C   O    doub N N 61  
ASP C   OXT  sing N N 62  
ASP CB  CG   sing N N 63  
ASP CB  HB2  sing N N 64  
ASP CB  HB3  sing N N 65  
ASP CG  OD1  doub N N 66  
ASP CG  OD2  sing N N 67  
ASP OD2 HD2  sing N N 68  
ASP OXT HXT  sing N N 69  
CYS N   CA   sing N N 70  
CYS N   H    sing N N 71  
CYS N   H2   sing N N 72  
CYS CA  C    sing N N 73  
CYS CA  CB   sing N N 74  
CYS CA  HA   sing N N 75  
CYS C   O    doub N N 76  
CYS C   OXT  sing N N 77  
CYS CB  SG   sing N N 78  
CYS CB  HB2  sing N N 79  
CYS CB  HB3  sing N N 80  
CYS SG  HG   sing N N 81  
CYS OXT HXT  sing N N 82  
GLN N   CA   sing N N 83  
GLN N   H    sing N N 84  
GLN N   H2   sing N N 85  
GLN CA  C    sing N N 86  
GLN CA  CB   sing N N 87  
GLN CA  HA   sing N N 88  
GLN C   O    doub N N 89  
GLN C   OXT  sing N N 90  
GLN CB  CG   sing N N 91  
GLN CB  HB2  sing N N 92  
GLN CB  HB3  sing N N 93  
GLN CG  CD   sing N N 94  
GLN CG  HG2  sing N N 95  
GLN CG  HG3  sing N N 96  
GLN CD  OE1  doub N N 97  
GLN CD  NE2  sing N N 98  
GLN NE2 HE21 sing N N 99  
GLN NE2 HE22 sing N N 100 
GLN OXT HXT  sing N N 101 
GLU N   CA   sing N N 102 
GLU N   H    sing N N 103 
GLU N   H2   sing N N 104 
GLU CA  C    sing N N 105 
GLU CA  CB   sing N N 106 
GLU CA  HA   sing N N 107 
GLU C   O    doub N N 108 
GLU C   OXT  sing N N 109 
GLU CB  CG   sing N N 110 
GLU CB  HB2  sing N N 111 
GLU CB  HB3  sing N N 112 
GLU CG  CD   sing N N 113 
GLU CG  HG2  sing N N 114 
GLU CG  HG3  sing N N 115 
GLU CD  OE1  doub N N 116 
GLU CD  OE2  sing N N 117 
GLU OE2 HE2  sing N N 118 
GLU OXT HXT  sing N N 119 
GLY N   CA   sing N N 120 
GLY N   H    sing N N 121 
GLY N   H2   sing N N 122 
GLY CA  C    sing N N 123 
GLY CA  HA2  sing N N 124 
GLY CA  HA3  sing N N 125 
GLY C   O    doub N N 126 
GLY C   OXT  sing N N 127 
GLY OXT HXT  sing N N 128 
HIS N   CA   sing N N 129 
HIS N   H    sing N N 130 
HIS N   H2   sing N N 131 
HIS CA  C    sing N N 132 
HIS CA  CB   sing N N 133 
HIS CA  HA   sing N N 134 
HIS C   O    doub N N 135 
HIS C   OXT  sing N N 136 
HIS CB  CG   sing N N 137 
HIS CB  HB2  sing N N 138 
HIS CB  HB3  sing N N 139 
HIS CG  ND1  sing Y N 140 
HIS CG  CD2  doub Y N 141 
HIS ND1 CE1  doub Y N 142 
HIS ND1 HD1  sing N N 143 
HIS CD2 NE2  sing Y N 144 
HIS CD2 HD2  sing N N 145 
HIS CE1 NE2  sing Y N 146 
HIS CE1 HE1  sing N N 147 
HIS NE2 HE2  sing N N 148 
HIS OXT HXT  sing N N 149 
HOH O   H1   sing N N 150 
HOH O   H2   sing N N 151 
ILE N   CA   sing N N 152 
ILE N   H    sing N N 153 
ILE N   H2   sing N N 154 
ILE CA  C    sing N N 155 
ILE CA  CB   sing N N 156 
ILE CA  HA   sing N N 157 
ILE C   O    doub N N 158 
ILE C   OXT  sing N N 159 
ILE CB  CG1  sing N N 160 
ILE CB  CG2  sing N N 161 
ILE CB  HB   sing N N 162 
ILE CG1 CD1  sing N N 163 
ILE CG1 HG12 sing N N 164 
ILE CG1 HG13 sing N N 165 
ILE CG2 HG21 sing N N 166 
ILE CG2 HG22 sing N N 167 
ILE CG2 HG23 sing N N 168 
ILE CD1 HD11 sing N N 169 
ILE CD1 HD12 sing N N 170 
ILE CD1 HD13 sing N N 171 
ILE OXT HXT  sing N N 172 
IPA C1  C2   sing N N 173 
IPA C1  H11  sing N N 174 
IPA C1  H12  sing N N 175 
IPA C1  H13  sing N N 176 
IPA C2  C3   sing N N 177 
IPA C2  O2   sing N N 178 
IPA C2  H2   sing N N 179 
IPA C3  H31  sing N N 180 
IPA C3  H32  sing N N 181 
IPA C3  H33  sing N N 182 
IPA O2  HO2  sing N N 183 
LEU N   CA   sing N N 184 
LEU N   H    sing N N 185 
LEU N   H2   sing N N 186 
LEU CA  C    sing N N 187 
LEU CA  CB   sing N N 188 
LEU CA  HA   sing N N 189 
LEU C   O    doub N N 190 
LEU C   OXT  sing N N 191 
LEU CB  CG   sing N N 192 
LEU CB  HB2  sing N N 193 
LEU CB  HB3  sing N N 194 
LEU CG  CD1  sing N N 195 
LEU CG  CD2  sing N N 196 
LEU CG  HG   sing N N 197 
LEU CD1 HD11 sing N N 198 
LEU CD1 HD12 sing N N 199 
LEU CD1 HD13 sing N N 200 
LEU CD2 HD21 sing N N 201 
LEU CD2 HD22 sing N N 202 
LEU CD2 HD23 sing N N 203 
LEU OXT HXT  sing N N 204 
LYS N   CA   sing N N 205 
LYS N   H    sing N N 206 
LYS N   H2   sing N N 207 
LYS CA  C    sing N N 208 
LYS CA  CB   sing N N 209 
LYS CA  HA   sing N N 210 
LYS C   O    doub N N 211 
LYS C   OXT  sing N N 212 
LYS CB  CG   sing N N 213 
LYS CB  HB2  sing N N 214 
LYS CB  HB3  sing N N 215 
LYS CG  CD   sing N N 216 
LYS CG  HG2  sing N N 217 
LYS CG  HG3  sing N N 218 
LYS CD  CE   sing N N 219 
LYS CD  HD2  sing N N 220 
LYS CD  HD3  sing N N 221 
LYS CE  NZ   sing N N 222 
LYS CE  HE2  sing N N 223 
LYS CE  HE3  sing N N 224 
LYS NZ  HZ1  sing N N 225 
LYS NZ  HZ2  sing N N 226 
LYS NZ  HZ3  sing N N 227 
LYS OXT HXT  sing N N 228 
MET N   CA   sing N N 229 
MET N   H    sing N N 230 
MET N   H2   sing N N 231 
MET CA  C    sing N N 232 
MET CA  CB   sing N N 233 
MET CA  HA   sing N N 234 
MET C   O    doub N N 235 
MET C   OXT  sing N N 236 
MET CB  CG   sing N N 237 
MET CB  HB2  sing N N 238 
MET CB  HB3  sing N N 239 
MET CG  SD   sing N N 240 
MET CG  HG2  sing N N 241 
MET CG  HG3  sing N N 242 
MET SD  CE   sing N N 243 
MET CE  HE1  sing N N 244 
MET CE  HE2  sing N N 245 
MET CE  HE3  sing N N 246 
MET OXT HXT  sing N N 247 
PHE N   CA   sing N N 248 
PHE N   H    sing N N 249 
PHE N   H2   sing N N 250 
PHE CA  C    sing N N 251 
PHE CA  CB   sing N N 252 
PHE CA  HA   sing N N 253 
PHE C   O    doub N N 254 
PHE C   OXT  sing N N 255 
PHE CB  CG   sing N N 256 
PHE CB  HB2  sing N N 257 
PHE CB  HB3  sing N N 258 
PHE CG  CD1  doub Y N 259 
PHE CG  CD2  sing Y N 260 
PHE CD1 CE1  sing Y N 261 
PHE CD1 HD1  sing N N 262 
PHE CD2 CE2  doub Y N 263 
PHE CD2 HD2  sing N N 264 
PHE CE1 CZ   doub Y N 265 
PHE CE1 HE1  sing N N 266 
PHE CE2 CZ   sing Y N 267 
PHE CE2 HE2  sing N N 268 
PHE CZ  HZ   sing N N 269 
PHE OXT HXT  sing N N 270 
PRO N   CA   sing N N 271 
PRO N   CD   sing N N 272 
PRO N   H    sing N N 273 
PRO CA  C    sing N N 274 
PRO CA  CB   sing N N 275 
PRO CA  HA   sing N N 276 
PRO C   O    doub N N 277 
PRO C   OXT  sing N N 278 
PRO CB  CG   sing N N 279 
PRO CB  HB2  sing N N 280 
PRO CB  HB3  sing N N 281 
PRO CG  CD   sing N N 282 
PRO CG  HG2  sing N N 283 
PRO CG  HG3  sing N N 284 
PRO CD  HD2  sing N N 285 
PRO CD  HD3  sing N N 286 
PRO OXT HXT  sing N N 287 
SER N   CA   sing N N 288 
SER N   H    sing N N 289 
SER N   H2   sing N N 290 
SER CA  C    sing N N 291 
SER CA  CB   sing N N 292 
SER CA  HA   sing N N 293 
SER C   O    doub N N 294 
SER C   OXT  sing N N 295 
SER CB  OG   sing N N 296 
SER CB  HB2  sing N N 297 
SER CB  HB3  sing N N 298 
SER OG  HG   sing N N 299 
SER OXT HXT  sing N N 300 
THR N   CA   sing N N 301 
THR N   H    sing N N 302 
THR N   H2   sing N N 303 
THR CA  C    sing N N 304 
THR CA  CB   sing N N 305 
THR CA  HA   sing N N 306 
THR C   O    doub N N 307 
THR C   OXT  sing N N 308 
THR CB  OG1  sing N N 309 
THR CB  CG2  sing N N 310 
THR CB  HB   sing N N 311 
THR OG1 HG1  sing N N 312 
THR CG2 HG21 sing N N 313 
THR CG2 HG22 sing N N 314 
THR CG2 HG23 sing N N 315 
THR OXT HXT  sing N N 316 
TRP N   CA   sing N N 317 
TRP N   H    sing N N 318 
TRP N   H2   sing N N 319 
TRP CA  C    sing N N 320 
TRP CA  CB   sing N N 321 
TRP CA  HA   sing N N 322 
TRP C   O    doub N N 323 
TRP C   OXT  sing N N 324 
TRP CB  CG   sing N N 325 
TRP CB  HB2  sing N N 326 
TRP CB  HB3  sing N N 327 
TRP CG  CD1  doub Y N 328 
TRP CG  CD2  sing Y N 329 
TRP CD1 NE1  sing Y N 330 
TRP CD1 HD1  sing N N 331 
TRP CD2 CE2  doub Y N 332 
TRP CD2 CE3  sing Y N 333 
TRP NE1 CE2  sing Y N 334 
TRP NE1 HE1  sing N N 335 
TRP CE2 CZ2  sing Y N 336 
TRP CE3 CZ3  doub Y N 337 
TRP CE3 HE3  sing N N 338 
TRP CZ2 CH2  doub Y N 339 
TRP CZ2 HZ2  sing N N 340 
TRP CZ3 CH2  sing Y N 341 
TRP CZ3 HZ3  sing N N 342 
TRP CH2 HH2  sing N N 343 
TRP OXT HXT  sing N N 344 
TRS C   C1   sing N N 345 
TRS C   C2   sing N N 346 
TRS C   C3   sing N N 347 
TRS C   N    sing N N 348 
TRS C1  O1   sing N N 349 
TRS C1  H11  sing N N 350 
TRS C1  H12  sing N N 351 
TRS C2  O2   sing N N 352 
TRS C2  H21  sing N N 353 
TRS C2  H22  sing N N 354 
TRS C3  O3   sing N N 355 
TRS C3  H31  sing N N 356 
TRS C3  H32  sing N N 357 
TRS N   HN1  sing N N 358 
TRS N   HN2  sing N N 359 
TRS N   HN3  sing N N 360 
TRS O1  HO1  sing N N 361 
TRS O2  HO2  sing N N 362 
TRS O3  HO3  sing N N 363 
TYR N   CA   sing N N 364 
TYR N   H    sing N N 365 
TYR N   H2   sing N N 366 
TYR CA  C    sing N N 367 
TYR CA  CB   sing N N 368 
TYR CA  HA   sing N N 369 
TYR C   O    doub N N 370 
TYR C   OXT  sing N N 371 
TYR CB  CG   sing N N 372 
TYR CB  HB2  sing N N 373 
TYR CB  HB3  sing N N 374 
TYR CG  CD1  doub Y N 375 
TYR CG  CD2  sing Y N 376 
TYR CD1 CE1  sing Y N 377 
TYR CD1 HD1  sing N N 378 
TYR CD2 CE2  doub Y N 379 
TYR CD2 HD2  sing N N 380 
TYR CE1 CZ   doub Y N 381 
TYR CE1 HE1  sing N N 382 
TYR CE2 CZ   sing Y N 383 
TYR CE2 HE2  sing N N 384 
TYR CZ  OH   sing N N 385 
TYR OH  HH   sing N N 386 
TYR OXT HXT  sing N N 387 
VAL N   CA   sing N N 388 
VAL N   H    sing N N 389 
VAL N   H2   sing N N 390 
VAL CA  C    sing N N 391 
VAL CA  CB   sing N N 392 
VAL CA  HA   sing N N 393 
VAL C   O    doub N N 394 
VAL C   OXT  sing N N 395 
VAL CB  CG1  sing N N 396 
VAL CB  CG2  sing N N 397 
VAL CB  HB   sing N N 398 
VAL CG1 HG11 sing N N 399 
VAL CG1 HG12 sing N N 400 
VAL CG1 HG13 sing N N 401 
VAL CG2 HG21 sing N N 402 
VAL CG2 HG22 sing N N 403 
VAL CG2 HG23 sing N N 404 
VAL OXT HXT  sing N N 405 
# 
_atom_sites.entry_id                    2IOM 
_atom_sites.fract_transf_matrix[1][1]   0.00366643 
_atom_sites.fract_transf_matrix[1][2]   -0.00825660 
_atom_sites.fract_transf_matrix[1][3]   -0.00993847 
_atom_sites.fract_transf_matrix[2][1]   0.00688124 
_atom_sites.fract_transf_matrix[2][2]   0.01761694 
_atom_sites.fract_transf_matrix[2][3]   -0.01209708 
_atom_sites.fract_transf_matrix[3][1]   0.01767284 
_atom_sites.fract_transf_matrix[3][2]   -0.00842609 
_atom_sites.fract_transf_matrix[3][3]   -0.00221797 
_atom_sites.fract_transf_vector[1]      0.267065 
_atom_sites.fract_transf_vector[2]      0.000941 
_atom_sites.fract_transf_vector[3]      0.218904 
# 
loop_
_atom_type.symbol 
C  
N  
O  
S  
ZN 
# 
loop_
_atom_site.group_PDB 
_atom_site.id 
_atom_site.type_symbol 
_atom_site.label_atom_id 
_atom_site.label_alt_id 
_atom_site.label_comp_id 
_atom_site.label_asym_id 
_atom_site.label_entity_id 
_atom_site.label_seq_id 
_atom_site.pdbx_PDB_ins_code 
_atom_site.Cartn_x 
_atom_site.Cartn_y 
_atom_site.Cartn_z 
_atom_site.occupancy 
_atom_site.B_iso_or_equiv 
_atom_site.pdbx_formal_charge 
_atom_site.auth_seq_id 
_atom_site.auth_comp_id 
_atom_site.auth_asym_id 
_atom_site.auth_atom_id 
_atom_site.pdbx_PDB_model_num 
ATOM   1    N  N   . GLN A 1 6   ? -6.571  -10.328 6.859   1.00 31.94 ? 97   GLN A N   1 
ATOM   2    C  CA  . GLN A 1 6   ? -7.872  -10.019 6.206   1.00 29.90 ? 97   GLN A CA  1 
ATOM   3    C  C   . GLN A 1 6   ? -8.057  -10.864 4.955   1.00 30.90 ? 97   GLN A C   1 
ATOM   4    O  O   . GLN A 1 6   ? -7.115  -11.062 4.191   1.00 29.95 ? 97   GLN A O   1 
ATOM   5    C  CB  . GLN A 1 6   ? -7.938  -8.535  5.840   1.00 31.44 ? 97   GLN A CB  1 
ATOM   6    C  CG  . GLN A 1 6   ? -9.184  -8.152  5.066   1.00 32.91 ? 97   GLN A CG  1 
ATOM   7    C  CD  . GLN A 1 6   ? -9.359  -6.659  4.945   1.00 32.73 ? 97   GLN A CD  1 
ATOM   8    O  OE1 . GLN A 1 6   ? -10.319 -6.184  4.342   1.00 37.63 ? 97   GLN A OE1 1 
ATOM   9    N  NE2 . GLN A 1 6   ? -8.436  -5.906  5.522   1.00 37.34 ? 97   GLN A NE2 1 
ATOM   10   N  N   . LYS A 1 7   ? -9.277  -11.356 4.752   1.00 28.31 ? 98   LYS A N   1 
ATOM   11   C  CA  . LYS A 1 7   ? -9.594  -12.183 3.592   1.00 27.51 ? 98   LYS A CA  1 
ATOM   12   C  C   . LYS A 1 7   ? -9.370  -11.447 2.271   1.00 26.65 ? 98   LYS A C   1 
ATOM   13   O  O   . LYS A 1 7   ? -9.627  -10.244 2.163   1.00 24.02 ? 98   LYS A O   1 
ATOM   14   C  CB  . LYS A 1 7   ? -11.059 -12.632 3.638   1.00 29.48 ? 98   LYS A CB  1 
ATOM   15   C  CG  . LYS A 1 7   ? -11.449 -13.458 4.856   1.00 31.99 ? 98   LYS A CG  1 
ATOM   16   C  CD  . LYS A 1 7   ? -10.718 -14.774 4.875   1.00 34.36 ? 98   LYS A CD  1 
ATOM   17   C  CE  . LYS A 1 7   ? -11.252 -15.682 5.967   1.00 36.97 ? 98   LYS A CE  1 
ATOM   18   N  NZ  . LYS A 1 7   ? -10.456 -16.937 6.034   1.00 39.98 ? 98   LYS A NZ  1 
ATOM   19   N  N   . THR A 1 8   ? -8.890  -12.176 1.271   1.00 22.90 ? 99   THR A N   1 
ATOM   20   C  CA  . THR A 1 8   ? -8.690  -11.599 -0.045  1.00 21.68 ? 99   THR A CA  1 
ATOM   21   C  C   . THR A 1 8   ? -10.021 -11.806 -0.757  1.00 21.76 ? 99   THR A C   1 
ATOM   22   O  O   . THR A 1 8   ? -10.854 -12.609 -0.322  1.00 19.57 ? 99   THR A O   1 
ATOM   23   C  CB  . THR A 1 8   ? -7.614  -12.346 -0.855  1.00 21.17 ? 99   THR A CB  1 
ATOM   24   O  OG1 . THR A 1 8   ? -8.077  -13.674 -1.144  1.00 22.20 ? 99   THR A OG1 1 
ATOM   25   C  CG2 . THR A 1 8   ? -6.312  -12.418 -0.078  1.00 22.65 ? 99   THR A CG2 1 
ATOM   26   N  N   . TYR A 1 9   ? -10.230 -11.070 -1.838  1.00 19.57 ? 100  TYR A N   1 
ATOM   27   C  CA  . TYR A 1 9   ? -11.443 -11.220 -2.619  1.00 17.92 ? 100  TYR A CA  1 
ATOM   28   C  C   . TYR A 1 9   ? -11.063 -11.023 -4.078  1.00 17.76 ? 100  TYR A C   1 
ATOM   29   O  O   . TYR A 1 9   ? -11.110 -9.906  -4.596  1.00 15.41 ? 100  TYR A O   1 
ATOM   30   C  CB  . TYR A 1 9   ? -12.503 -10.190 -2.209  1.00 15.50 ? 100  TYR A CB  1 
ATOM   31   C  CG  . TYR A 1 9   ? -13.797 -10.339 -2.992  1.00 17.00 ? 100  TYR A CG  1 
ATOM   32   C  CD1 . TYR A 1 9   ? -14.452 -11.570 -3.052  1.00 17.47 ? 100  TYR A CD1 1 
ATOM   33   C  CD2 . TYR A 1 9   ? -14.352 -9.263  -3.689  1.00 17.91 ? 100  TYR A CD2 1 
ATOM   34   C  CE1 . TYR A 1 9   ? -15.626 -11.733 -3.786  1.00 17.99 ? 100  TYR A CE1 1 
ATOM   35   C  CE2 . TYR A 1 9   ? -15.534 -9.413  -4.431  1.00 15.06 ? 100  TYR A CE2 1 
ATOM   36   C  CZ  . TYR A 1 9   ? -16.162 -10.651 -4.472  1.00 18.54 ? 100  TYR A CZ  1 
ATOM   37   O  OH  . TYR A 1 9   ? -17.327 -10.828 -5.188  1.00 16.30 ? 100  TYR A OH  1 
ATOM   38   N  N   . GLN A 1 10  ? -10.669 -12.104 -4.740  1.00 18.01 ? 101  GLN A N   1 
ATOM   39   C  CA  . GLN A 1 10  ? -10.280 -11.993 -6.139  1.00 18.61 ? 101  GLN A CA  1 
ATOM   40   C  C   . GLN A 1 10  ? -11.440 -11.464 -6.959  1.00 18.17 ? 101  GLN A C   1 
ATOM   41   O  O   . GLN A 1 10  ? -11.245 -10.728 -7.924  1.00 19.36 ? 101  GLN A O   1 
ATOM   42   C  CB  . GLN A 1 10  ? -9.809  -13.350 -6.682  1.00 18.92 ? 101  GLN A CB  1 
ATOM   43   C  CG  . GLN A 1 10  ? -8.564  -13.885 -5.977  1.00 21.90 ? 101  GLN A CG  1 
ATOM   44   C  CD  . GLN A 1 10  ? -7.666  -14.695 -6.905  1.00 26.33 ? 101  GLN A CD  1 
ATOM   45   O  OE1 . GLN A 1 10  ? -8.139  -15.308 -7.864  1.00 26.98 ? 101  GLN A OE1 1 
ATOM   46   N  NE2 . GLN A 1 10  ? -6.366  -14.705 -6.617  1.00 27.02 ? 101  GLN A NE2 1 
ATOM   47   N  N   . GLY A 1 11  ? -12.654 -11.847 -6.573  1.00 19.91 ? 102  GLY A N   1 
ATOM   48   C  CA  . GLY A 1 11  ? -13.835 -11.375 -7.268  1.00 19.76 ? 102  GLY A CA  1 
ATOM   49   C  C   . GLY A 1 11  ? -14.000 -11.882 -8.685  1.00 22.01 ? 102  GLY A C   1 
ATOM   50   O  O   . GLY A 1 11  ? -13.298 -12.792 -9.127  1.00 21.46 ? 102  GLY A O   1 
ATOM   51   N  N   . ASN A 1 12  ? -14.926 -11.269 -9.409  1.00 20.41 ? 103  ASN A N   1 
ATOM   52   C  CA  . ASN A 1 12  ? -15.224 -11.674 -10.775 1.00 21.91 ? 103  ASN A CA  1 
ATOM   53   C  C   . ASN A 1 12  ? -14.099 -11.402 -11.763 1.00 23.32 ? 103  ASN A C   1 
ATOM   54   O  O   . ASN A 1 12  ? -14.074 -11.979 -12.852 1.00 23.61 ? 103  ASN A O   1 
ATOM   55   C  CB  . ASN A 1 12  ? -16.512 -10.986 -11.240 1.00 24.40 ? 103  ASN A CB  1 
ATOM   56   C  CG  . ASN A 1 12  ? -17.717 -11.375 -10.393 1.00 27.06 ? 103  ASN A CG  1 
ATOM   57   O  OD1 . ASN A 1 12  ? -18.549 -10.533 -10.038 1.00 26.95 ? 103  ASN A OD1 1 
ATOM   58   N  ND2 . ASN A 1 12  ? -17.817 -12.658 -10.072 1.00 25.73 ? 103  ASN A ND2 1 
ATOM   59   N  N   . TYR A 1 13  ? -13.163 -10.538 -11.389 1.00 22.18 ? 104  TYR A N   1 
ATOM   60   C  CA  . TYR A 1 13  ? -12.061 -10.208 -12.284 1.00 23.81 ? 104  TYR A CA  1 
ATOM   61   C  C   . TYR A 1 13  ? -10.730 -10.848 -11.905 1.00 23.69 ? 104  TYR A C   1 
ATOM   62   O  O   . TYR A 1 13  ? -9.693  -10.521 -12.476 1.00 24.86 ? 104  TYR A O   1 
ATOM   63   C  CB  . TYR A 1 13  ? -11.931 -8.684  -12.382 1.00 22.22 ? 104  TYR A CB  1 
ATOM   64   C  CG  . TYR A 1 13  ? -13.189 -8.061  -12.936 1.00 23.00 ? 104  TYR A CG  1 
ATOM   65   C  CD1 . TYR A 1 13  ? -13.464 -8.089  -14.304 1.00 23.26 ? 104  TYR A CD1 1 
ATOM   66   C  CD2 . TYR A 1 13  ? -14.161 -7.544  -12.082 1.00 23.96 ? 104  TYR A CD2 1 
ATOM   67   C  CE1 . TYR A 1 13  ? -14.682 -7.623  -14.804 1.00 24.65 ? 104  TYR A CE1 1 
ATOM   68   C  CE2 . TYR A 1 13  ? -15.377 -7.080  -12.568 1.00 23.36 ? 104  TYR A CE2 1 
ATOM   69   C  CZ  . TYR A 1 13  ? -15.634 -7.123  -13.926 1.00 25.11 ? 104  TYR A CZ  1 
ATOM   70   O  OH  . TYR A 1 13  ? -16.853 -6.685  -14.393 1.00 24.42 ? 104  TYR A OH  1 
ATOM   71   N  N   . GLY A 1 14  ? -10.766 -11.773 -10.949 1.00 24.04 ? 105  GLY A N   1 
ATOM   72   C  CA  . GLY A 1 14  ? -9.550  -12.456 -10.533 1.00 23.98 ? 105  GLY A CA  1 
ATOM   73   C  C   . GLY A 1 14  ? -8.454  -11.500 -10.116 1.00 23.58 ? 105  GLY A C   1 
ATOM   74   O  O   . GLY A 1 14  ? -7.282  -11.688 -10.437 1.00 22.83 ? 105  GLY A O   1 
ATOM   75   N  N   . PHE A 1 15  ? -8.845  -10.470 -9.377  1.00 23.39 ? 106  PHE A N   1 
ATOM   76   C  CA  . PHE A 1 15  ? -7.910  -9.456  -8.920  1.00 21.14 ? 106  PHE A CA  1 
ATOM   77   C  C   . PHE A 1 15  ? -6.991  -9.928  -7.797  1.00 21.38 ? 106  PHE A C   1 
ATOM   78   O  O   . PHE A 1 15  ? -7.451  -10.437 -6.777  1.00 23.15 ? 106  PHE A O   1 
ATOM   79   C  CB  . PHE A 1 15  ? -8.692  -8.224  -8.451  1.00 21.62 ? 106  PHE A CB  1 
ATOM   80   C  CG  . PHE A 1 15  ? -7.831  -7.132  -7.906  1.00 20.23 ? 106  PHE A CG  1 
ATOM   81   C  CD1 . PHE A 1 15  ? -7.087  -6.324  -8.760  1.00 19.56 ? 106  PHE A CD1 1 
ATOM   82   C  CD2 . PHE A 1 15  ? -7.739  -6.923  -6.531  1.00 19.98 ? 106  PHE A CD2 1 
ATOM   83   C  CE1 . PHE A 1 15  ? -6.265  -5.324  -8.253  1.00 21.68 ? 106  PHE A CE1 1 
ATOM   84   C  CE2 . PHE A 1 15  ? -6.920  -5.925  -6.017  1.00 21.14 ? 106  PHE A CE2 1 
ATOM   85   C  CZ  . PHE A 1 15  ? -6.180  -5.123  -6.880  1.00 20.96 ? 106  PHE A CZ  1 
ATOM   86   N  N   . HIS A 1 16  ? -5.687  -9.767  -7.992  1.00 19.92 ? 107  HIS A N   1 
ATOM   87   C  CA  . HIS A 1 16  ? -4.721  -10.123 -6.961  1.00 20.77 ? 107  HIS A CA  1 
ATOM   88   C  C   . HIS A 1 16  ? -3.438  -9.346  -7.183  1.00 20.02 ? 107  HIS A C   1 
ATOM   89   O  O   . HIS A 1 16  ? -3.211  -8.791  -8.262  1.00 19.61 ? 107  HIS A O   1 
ATOM   90   C  CB  . HIS A 1 16  ? -4.445  -11.635 -6.921  1.00 22.76 ? 107  HIS A CB  1 
ATOM   91   C  CG  . HIS A 1 16  ? -3.793  -12.181 -8.153  1.00 24.06 ? 107  HIS A CG  1 
ATOM   92   N  ND1 . HIS A 1 16  ? -4.477  -12.380 -9.333  1.00 26.74 ? 107  HIS A ND1 1 
ATOM   93   C  CD2 . HIS A 1 16  ? -2.528  -12.607 -8.375  1.00 25.34 ? 107  HIS A CD2 1 
ATOM   94   C  CE1 . HIS A 1 16  ? -3.661  -12.910 -10.227 1.00 26.93 ? 107  HIS A CE1 1 
ATOM   95   N  NE2 . HIS A 1 16  ? -2.472  -13.058 -9.671  1.00 24.21 ? 107  HIS A NE2 1 
ATOM   96   N  N   . LEU A 1 17  ? -2.602  -9.301  -6.156  1.00 19.50 ? 108  LEU A N   1 
ATOM   97   C  CA  . LEU A 1 17  ? -1.359  -8.557  -6.224  1.00 20.83 ? 108  LEU A CA  1 
ATOM   98   C  C   . LEU A 1 17  ? -0.148  -9.417  -6.562  1.00 22.57 ? 108  LEU A C   1 
ATOM   99   O  O   . LEU A 1 17  ? -0.136  -10.622 -6.324  1.00 21.95 ? 108  LEU A O   1 
ATOM   100  C  CB  . LEU A 1 17  ? -1.119  -7.852  -4.891  1.00 20.54 ? 108  LEU A CB  1 
ATOM   101  C  CG  . LEU A 1 17  ? -2.260  -6.954  -4.412  1.00 18.63 ? 108  LEU A CG  1 
ATOM   102  C  CD1 . LEU A 1 17  ? -1.921  -6.415  -3.040  1.00 17.47 ? 108  LEU A CD1 1 
ATOM   103  C  CD2 . LEU A 1 17  ? -2.482  -5.821  -5.401  1.00 16.67 ? 108  LEU A CD2 1 
ATOM   104  N  N   . GLY A 1 18  ? 0.868   -8.769  -7.121  1.00 22.81 ? 109  GLY A N   1 
ATOM   105  C  CA  . GLY A 1 18  ? 2.096   -9.444  -7.479  1.00 22.79 ? 109  GLY A CA  1 
ATOM   106  C  C   . GLY A 1 18  ? 3.242   -8.556  -7.050  1.00 23.87 ? 109  GLY A C   1 
ATOM   107  O  O   . GLY A 1 18  ? 3.095   -7.335  -6.992  1.00 23.63 ? 109  GLY A O   1 
ATOM   108  N  N   . PHE A 1 19  ? 4.384   -9.163  -6.747  1.00 24.34 ? 110  PHE A N   1 
ATOM   109  C  CA  . PHE A 1 19  ? 5.552   -8.420  -6.308  1.00 25.47 ? 110  PHE A CA  1 
ATOM   110  C  C   . PHE A 1 19  ? 6.793   -8.938  -7.011  1.00 26.88 ? 110  PHE A C   1 
ATOM   111  O  O   . PHE A 1 19  ? 6.936   -10.137 -7.223  1.00 26.22 ? 110  PHE A O   1 
ATOM   112  C  CB  . PHE A 1 19  ? 5.715   -8.571  -4.795  1.00 26.50 ? 110  PHE A CB  1 
ATOM   113  C  CG  . PHE A 1 19  ? 4.532   -8.081  -4.014  1.00 26.93 ? 110  PHE A CG  1 
ATOM   114  C  CD1 . PHE A 1 19  ? 4.462   -6.759  -3.588  1.00 28.69 ? 110  PHE A CD1 1 
ATOM   115  C  CD2 . PHE A 1 19  ? 3.462   -8.930  -3.747  1.00 28.79 ? 110  PHE A CD2 1 
ATOM   116  C  CE1 . PHE A 1 19  ? 3.342   -6.290  -2.905  1.00 28.95 ? 110  PHE A CE1 1 
ATOM   117  C  CE2 . PHE A 1 19  ? 2.336   -8.469  -3.065  1.00 28.31 ? 110  PHE A CE2 1 
ATOM   118  C  CZ  . PHE A 1 19  ? 2.278   -7.148  -2.646  1.00 27.85 ? 110  PHE A CZ  1 
ATOM   119  N  N   . LEU A 1 20  ? 7.689   -8.034  -7.380  1.00 28.43 ? 111  LEU A N   1 
ATOM   120  C  CA  . LEU A 1 20  ? 8.916   -8.447  -8.041  1.00 29.90 ? 111  LEU A CA  1 
ATOM   121  C  C   . LEU A 1 20  ? 9.730   -9.270  -7.056  1.00 28.92 ? 111  LEU A C   1 
ATOM   122  O  O   . LEU A 1 20  ? 9.736   -8.990  -5.856  1.00 27.63 ? 111  LEU A O   1 
ATOM   123  C  CB  . LEU A 1 20  ? 9.721   -7.228  -8.489  1.00 31.81 ? 111  LEU A CB  1 
ATOM   124  C  CG  . LEU A 1 20  ? 9.096   -6.368  -9.589  1.00 32.91 ? 111  LEU A CG  1 
ATOM   125  C  CD1 . LEU A 1 20  ? 9.962   -5.133  -9.815  1.00 32.94 ? 111  LEU A CD1 1 
ATOM   126  C  CD2 . LEU A 1 20  ? 8.965   -7.188  -10.873 1.00 33.22 ? 111  LEU A CD2 1 
ATOM   127  N  N   . GLN A 1 21  ? 10.402  -10.297 -7.560  1.00 28.54 ? 112  GLN A N   1 
ATOM   128  C  CA  . GLN A 1 21  ? 11.223  -11.149 -6.713  1.00 29.57 ? 112  GLN A CA  1 
ATOM   129  C  C   . GLN A 1 21  ? 12.455  -10.354 -6.300  1.00 29.08 ? 112  GLN A C   1 
ATOM   130  O  O   . GLN A 1 21  ? 13.189  -9.836  -7.145  1.00 26.00 ? 112  GLN A O   1 
ATOM   131  C  CB  . GLN A 1 21  ? 11.638  -12.413 -7.477  1.00 30.79 ? 112  GLN A CB  1 
ATOM   132  C  CG  . GLN A 1 21  ? 12.202  -13.528 -6.604  1.00 35.35 ? 112  GLN A CG  1 
ATOM   133  C  CD  . GLN A 1 21  ? 12.577  -14.761 -7.412  1.00 38.76 ? 112  GLN A CD  1 
ATOM   134  O  OE1 . GLN A 1 21  ? 11.869  -15.141 -8.348  1.00 38.96 ? 112  GLN A OE1 1 
ATOM   135  N  NE2 . GLN A 1 21  ? 13.688  -15.399 -7.046  1.00 40.33 ? 112  GLN A NE2 1 
ATOM   136  N  N   . SER A 1 22  ? 12.664  -10.243 -4.996  1.00 29.95 ? 113  SER A N   1 
ATOM   137  C  CA  . SER A 1 22  ? 13.806  -9.515  -4.464  1.00 34.22 ? 113  SER A CA  1 
ATOM   138  C  C   . SER A 1 22  ? 14.508  -10.381 -3.433  1.00 35.30 ? 113  SER A C   1 
ATOM   139  O  O   . SER A 1 22  ? 13.898  -11.267 -2.829  1.00 35.64 ? 113  SER A O   1 
ATOM   140  C  CB  . SER A 1 22  ? 13.359  -8.204  -3.806  1.00 35.82 ? 113  SER A CB  1 
ATOM   141  O  OG  . SER A 1 22  ? 12.777  -7.324  -4.751  1.00 40.80 ? 113  SER A OG  1 
ATOM   142  N  N   . GLY A 1 23  ? 15.795  -10.124 -3.243  1.00 36.99 ? 114  GLY A N   1 
ATOM   143  C  CA  . GLY A 1 23  ? 16.562  -10.884 -2.280  1.00 39.25 ? 114  GLY A CA  1 
ATOM   144  C  C   . GLY A 1 23  ? 16.532  -10.223 -0.920  1.00 41.22 ? 114  GLY A C   1 
ATOM   145  O  O   . GLY A 1 23  ? 15.700  -9.349  -0.652  1.00 40.51 ? 114  GLY A O   1 
ATOM   146  N  N   . THR A 1 24  ? 17.449  -10.639 -0.057  1.00 41.65 ? 115  THR A N   1 
ATOM   147  C  CA  . THR A 1 24  ? 17.530  -10.091 1.284   1.00 42.55 ? 115  THR A CA  1 
ATOM   148  C  C   . THR A 1 24  ? 18.904  -9.491  1.542   1.00 42.27 ? 115  THR A C   1 
ATOM   149  O  O   . THR A 1 24  ? 19.418  -9.551  2.657   1.00 42.07 ? 115  THR A O   1 
ATOM   150  C  CB  . THR A 1 24  ? 17.239  -11.173 2.334   1.00 43.24 ? 115  THR A CB  1 
ATOM   151  O  OG1 . THR A 1 24  ? 18.151  -12.264 2.164   1.00 43.72 ? 115  THR A OG1 1 
ATOM   152  C  CG2 . THR A 1 24  ? 15.817  -11.684 2.188   1.00 43.14 ? 115  THR A CG2 1 
ATOM   153  N  N   . ALA A 1 25  ? 19.498  -8.919  0.500   1.00 42.03 ? 116  ALA A N   1 
ATOM   154  C  CA  . ALA A 1 25  ? 20.806  -8.289  0.624   1.00 42.87 ? 116  ALA A CA  1 
ATOM   155  C  C   . ALA A 1 25  ? 20.679  -7.144  1.624   1.00 43.80 ? 116  ALA A C   1 
ATOM   156  O  O   . ALA A 1 25  ? 19.623  -6.516  1.730   1.00 43.86 ? 116  ALA A O   1 
ATOM   157  C  CB  . ALA A 1 25  ? 21.267  -7.759  -0.732  1.00 40.97 ? 116  ALA A CB  1 
ATOM   158  N  N   . LYS A 1 26  ? 21.755  -6.879  2.357   1.00 43.66 ? 117  LYS A N   1 
ATOM   159  C  CA  . LYS A 1 26  ? 21.726  -5.822  3.348   1.00 43.56 ? 117  LYS A CA  1 
ATOM   160  C  C   . LYS A 1 26  ? 21.369  -4.449  2.809   1.00 43.30 ? 117  LYS A C   1 
ATOM   161  O  O   . LYS A 1 26  ? 20.786  -3.631  3.524   1.00 43.58 ? 117  LYS A O   1 
ATOM   162  N  N   . SER A 1 27  ? 21.701  -4.194  1.547   1.00 42.11 ? 118  SER A N   1 
ATOM   163  C  CA  . SER A 1 27  ? 21.427  -2.895  0.945   1.00 41.21 ? 118  SER A CA  1 
ATOM   164  C  C   . SER A 1 27  ? 20.135  -2.820  0.138   1.00 39.82 ? 118  SER A C   1 
ATOM   165  O  O   . SER A 1 27  ? 19.841  -1.784  -0.459  1.00 40.43 ? 118  SER A O   1 
ATOM   166  C  CB  . SER A 1 27  ? 22.601  -2.468  0.057   1.00 41.30 ? 118  SER A CB  1 
ATOM   167  O  OG  . SER A 1 27  ? 22.740  -3.335  -1.054  1.00 43.25 ? 118  SER A OG  1 
ATOM   168  N  N   . VAL A 1 28  ? 19.362  -3.901  0.106   1.00 38.29 ? 119  VAL A N   1 
ATOM   169  C  CA  . VAL A 1 28  ? 18.107  -3.876  -0.642  1.00 37.79 ? 119  VAL A CA  1 
ATOM   170  C  C   . VAL A 1 28  ? 17.228  -2.783  -0.024  1.00 36.83 ? 119  VAL A C   1 
ATOM   171  O  O   . VAL A 1 28  ? 17.259  -2.572  1.188   1.00 37.64 ? 119  VAL A O   1 
ATOM   172  C  CB  . VAL A 1 28  ? 17.386  -5.245  -0.582  1.00 36.20 ? 119  VAL A CB  1 
ATOM   173  C  CG1 . VAL A 1 28  ? 16.743  -5.446  0.775   1.00 37.49 ? 119  VAL A CG1 1 
ATOM   174  C  CG2 . VAL A 1 28  ? 16.364  -5.339  -1.699  1.00 36.44 ? 119  VAL A CG2 1 
ATOM   175  N  N   . MET A 1 29  ? 16.459  -2.082  -0.848  1.00 37.11 ? 120  MET A N   1 
ATOM   176  C  CA  . MET A 1 29  ? 15.617  -0.997  -0.346  1.00 37.26 ? 120  MET A CA  1 
ATOM   177  C  C   . MET A 1 29  ? 14.168  -1.388  -0.070  1.00 36.08 ? 120  MET A C   1 
ATOM   178  O  O   . MET A 1 29  ? 13.512  -0.815  0.804   1.00 35.35 ? 120  MET A O   1 
ATOM   179  C  CB  . MET A 1 29  ? 15.672  0.178   -1.320  1.00 39.42 ? 120  MET A CB  1 
ATOM   180  C  CG  . MET A 1 29  ? 17.078  0.729   -1.486  1.00 43.41 ? 120  MET A CG  1 
ATOM   181  S  SD  . MET A 1 29  ? 17.135  2.211   -2.488  1.00 48.13 ? 120  MET A SD  1 
ATOM   182  C  CE  . MET A 1 29  ? 17.496  1.521   -4.103  1.00 49.44 ? 120  MET A CE  1 
ATOM   183  N  N   . CYS A 1 30  ? 13.666  -2.350  -0.832  1.00 34.48 ? 121  CYS A N   1 
ATOM   184  C  CA  . CYS A 1 30  ? 12.310  -2.850  -0.646  1.00 34.04 ? 121  CYS A CA  1 
ATOM   185  C  C   . CYS A 1 30  ? 12.315  -4.284  -1.142  1.00 32.43 ? 121  CYS A C   1 
ATOM   186  O  O   . CYS A 1 30  ? 12.782  -4.574  -2.245  1.00 32.21 ? 121  CYS A O   1 
ATOM   187  C  CB  . CYS A 1 30  ? 11.286  -2.003  -1.418  1.00 34.55 ? 121  CYS A CB  1 
ATOM   188  S  SG  . CYS A 1 30  ? 11.480  -1.956  -3.206  1.00 38.47 ? 121  CYS A SG  1 
ATOM   189  N  N   . THR A 1 31  ? 11.816  -5.187  -0.313  1.00 29.41 ? 122  THR A N   1 
ATOM   190  C  CA  . THR A 1 31  ? 11.800  -6.594  -0.667  1.00 28.32 ? 122  THR A CA  1 
ATOM   191  C  C   . THR A 1 31  ? 10.534  -7.241  -0.134  1.00 27.29 ? 122  THR A C   1 
ATOM   192  O  O   . THR A 1 31  ? 10.105  -6.973  0.991   1.00 25.21 ? 122  THR A O   1 
ATOM   193  C  CB  . THR A 1 31  ? 13.037  -7.314  -0.082  1.00 28.03 ? 122  THR A CB  1 
ATOM   194  O  OG1 . THR A 1 31  ? 13.008  -8.694  -0.454  1.00 29.18 ? 122  THR A OG1 1 
ATOM   195  C  CG2 . THR A 1 31  ? 13.053  -7.204  1.438   1.00 28.71 ? 122  THR A CG2 1 
ATOM   196  N  N   . TYR A 1 32  ? 9.931   -8.087  -0.955  1.00 26.92 ? 123  TYR A N   1 
ATOM   197  C  CA  . TYR A 1 32  ? 8.704   -8.765  -0.570  1.00 27.74 ? 123  TYR A CA  1 
ATOM   198  C  C   . TYR A 1 32  ? 8.962   -10.207 -0.161  1.00 28.39 ? 123  TYR A C   1 
ATOM   199  O  O   . TYR A 1 32  ? 9.714   -10.924 -0.820  1.00 28.59 ? 123  TYR A O   1 
ATOM   200  C  CB  . TYR A 1 32  ? 7.713   -8.735  -1.732  1.00 26.53 ? 123  TYR A CB  1 
ATOM   201  C  CG  . TYR A 1 32  ? 6.470   -9.558  -1.498  1.00 26.02 ? 123  TYR A CG  1 
ATOM   202  C  CD1 . TYR A 1 32  ? 5.510   -9.159  -0.565  1.00 26.54 ? 123  TYR A CD1 1 
ATOM   203  C  CD2 . TYR A 1 32  ? 6.246   -10.731 -2.215  1.00 26.08 ? 123  TYR A CD2 1 
ATOM   204  C  CE1 . TYR A 1 32  ? 4.362   -9.907  -0.357  1.00 24.07 ? 123  TYR A CE1 1 
ATOM   205  C  CE2 . TYR A 1 32  ? 5.098   -11.487 -2.014  1.00 25.36 ? 123  TYR A CE2 1 
ATOM   206  C  CZ  . TYR A 1 32  ? 4.160   -11.068 -1.083  1.00 24.54 ? 123  TYR A CZ  1 
ATOM   207  O  OH  . TYR A 1 32  ? 3.013   -11.802 -0.895  1.00 22.65 ? 123  TYR A OH  1 
ATOM   208  N  N   . SER A 1 33  ? 8.330   -10.625 0.931   1.00 28.85 ? 124  SER A N   1 
ATOM   209  C  CA  . SER A 1 33  ? 8.465   -11.992 1.425   1.00 28.64 ? 124  SER A CA  1 
ATOM   210  C  C   . SER A 1 33  ? 7.215   -12.802 1.112   1.00 28.54 ? 124  SER A C   1 
ATOM   211  O  O   . SER A 1 33  ? 6.153   -12.576 1.694   1.00 28.74 ? 124  SER A O   1 
ATOM   212  C  CB  . SER A 1 33  ? 8.696   -12.003 2.938   1.00 28.48 ? 124  SER A CB  1 
ATOM   213  O  OG  . SER A 1 33  ? 8.507   -13.310 3.456   1.00 28.81 ? 124  SER A OG  1 
ATOM   214  N  N   . PRO A 1 34  ? 7.319   -13.758 0.180   1.00 28.31 ? 125  PRO A N   1 
ATOM   215  C  CA  . PRO A 1 34  ? 6.147   -14.569 -0.154  1.00 29.57 ? 125  PRO A CA  1 
ATOM   216  C  C   . PRO A 1 34  ? 5.571   -15.368 1.025   1.00 30.74 ? 125  PRO A C   1 
ATOM   217  O  O   . PRO A 1 34  ? 4.359   -15.360 1.255   1.00 30.74 ? 125  PRO A O   1 
ATOM   218  C  CB  . PRO A 1 34  ? 6.663   -15.469 -1.276  1.00 29.67 ? 125  PRO A CB  1 
ATOM   219  C  CG  . PRO A 1 34  ? 7.660   -14.591 -1.964  1.00 29.00 ? 125  PRO A CG  1 
ATOM   220  C  CD  . PRO A 1 34  ? 8.400   -13.966 -0.801  1.00 28.90 ? 125  PRO A CD  1 
ATOM   221  N  N   . PRO A 1 35  ? 6.429   -16.064 1.791   1.00 29.98 ? 126  PRO A N   1 
ATOM   222  C  CA  . PRO A 1 35  ? 5.925   -16.850 2.925   1.00 30.31 ? 126  PRO A CA  1 
ATOM   223  C  C   . PRO A 1 35  ? 5.191   -16.031 3.990   1.00 30.61 ? 126  PRO A C   1 
ATOM   224  O  O   . PRO A 1 35  ? 4.257   -16.520 4.630   1.00 29.59 ? 126  PRO A O   1 
ATOM   225  C  CB  . PRO A 1 35  ? 7.187   -17.528 3.464   1.00 31.85 ? 126  PRO A CB  1 
ATOM   226  C  CG  . PRO A 1 35  ? 8.268   -16.544 3.130   1.00 32.50 ? 126  PRO A CG  1 
ATOM   227  C  CD  . PRO A 1 35  ? 7.901   -16.127 1.723   1.00 31.40 ? 126  PRO A CD  1 
ATOM   228  N  N   . LEU A 1 36  ? 5.615   -14.783 4.166   1.00 29.43 ? 127  LEU A N   1 
ATOM   229  C  CA  . LEU A 1 36  ? 5.004   -13.894 5.148   1.00 29.34 ? 127  LEU A CA  1 
ATOM   230  C  C   . LEU A 1 36  ? 4.006   -12.941 4.488   1.00 28.85 ? 127  LEU A C   1 
ATOM   231  O  O   . LEU A 1 36  ? 3.276   -12.227 5.181   1.00 27.61 ? 127  LEU A O   1 
ATOM   232  C  CB  . LEU A 1 36  ? 6.085   -13.064 5.843   1.00 28.36 ? 127  LEU A CB  1 
ATOM   233  C  CG  . LEU A 1 36  ? 7.246   -13.807 6.499   1.00 27.34 ? 127  LEU A CG  1 
ATOM   234  C  CD1 . LEU A 1 36  ? 8.225   -12.803 7.071   1.00 28.08 ? 127  LEU A CD1 1 
ATOM   235  C  CD2 . LEU A 1 36  ? 6.719   -14.719 7.584   1.00 28.78 ? 127  LEU A CD2 1 
ATOM   236  N  N   . ASN A 1 37  ? 3.972   -12.952 3.154   1.00 27.51 ? 128  ASN A N   1 
ATOM   237  C  CA  . ASN A 1 37  ? 3.108   -12.051 2.394   1.00 26.39 ? 128  ASN A CA  1 
ATOM   238  C  C   . ASN A 1 37  ? 3.304   -10.694 3.040   1.00 26.20 ? 128  ASN A C   1 
ATOM   239  O  O   . ASN A 1 37  ? 2.350   -10.013 3.414   1.00 25.16 ? 128  ASN A O   1 
ATOM   240  C  CB  . ASN A 1 37  ? 1.637   -12.468 2.480   1.00 25.88 ? 128  ASN A CB  1 
ATOM   241  C  CG  . ASN A 1 37  ? 0.728   -11.533 1.697   1.00 27.30 ? 128  ASN A CG  1 
ATOM   242  O  OD1 . ASN A 1 37  ? 1.127   -10.985 0.669   1.00 26.49 ? 128  ASN A OD1 1 
ATOM   243  N  ND2 . ASN A 1 37  ? -0.497  -11.355 2.174   1.00 25.80 ? 128  ASN A ND2 1 
ATOM   244  N  N   . LYS A 1 38  ? 4.571   -10.317 3.170   1.00 25.61 ? 129  LYS A N   1 
ATOM   245  C  CA  . LYS A 1 38  ? 4.931   -9.070  3.813   1.00 24.93 ? 129  LYS A CA  1 
ATOM   246  C  C   . LYS A 1 38  ? 5.966   -8.269  3.040   1.00 24.23 ? 129  LYS A C   1 
ATOM   247  O  O   . LYS A 1 38  ? 6.973   -8.810  2.561   1.00 22.40 ? 129  LYS A O   1 
ATOM   248  C  CB  . LYS A 1 38  ? 5.452   -9.369  5.216   1.00 25.14 ? 129  LYS A CB  1 
ATOM   249  C  CG  . LYS A 1 38  ? 5.781   -8.143  6.043   1.00 26.72 ? 129  LYS A CG  1 
ATOM   250  C  CD  . LYS A 1 38  ? 5.970   -8.526  7.491   1.00 26.05 ? 129  LYS A CD  1 
ATOM   251  C  CE  . LYS A 1 38  ? 6.196   -7.309  8.356   1.00 27.83 ? 129  LYS A CE  1 
ATOM   252  N  NZ  . LYS A 1 38  ? 6.231   -7.702  9.782   1.00 32.35 ? 129  LYS A NZ  1 
ATOM   253  N  N   . LEU A 1 39  ? 5.698   -6.973  2.922   1.00 22.31 ? 130  LEU A N   1 
ATOM   254  C  CA  . LEU A 1 39  ? 6.590   -6.053  2.235   1.00 23.44 ? 130  LEU A CA  1 
ATOM   255  C  C   . LEU A 1 39  ? 7.501   -5.380  3.253   1.00 23.93 ? 130  LEU A C   1 
ATOM   256  O  O   . LEU A 1 39  ? 7.037   -4.887  4.284   1.00 23.02 ? 130  LEU A O   1 
ATOM   257  C  CB  . LEU A 1 39  ? 5.780   -4.983  1.498   1.00 23.19 ? 130  LEU A CB  1 
ATOM   258  C  CG  . LEU A 1 39  ? 6.589   -3.799  0.957   1.00 24.73 ? 130  LEU A CG  1 
ATOM   259  C  CD1 . LEU A 1 39  ? 7.567   -4.285  -0.109  1.00 24.37 ? 130  LEU A CD1 1 
ATOM   260  C  CD2 . LEU A 1 39  ? 5.650   -2.751  0.384   1.00 23.48 ? 130  LEU A CD2 1 
ATOM   261  N  N   . PHE A 1 40  ? 8.798   -5.377  2.964   1.00 22.98 ? 131  PHE A N   1 
ATOM   262  C  CA  . PHE A 1 40  ? 9.789   -4.745  3.828   1.00 23.84 ? 131  PHE A CA  1 
ATOM   263  C  C   . PHE A 1 40  ? 10.373  -3.612  2.997   1.00 23.69 ? 131  PHE A C   1 
ATOM   264  O  O   . PHE A 1 40  ? 10.909  -3.847  1.919   1.00 23.30 ? 131  PHE A O   1 
ATOM   265  C  CB  . PHE A 1 40  ? 10.889  -5.746  4.206   1.00 23.59 ? 131  PHE A CB  1 
ATOM   266  C  CG  . PHE A 1 40  ? 10.423  -6.835  5.130   1.00 25.07 ? 131  PHE A CG  1 
ATOM   267  C  CD1 . PHE A 1 40  ? 10.609  -6.726  6.504   1.00 23.82 ? 131  PHE A CD1 1 
ATOM   268  C  CD2 . PHE A 1 40  ? 9.760   -7.953  4.630   1.00 25.84 ? 131  PHE A CD2 1 
ATOM   269  C  CE1 . PHE A 1 40  ? 10.138  -7.714  7.367   1.00 25.47 ? 131  PHE A CE1 1 
ATOM   270  C  CE2 . PHE A 1 40  ? 9.285   -8.944  5.483   1.00 26.65 ? 131  PHE A CE2 1 
ATOM   271  C  CZ  . PHE A 1 40  ? 9.474   -8.824  6.857   1.00 26.81 ? 131  PHE A CZ  1 
ATOM   272  N  N   . CYS A 1 41  ? 10.255  -2.382  3.480   1.00 24.15 ? 132  CYS A N   1 
ATOM   273  C  CA  . CYS A 1 41  ? 10.770  -1.250  2.720   1.00 24.78 ? 132  CYS A CA  1 
ATOM   274  C  C   . CYS A 1 41  ? 11.282  -0.121  3.584   1.00 26.65 ? 132  CYS A C   1 
ATOM   275  O  O   . CYS A 1 41  ? 10.890  0.028   4.742   1.00 27.42 ? 132  CYS A O   1 
ATOM   276  C  CB  . CYS A 1 41  ? 9.691   -0.711  1.783   1.00 26.00 ? 132  CYS A CB  1 
ATOM   277  S  SG  . CYS A 1 41  ? 8.213   -0.139  2.638   1.00 26.17 ? 132  CYS A SG  1 
ATOM   278  N  N   . GLN A 1 42  ? 12.167  0.683   3.006   1.00 27.39 ? 133  GLN A N   1 
ATOM   279  C  CA  . GLN A 1 42  ? 12.737  1.815   3.712   1.00 28.88 ? 133  GLN A CA  1 
ATOM   280  C  C   . GLN A 1 42  ? 11.794  2.999   3.603   1.00 27.68 ? 133  GLN A C   1 
ATOM   281  O  O   . GLN A 1 42  ? 10.948  3.054   2.710   1.00 26.70 ? 133  GLN A O   1 
ATOM   282  C  CB  . GLN A 1 42  ? 14.101  2.168   3.120   1.00 31.58 ? 133  GLN A CB  1 
ATOM   283  C  CG  . GLN A 1 42  ? 15.161  1.118   3.385   1.00 36.10 ? 133  GLN A CG  1 
ATOM   284  C  CD  . GLN A 1 42  ? 16.498  1.478   2.771   1.00 40.33 ? 133  GLN A CD  1 
ATOM   285  O  OE1 . GLN A 1 42  ? 16.945  2.620   2.868   1.00 43.92 ? 133  GLN A OE1 1 
ATOM   286  N  NE2 . GLN A 1 42  ? 17.151  0.500   2.146   1.00 40.77 ? 133  GLN A NE2 1 
ATOM   287  N  N   . LEU A 1 43  ? 11.954  3.947   4.515   1.00 28.01 ? 134  LEU A N   1 
ATOM   288  C  CA  . LEU A 1 43  ? 11.120  5.135   4.557   1.00 27.88 ? 134  LEU A CA  1 
ATOM   289  C  C   . LEU A 1 43  ? 11.101  5.908   3.241   1.00 29.48 ? 134  LEU A C   1 
ATOM   290  O  O   . LEU A 1 43  ? 12.149  6.252   2.690   1.00 28.78 ? 134  LEU A O   1 
ATOM   291  C  CB  . LEU A 1 43  ? 11.595  6.047   5.691   1.00 28.88 ? 134  LEU A CB  1 
ATOM   292  C  CG  . LEU A 1 43  ? 10.866  7.367   5.970   1.00 28.78 ? 134  LEU A CG  1 
ATOM   293  C  CD1 . LEU A 1 43  ? 9.474   7.106   6.523   1.00 28.32 ? 134  LEU A CD1 1 
ATOM   294  C  CD2 . LEU A 1 43  ? 11.679  8.165   6.983   1.00 30.08 ? 134  LEU A CD2 1 
ATOM   295  N  N   . ALA A 1 44  ? 9.893   6.167   2.745   1.00 27.92 ? 135  ALA A N   1 
ATOM   296  C  CA  . ALA A 1 44  ? 9.683   6.918   1.511   1.00 28.61 ? 135  ALA A CA  1 
ATOM   297  C  C   . ALA A 1 44  ? 10.283  6.308   0.246   1.00 28.52 ? 135  ALA A C   1 
ATOM   298  O  O   . ALA A 1 44  ? 10.457  7.007   -0.747  1.00 29.42 ? 135  ALA A O   1 
ATOM   299  C  CB  . ALA A 1 44  ? 10.192  8.349   1.682   1.00 28.44 ? 135  ALA A CB  1 
ATOM   300  N  N   . LYS A 1 45  ? 10.599  5.018   0.267   1.00 30.39 ? 136  LYS A N   1 
ATOM   301  C  CA  . LYS A 1 45  ? 11.158  4.387   -0.923  1.00 30.41 ? 136  LYS A CA  1 
ATOM   302  C  C   . LYS A 1 45  ? 10.065  3.729   -1.755  1.00 30.71 ? 136  LYS A C   1 
ATOM   303  O  O   . LYS A 1 45  ? 9.250   2.961   -1.245  1.00 28.55 ? 136  LYS A O   1 
ATOM   304  C  CB  . LYS A 1 45  ? 12.230  3.363   -0.543  1.00 33.14 ? 136  LYS A CB  1 
ATOM   305  C  CG  . LYS A 1 45  ? 13.474  4.017   0.041   1.00 38.60 ? 136  LYS A CG  1 
ATOM   306  C  CD  . LYS A 1 45  ? 14.688  3.105   -0.022  1.00 42.51 ? 136  LYS A CD  1 
ATOM   307  C  CE  . LYS A 1 45  ? 15.946  3.847   0.415   1.00 44.97 ? 136  LYS A CE  1 
ATOM   308  N  NZ  . LYS A 1 45  ? 17.156  2.975   0.394   1.00 48.26 ? 136  LYS A NZ  1 
ATOM   309  N  N   . THR A 1 46  ? 10.060  4.056   -3.042  1.00 31.83 ? 137  THR A N   1 
ATOM   310  C  CA  . THR A 1 46  ? 9.078   3.542   -3.987  1.00 32.01 ? 137  THR A CA  1 
ATOM   311  C  C   . THR A 1 46  ? 9.008   2.025   -4.000  1.00 30.77 ? 137  THR A C   1 
ATOM   312  O  O   . THR A 1 46  ? 10.028  1.339   -4.055  1.00 29.31 ? 137  THR A O   1 
ATOM   313  C  CB  . THR A 1 46  ? 9.378   4.046   -5.415  1.00 35.04 ? 137  THR A CB  1 
ATOM   314  O  OG1 . THR A 1 46  ? 9.186   5.466   -5.467  1.00 38.94 ? 137  THR A OG1 1 
ATOM   315  C  CG2 . THR A 1 46  ? 8.455   3.385   -6.427  1.00 36.80 ? 137  THR A CG2 1 
ATOM   316  N  N   . CYS A 1 47  ? 7.785   1.514   -3.946  1.00 28.66 ? 138  CYS A N   1 
ATOM   317  C  CA  . CYS A 1 47  ? 7.540   0.082   -3.952  1.00 27.57 ? 138  CYS A CA  1 
ATOM   318  C  C   . CYS A 1 47  ? 6.599   -0.258  -5.098  1.00 26.11 ? 138  CYS A C   1 
ATOM   319  O  O   . CYS A 1 47  ? 5.421   0.117   -5.079  1.00 24.39 ? 138  CYS A O   1 
ATOM   320  C  CB  . CYS A 1 47  ? 6.904   -0.353  -2.625  1.00 29.66 ? 138  CYS A CB  1 
ATOM   321  S  SG  . CYS A 1 47  ? 7.904   -0.025  -1.151  1.00 30.80 ? 138  CYS A SG  1 
ATOM   322  N  N   . PRO A 1 48  ? 7.109   -0.953  -6.128  1.00 25.99 ? 139  PRO A N   1 
ATOM   323  C  CA  . PRO A 1 48  ? 6.246   -1.313  -7.251  1.00 24.17 ? 139  PRO A CA  1 
ATOM   324  C  C   . PRO A 1 48  ? 5.348   -2.482  -6.855  1.00 24.69 ? 139  PRO A C   1 
ATOM   325  O  O   . PRO A 1 48  ? 5.826   -3.513  -6.390  1.00 25.78 ? 139  PRO A O   1 
ATOM   326  C  CB  . PRO A 1 48  ? 7.246   -1.690  -8.346  1.00 25.67 ? 139  PRO A CB  1 
ATOM   327  C  CG  . PRO A 1 48  ? 8.368   -2.299  -7.561  1.00 25.54 ? 139  PRO A CG  1 
ATOM   328  C  CD  . PRO A 1 48  ? 8.511   -1.321  -6.401  1.00 23.58 ? 139  PRO A CD  1 
ATOM   329  N  N   . VAL A 1 49  ? 4.042   -2.306  -7.010  1.00 21.74 ? 140  VAL A N   1 
ATOM   330  C  CA  . VAL A 1 49  ? 3.097   -3.362  -6.682  1.00 19.59 ? 140  VAL A CA  1 
ATOM   331  C  C   . VAL A 1 49  ? 2.332   -3.681  -7.947  1.00 19.09 ? 140  VAL A C   1 
ATOM   332  O  O   . VAL A 1 49  ? 1.814   -2.781  -8.609  1.00 17.69 ? 140  VAL A O   1 
ATOM   333  C  CB  . VAL A 1 49  ? 2.124   -2.929  -5.561  1.00 19.58 ? 140  VAL A CB  1 
ATOM   334  C  CG1 . VAL A 1 49  ? 0.992   -3.942  -5.420  1.00 19.14 ? 140  VAL A CG1 1 
ATOM   335  C  CG2 . VAL A 1 49  ? 2.882   -2.817  -4.251  1.00 17.33 ? 140  VAL A CG2 1 
ATOM   336  N  N   . GLN A 1 50  ? 2.281   -4.963  -8.293  1.00 16.93 ? 141  GLN A N   1 
ATOM   337  C  CA  . GLN A 1 50  ? 1.598   -5.384  -9.503  1.00 18.15 ? 141  GLN A CA  1 
ATOM   338  C  C   . GLN A 1 50  ? 0.136   -5.708  -9.277  1.00 17.59 ? 141  GLN A C   1 
ATOM   339  O  O   . GLN A 1 50  ? -0.227  -6.335  -8.284  1.00 22.71 ? 141  GLN A O   1 
ATOM   340  C  CB  . GLN A 1 50  ? 2.288   -6.618  -10.092 1.00 19.99 ? 141  GLN A CB  1 
ATOM   341  C  CG  . GLN A 1 50  ? 3.783   -6.473  -10.278 1.00 23.13 ? 141  GLN A CG  1 
ATOM   342  C  CD  . GLN A 1 50  ? 4.409   -7.751  -10.797 1.00 26.34 ? 141  GLN A CD  1 
ATOM   343  O  OE1 . GLN A 1 50  ? 3.985   -8.851  -10.436 1.00 24.72 ? 141  GLN A OE1 1 
ATOM   344  N  NE2 . GLN A 1 50  ? 5.430   -7.615  -11.636 1.00 25.77 ? 141  GLN A NE2 1 
ATOM   345  N  N   . LEU A 1 51  ? -0.703  -5.277  -10.206 1.00 17.85 ? 142  LEU A N   1 
ATOM   346  C  CA  . LEU A 1 51  ? -2.127  -5.554  -10.127 1.00 21.34 ? 142  LEU A CA  1 
ATOM   347  C  C   . LEU A 1 51  ? -2.415  -6.551  -11.235 1.00 21.96 ? 142  LEU A C   1 
ATOM   348  O  O   . LEU A 1 51  ? -2.236  -6.239  -12.412 1.00 23.21 ? 142  LEU A O   1 
ATOM   349  C  CB  . LEU A 1 51  ? -2.949  -4.283  -10.358 1.00 20.32 ? 142  LEU A CB  1 
ATOM   350  C  CG  . LEU A 1 51  ? -2.612  -3.066  -9.492  1.00 24.23 ? 142  LEU A CG  1 
ATOM   351  C  CD1 . LEU A 1 51  ? -3.575  -1.936  -9.838  1.00 22.87 ? 142  LEU A CD1 1 
ATOM   352  C  CD2 . LEU A 1 51  ? -2.708  -3.427  -8.017  1.00 21.91 ? 142  LEU A CD2 1 
ATOM   353  N  N   . TRP A 1 52  ? -2.842  -7.751  -10.856 1.00 21.80 ? 143  TRP A N   1 
ATOM   354  C  CA  . TRP A 1 52  ? -3.157  -8.792  -11.829 1.00 22.05 ? 143  TRP A CA  1 
ATOM   355  C  C   . TRP A 1 52  ? -4.658  -9.034  -11.869 1.00 22.31 ? 143  TRP A C   1 
ATOM   356  O  O   . TRP A 1 52  ? -5.326  -8.984  -10.837 1.00 23.64 ? 143  TRP A O   1 
ATOM   357  C  CB  . TRP A 1 52  ? -2.468  -10.115 -11.465 1.00 22.30 ? 143  TRP A CB  1 
ATOM   358  C  CG  . TRP A 1 52  ? -0.969  -10.095 -11.524 1.00 25.77 ? 143  TRP A CG  1 
ATOM   359  C  CD1 . TRP A 1 52  ? -0.122  -9.467  -10.665 1.00 24.68 ? 143  TRP A CD1 1 
ATOM   360  C  CD2 . TRP A 1 52  ? -0.143  -10.745 -12.502 1.00 27.36 ? 143  TRP A CD2 1 
ATOM   361  N  NE1 . TRP A 1 52  ? 1.183   -9.682  -11.042 1.00 27.45 ? 143  TRP A NE1 1 
ATOM   362  C  CE2 . TRP A 1 52  ? 1.200   -10.461 -12.167 1.00 27.92 ? 143  TRP A CE2 1 
ATOM   363  C  CE3 . TRP A 1 52  ? -0.407  -11.537 -13.628 1.00 28.57 ? 143  TRP A CE3 1 
ATOM   364  C  CZ2 . TRP A 1 52  ? 2.280   -10.942 -12.920 1.00 28.17 ? 143  TRP A CZ2 1 
ATOM   365  C  CZ3 . TRP A 1 52  ? 0.670   -12.017 -14.380 1.00 28.87 ? 143  TRP A CZ3 1 
ATOM   366  C  CH2 . TRP A 1 52  ? 1.994   -11.715 -14.020 1.00 30.16 ? 143  TRP A CH2 1 
ATOM   367  N  N   . VAL A 1 53  ? -5.176  -9.289  -13.064 1.00 21.45 ? 144  VAL A N   1 
ATOM   368  C  CA  . VAL A 1 53  ? -6.593  -9.580  -13.263 1.00 22.41 ? 144  VAL A CA  1 
ATOM   369  C  C   . VAL A 1 53  ? -6.690  -10.675 -14.319 1.00 25.43 ? 144  VAL A C   1 
ATOM   370  O  O   . VAL A 1 53  ? -5.796  -10.818 -15.156 1.00 24.80 ? 144  VAL A O   1 
ATOM   371  C  CB  . VAL A 1 53  ? -7.398  -8.341  -13.753 1.00 21.34 ? 144  VAL A CB  1 
ATOM   372  C  CG1 . VAL A 1 53  ? -7.568  -7.334  -12.615 1.00 20.19 ? 144  VAL A CG1 1 
ATOM   373  C  CG2 . VAL A 1 53  ? -6.700  -7.693  -14.938 1.00 20.62 ? 144  VAL A CG2 1 
ATOM   374  N  N   . SER A 1 54  ? -7.761  -11.457 -14.268 1.00 24.70 ? 145  SER A N   1 
ATOM   375  C  CA  . SER A 1 54  ? -7.963  -12.528 -15.233 1.00 27.40 ? 145  SER A CA  1 
ATOM   376  C  C   . SER A 1 54  ? -8.891  -12.013 -16.331 1.00 28.32 ? 145  SER A C   1 
ATOM   377  O  O   . SER A 1 54  ? -9.013  -12.616 -17.394 1.00 29.09 ? 145  SER A O   1 
ATOM   378  C  CB  . SER A 1 54  ? -8.589  -13.743 -14.546 1.00 28.99 ? 145  SER A CB  1 
ATOM   379  O  OG  . SER A 1 54  ? -9.822  -13.396 -13.943 1.00 30.73 ? 145  SER A OG  1 
ATOM   380  N  N   . ALA A 1 55  ? -9.542  -10.888 -16.056 1.00 27.49 ? 146  ALA A N   1 
ATOM   381  C  CA  . ALA A 1 55  ? -10.452 -10.258 -17.002 1.00 27.60 ? 146  ALA A CA  1 
ATOM   382  C  C   . ALA A 1 55  ? -10.398 -8.753  -16.771 1.00 27.80 ? 146  ALA A C   1 
ATOM   383  O  O   . ALA A 1 55  ? -10.144 -8.297  -15.662 1.00 27.63 ? 146  ALA A O   1 
ATOM   384  C  CB  . ALA A 1 55  ? -11.865 -10.777 -16.802 1.00 27.64 ? 146  ALA A CB  1 
ATOM   385  N  N   . THR A 1 56  ? -10.636 -7.988  -17.827 1.00 28.85 ? 147  THR A N   1 
ATOM   386  C  CA  . THR A 1 56  ? -10.589 -6.533  -17.757 1.00 29.86 ? 147  THR A CA  1 
ATOM   387  C  C   . THR A 1 56  ? -11.755 -5.921  -16.998 1.00 28.62 ? 147  THR A C   1 
ATOM   388  O  O   . THR A 1 56  ? -12.911 -6.103  -17.369 1.00 27.62 ? 147  THR A O   1 
ATOM   389  C  CB  . THR A 1 56  ? -10.572 -5.923  -19.162 1.00 31.82 ? 147  THR A CB  1 
ATOM   390  O  OG1 . THR A 1 56  ? -9.569  -6.577  -19.947 1.00 33.65 ? 147  THR A OG1 1 
ATOM   391  C  CG2 . THR A 1 56  ? -10.269 -4.428  -19.090 1.00 32.97 ? 147  THR A CG2 1 
ATOM   392  N  N   . PRO A 1 57  ? -11.462 -5.186  -15.917 1.00 27.72 ? 148  PRO A N   1 
ATOM   393  C  CA  . PRO A 1 57  ? -12.510 -4.546  -15.122 1.00 26.80 ? 148  PRO A CA  1 
ATOM   394  C  C   . PRO A 1 57  ? -13.242 -3.525  -15.989 1.00 26.85 ? 148  PRO A C   1 
ATOM   395  O  O   . PRO A 1 57  ? -12.695 -3.041  -16.977 1.00 23.86 ? 148  PRO A O   1 
ATOM   396  C  CB  . PRO A 1 57  ? -11.731 -3.874  -13.994 1.00 27.13 ? 148  PRO A CB  1 
ATOM   397  C  CG  . PRO A 1 57  ? -10.522 -4.745  -13.842 1.00 28.33 ? 148  PRO A CG  1 
ATOM   398  C  CD  . PRO A 1 57  ? -10.145 -5.030  -15.276 1.00 28.49 ? 148  PRO A CD  1 
ATOM   399  N  N   . PRO A 1 58  ? -14.488 -3.182  -15.630 1.00 27.94 ? 149  PRO A N   1 
ATOM   400  C  CA  . PRO A 1 58  ? -15.223 -2.200  -16.436 1.00 28.02 ? 149  PRO A CA  1 
ATOM   401  C  C   . PRO A 1 58  ? -14.515 -0.843  -16.439 1.00 25.90 ? 149  PRO A C   1 
ATOM   402  O  O   . PRO A 1 58  ? -13.760 -0.527  -15.515 1.00 25.88 ? 149  PRO A O   1 
ATOM   403  C  CB  . PRO A 1 58  ? -16.596 -2.156  -15.762 1.00 28.55 ? 149  PRO A CB  1 
ATOM   404  C  CG  . PRO A 1 58  ? -16.279 -2.482  -14.324 1.00 30.46 ? 149  PRO A CG  1 
ATOM   405  C  CD  . PRO A 1 58  ? -15.281 -3.614  -14.466 1.00 28.76 ? 149  PRO A CD  1 
ATOM   406  N  N   . ALA A 1 59  ? -14.752 -0.053  -17.481 1.00 26.21 ? 150  ALA A N   1 
ATOM   407  C  CA  . ALA A 1 59  ? -14.130 1.262   -17.594 1.00 25.64 ? 150  ALA A CA  1 
ATOM   408  C  C   . ALA A 1 59  ? -14.460 2.120   -16.377 1.00 25.47 ? 150  ALA A C   1 
ATOM   409  O  O   . ALA A 1 59  ? -15.534 1.994   -15.787 1.00 23.88 ? 150  ALA A O   1 
ATOM   410  C  CB  . ALA A 1 59  ? -14.604 1.959   -18.868 1.00 27.26 ? 150  ALA A CB  1 
ATOM   411  N  N   . GLY A 1 60  ? -13.525 2.987   -16.004 1.00 25.13 ? 151  GLY A N   1 
ATOM   412  C  CA  . GLY A 1 60  ? -13.743 3.861   -14.868 1.00 23.95 ? 151  GLY A CA  1 
ATOM   413  C  C   . GLY A 1 60  ? -13.495 3.218   -13.516 1.00 23.56 ? 151  GLY A C   1 
ATOM   414  O  O   . GLY A 1 60  ? -13.830 3.799   -12.485 1.00 20.63 ? 151  GLY A O   1 
ATOM   415  N  N   . SER A 1 61  ? -12.916 2.023   -13.504 1.00 21.24 ? 152  SER A N   1 
ATOM   416  C  CA  . SER A 1 61  ? -12.639 1.362   -12.240 1.00 20.65 ? 152  SER A CA  1 
ATOM   417  C  C   . SER A 1 61  ? -11.505 2.112   -11.552 1.00 20.00 ? 152  SER A C   1 
ATOM   418  O  O   . SER A 1 61  ? -10.724 2.812   -12.198 1.00 19.74 ? 152  SER A O   1 
ATOM   419  C  CB  . SER A 1 61  ? -12.272 -0.112  -12.461 1.00 20.41 ? 152  SER A CB  1 
ATOM   420  O  OG  . SER A 1 61  ? -13.406 -0.846  -12.902 1.00 17.86 ? 152  SER A OG  1 
ATOM   421  N  N   . ARG A 1 62  ? -11.422 1.959   -10.237 1.00 18.83 ? 153  ARG A N   1 
ATOM   422  C  CA  . ARG A 1 62  ? -10.426 2.647   -9.436  1.00 16.37 ? 153  ARG A CA  1 
ATOM   423  C  C   . ARG A 1 62  ? -9.696  1.678   -8.528  1.00 16.10 ? 153  ARG A C   1 
ATOM   424  O  O   . ARG A 1 62  ? -10.208 0.599   -8.220  1.00 16.83 ? 153  ARG A O   1 
ATOM   425  C  CB  . ARG A 1 62  ? -11.130 3.733   -8.612  1.00 18.95 ? 153  ARG A CB  1 
ATOM   426  C  CG  . ARG A 1 62  ? -11.844 4.771   -9.488  1.00 18.75 ? 153  ARG A CG  1 
ATOM   427  C  CD  . ARG A 1 62  ? -13.120 5.301   -8.843  1.00 18.49 ? 153  ARG A CD  1 
ATOM   428  N  NE  . ARG A 1 62  ? -12.863 6.019   -7.598  1.00 17.51 ? 153  ARG A NE  1 
ATOM   429  C  CZ  . ARG A 1 62  ? -12.304 7.222   -7.523  1.00 17.22 ? 153  ARG A CZ  1 
ATOM   430  N  NH1 . ARG A 1 62  ? -11.935 7.859   -8.624  1.00 17.03 ? 153  ARG A NH1 1 
ATOM   431  N  NH2 . ARG A 1 62  ? -12.115 7.793   -6.341  1.00 16.03 ? 153  ARG A NH2 1 
ATOM   432  N  N   . VAL A 1 63  ? -8.497  2.067   -8.107  1.00 15.95 ? 154  VAL A N   1 
ATOM   433  C  CA  . VAL A 1 63  ? -7.679  1.244   -7.228  1.00 16.68 ? 154  VAL A CA  1 
ATOM   434  C  C   . VAL A 1 63  ? -7.334  2.043   -5.986  1.00 17.03 ? 154  VAL A C   1 
ATOM   435  O  O   . VAL A 1 63  ? -6.647  3.065   -6.061  1.00 15.28 ? 154  VAL A O   1 
ATOM   436  C  CB  . VAL A 1 63  ? -6.371  0.818   -7.912  1.00 18.73 ? 154  VAL A CB  1 
ATOM   437  C  CG1 . VAL A 1 63  ? -5.557  -0.068  -6.970  1.00 17.23 ? 154  VAL A CG1 1 
ATOM   438  C  CG2 . VAL A 1 63  ? -6.687  0.087   -9.207  1.00 17.93 ? 154  VAL A CG2 1 
ATOM   439  N  N   . ARG A 1 64  ? -7.808  1.561   -4.844  1.00 15.99 ? 155  ARG A N   1 
ATOM   440  C  CA  . ARG A 1 64  ? -7.581  2.229   -3.573  1.00 15.13 ? 155  ARG A CA  1 
ATOM   441  C  C   . ARG A 1 64  ? -6.570  1.499   -2.702  1.00 16.42 ? 155  ARG A C   1 
ATOM   442  O  O   . ARG A 1 64  ? -6.590  0.272   -2.605  1.00 17.41 ? 155  ARG A O   1 
ATOM   443  C  CB  . ARG A 1 64  ? -8.907  2.331   -2.804  1.00 17.13 ? 155  ARG A CB  1 
ATOM   444  C  CG  . ARG A 1 64  ? -8.831  3.118   -1.502  1.00 14.94 ? 155  ARG A CG  1 
ATOM   445  C  CD  . ARG A 1 64  ? -10.086 2.899   -0.647  1.00 13.26 ? 155  ARG A CD  1 
ATOM   446  N  NE  . ARG A 1 64  ? -11.330 3.209   -1.356  1.00 16.67 ? 155  ARG A NE  1 
ATOM   447  C  CZ  . ARG A 1 64  ? -11.868 4.425   -1.443  1.00 18.28 ? 155  ARG A CZ  1 
ATOM   448  N  NH1 . ARG A 1 64  ? -11.277 5.465   -0.862  1.00 17.10 ? 155  ARG A NH1 1 
ATOM   449  N  NH2 . ARG A 1 64  ? -13.000 4.602   -2.110  1.00 17.54 ? 155  ARG A NH2 1 
ATOM   450  N  N   . ALA A 1 65  ? -5.692  2.263   -2.064  1.00 15.32 ? 156  ALA A N   1 
ATOM   451  C  CA  . ALA A 1 65  ? -4.712  1.702   -1.150  1.00 17.73 ? 156  ALA A CA  1 
ATOM   452  C  C   . ALA A 1 65  ? -5.023  2.333   0.208   1.00 19.59 ? 156  ALA A C   1 
ATOM   453  O  O   . ALA A 1 65  ? -5.158  3.549   0.315   1.00 17.10 ? 156  ALA A O   1 
ATOM   454  C  CB  . ALA A 1 65  ? -3.306  2.065   -1.587  1.00 17.54 ? 156  ALA A CB  1 
ATOM   455  N  N   . MET A 1 66  ? -5.153  1.500   1.234   1.00 19.60 ? 157  MET A N   1 
ATOM   456  C  CA  . MET A 1 66  ? -5.454  1.974   2.583   1.00 20.15 ? 157  MET A CA  1 
ATOM   457  C  C   . MET A 1 66  ? -4.693  1.130   3.595   1.00 20.37 ? 157  MET A C   1 
ATOM   458  O  O   . MET A 1 66  ? -4.549  -0.077  3.414   1.00 19.48 ? 157  MET A O   1 
ATOM   459  C  CB  . MET A 1 66  ? -6.960  1.859   2.863   1.00 20.54 ? 157  MET A CB  1 
ATOM   460  C  CG  . MET A 1 66  ? -7.351  2.171   4.306   1.00 23.25 ? 157  MET A CG  1 
ATOM   461  S  SD  . MET A 1 66  ? -9.102  1.838   4.625   1.00 25.97 ? 157  MET A SD  1 
ATOM   462  C  CE  . MET A 1 66  ? -9.859  3.243   3.860   1.00 24.14 ? 157  MET A CE  1 
ATOM   463  N  N   . ALA A 1 67  ? -4.203  1.770   4.654   1.00 18.53 ? 158  ALA A N   1 
ATOM   464  C  CA  . ALA A 1 67  ? -3.476  1.062   5.697   1.00 19.25 ? 158  ALA A CA  1 
ATOM   465  C  C   . ALA A 1 67  ? -4.359  0.849   6.927   1.00 21.12 ? 158  ALA A C   1 
ATOM   466  O  O   . ALA A 1 67  ? -5.143  1.728   7.302   1.00 21.05 ? 158  ALA A O   1 
ATOM   467  C  CB  . ALA A 1 67  ? -2.225  1.846   6.092   1.00 18.73 ? 158  ALA A CB  1 
ATOM   468  N  N   . ILE A 1 68  ? -4.239  -0.325  7.541   1.00 21.09 ? 159  ILE A N   1 
ATOM   469  C  CA  . ILE A 1 68  ? -4.985  -0.642  8.752   1.00 20.63 ? 159  ILE A CA  1 
ATOM   470  C  C   . ILE A 1 68  ? -4.040  -1.413  9.663   1.00 21.79 ? 159  ILE A C   1 
ATOM   471  O  O   . ILE A 1 68  ? -3.117  -2.073  9.185   1.00 22.22 ? 159  ILE A O   1 
ATOM   472  C  CB  . ILE A 1 68  ? -6.221  -1.528  8.470   1.00 23.56 ? 159  ILE A CB  1 
ATOM   473  C  CG1 . ILE A 1 68  ? -5.784  -2.856  7.836   1.00 22.87 ? 159  ILE A CG1 1 
ATOM   474  C  CG2 . ILE A 1 68  ? -7.201  -0.787  7.565   1.00 21.34 ? 159  ILE A CG2 1 
ATOM   475  C  CD1 . ILE A 1 68  ? -6.894  -3.885  7.755   1.00 25.11 ? 159  ILE A CD1 1 
ATOM   476  N  N   . TYR A 1 69  ? -4.243  -1.319  10.971  1.00 19.45 ? 160  TYR A N   1 
ATOM   477  C  CA  . TYR A 1 69  ? -3.394  -2.065  11.886  1.00 19.87 ? 160  TYR A CA  1 
ATOM   478  C  C   . TYR A 1 69  ? -3.799  -3.528  11.800  1.00 21.12 ? 160  TYR A C   1 
ATOM   479  O  O   . TYR A 1 69  ? -4.982  -3.855  11.703  1.00 19.71 ? 160  TYR A O   1 
ATOM   480  C  CB  . TYR A 1 69  ? -3.536  -1.523  13.310  1.00 20.52 ? 160  TYR A CB  1 
ATOM   481  C  CG  . TYR A 1 69  ? -2.793  -0.220  13.472  1.00 23.55 ? 160  TYR A CG  1 
ATOM   482  C  CD1 . TYR A 1 69  ? -1.406  -0.173  13.315  1.00 20.67 ? 160  TYR A CD1 1 
ATOM   483  C  CD2 . TYR A 1 69  ? -3.473  0.976   13.723  1.00 21.76 ? 160  TYR A CD2 1 
ATOM   484  C  CE1 . TYR A 1 69  ? -0.713  1.024   13.394  1.00 21.45 ? 160  TYR A CE1 1 
ATOM   485  C  CE2 . TYR A 1 69  ? -2.784  2.187   13.804  1.00 21.93 ? 160  TYR A CE2 1 
ATOM   486  C  CZ  . TYR A 1 69  ? -1.404  2.200   13.635  1.00 22.01 ? 160  TYR A CZ  1 
ATOM   487  O  OH  . TYR A 1 69  ? -0.707  3.381   13.682  1.00 22.92 ? 160  TYR A OH  1 
ATOM   488  N  N   . LYS A 1 70  ? -2.804  -4.404  11.803  1.00 23.89 ? 161  LYS A N   1 
ATOM   489  C  CA  . LYS A 1 70  ? -3.041  -5.835  11.685  1.00 26.73 ? 161  LYS A CA  1 
ATOM   490  C  C   . LYS A 1 70  ? -3.710  -6.448  12.911  1.00 28.77 ? 161  LYS A C   1 
ATOM   491  O  O   . LYS A 1 70  ? -4.667  -7.221  12.786  1.00 28.45 ? 161  LYS A O   1 
ATOM   492  C  CB  . LYS A 1 70  ? -1.714  -6.549  11.416  1.00 27.63 ? 161  LYS A CB  1 
ATOM   493  C  CG  . LYS A 1 70  ? -1.849  -8.035  11.183  1.00 31.19 ? 161  LYS A CG  1 
ATOM   494  C  CD  . LYS A 1 70  ? -0.484  -8.682  11.094  1.00 33.65 ? 161  LYS A CD  1 
ATOM   495  C  CE  . LYS A 1 70  ? -0.599  -10.167 10.825  1.00 33.40 ? 161  LYS A CE  1 
ATOM   496  N  NZ  . LYS A 1 70  ? 0.747   -10.787 10.820  1.00 38.02 ? 161  LYS A NZ  1 
ATOM   497  N  N   . LYS A 1 71  ? -3.203  -6.097  14.090  1.00 29.62 ? 162  LYS A N   1 
ATOM   498  C  CA  . LYS A 1 71  ? -3.717  -6.623  15.352  1.00 32.43 ? 162  LYS A CA  1 
ATOM   499  C  C   . LYS A 1 71  ? -5.145  -6.191  15.665  1.00 32.79 ? 162  LYS A C   1 
ATOM   500  O  O   . LYS A 1 71  ? -5.476  -5.006  15.633  1.00 31.06 ? 162  LYS A O   1 
ATOM   501  C  CB  . LYS A 1 71  ? -2.795  -6.210  16.499  1.00 34.67 ? 162  LYS A CB  1 
ATOM   502  C  CG  . LYS A 1 71  ? -2.967  -7.040  17.760  1.00 39.48 ? 162  LYS A CG  1 
ATOM   503  C  CD  . LYS A 1 71  ? -1.895  -6.701  18.792  1.00 42.83 ? 162  LYS A CD  1 
ATOM   504  C  CE  . LYS A 1 71  ? -1.911  -7.693  19.952  1.00 46.02 ? 162  LYS A CE  1 
ATOM   505  N  NZ  . LYS A 1 71  ? -1.660  -9.098  19.496  1.00 47.76 ? 162  LYS A NZ  1 
ATOM   506  N  N   . SER A 1 72  ? -5.982  -7.172  15.985  1.00 34.20 ? 163  SER A N   1 
ATOM   507  C  CA  . SER A 1 72  ? -7.381  -6.929  16.307  1.00 37.33 ? 163  SER A CA  1 
ATOM   508  C  C   . SER A 1 72  ? -7.611  -5.780  17.289  1.00 37.07 ? 163  SER A C   1 
ATOM   509  O  O   . SER A 1 72  ? -8.536  -4.990  17.118  1.00 38.33 ? 163  SER A O   1 
ATOM   510  C  CB  . SER A 1 72  ? -8.009  -8.204  16.871  1.00 38.34 ? 163  SER A CB  1 
ATOM   511  O  OG  . SER A 1 72  ? -9.321  -7.947  17.337  1.00 43.44 ? 163  SER A OG  1 
ATOM   512  N  N   . GLN A 1 73  ? -6.768  -5.683  18.311  1.00 36.43 ? 164  GLN A N   1 
ATOM   513  C  CA  . GLN A 1 73  ? -6.915  -4.635  19.317  1.00 37.81 ? 164  GLN A CA  1 
ATOM   514  C  C   . GLN A 1 73  ? -6.626  -3.218  18.822  1.00 36.00 ? 164  GLN A C   1 
ATOM   515  O  O   . GLN A 1 73  ? -7.014  -2.249  19.472  1.00 34.83 ? 164  GLN A O   1 
ATOM   516  C  CB  . GLN A 1 73  ? -6.024  -4.941  20.525  1.00 41.56 ? 164  GLN A CB  1 
ATOM   517  C  CG  . GLN A 1 73  ? -4.547  -5.047  20.191  1.00 46.92 ? 164  GLN A CG  1 
ATOM   518  C  CD  . GLN A 1 73  ? -3.716  -5.555  21.357  1.00 49.91 ? 164  GLN A CD  1 
ATOM   519  O  OE1 . GLN A 1 73  ? -3.928  -6.667  21.845  1.00 51.31 ? 164  GLN A OE1 1 
ATOM   520  N  NE2 . GLN A 1 73  ? -2.762  -4.745  21.804  1.00 50.49 ? 164  GLN A NE2 1 
ATOM   521  N  N   . HIS A 1 74  ? -5.954  -3.087  17.682  1.00 32.69 ? 165  HIS A N   1 
ATOM   522  C  CA  . HIS A 1 74  ? -5.634  -1.760  17.153  1.00 33.21 ? 165  HIS A CA  1 
ATOM   523  C  C   . HIS A 1 74  ? -6.320  -1.457  15.830  1.00 31.41 ? 165  HIS A C   1 
ATOM   524  O  O   . HIS A 1 74  ? -6.221  -0.346  15.312  1.00 28.69 ? 165  HIS A O   1 
ATOM   525  C  CB  . HIS A 1 74  ? -4.124  -1.627  16.963  1.00 33.49 ? 165  HIS A CB  1 
ATOM   526  C  CG  . HIS A 1 74  ? -3.338  -1.890  18.205  1.00 35.96 ? 165  HIS A CG  1 
ATOM   527  N  ND1 . HIS A 1 74  ? -2.357  -2.856  18.273  1.00 36.63 ? 165  HIS A ND1 1 
ATOM   528  C  CD2 . HIS A 1 74  ? -3.390  -1.316  19.430  1.00 35.79 ? 165  HIS A CD2 1 
ATOM   529  C  CE1 . HIS A 1 74  ? -1.840  -2.868  19.489  1.00 37.18 ? 165  HIS A CE1 1 
ATOM   530  N  NE2 . HIS A 1 74  ? -2.449  -1.943  20.210  1.00 38.26 ? 165  HIS A NE2 1 
ATOM   531  N  N   . MET A 1 75  ? -7.025  -2.445  15.295  1.00 31.15 ? 166  MET A N   1 
ATOM   532  C  CA  . MET A 1 75  ? -7.689  -2.301  14.009  1.00 32.40 ? 166  MET A CA  1 
ATOM   533  C  C   . MET A 1 75  ? -8.643  -1.118  13.854  1.00 32.66 ? 166  MET A C   1 
ATOM   534  O  O   . MET A 1 75  ? -8.784  -0.586  12.753  1.00 32.74 ? 166  MET A O   1 
ATOM   535  C  CB  . MET A 1 75  ? -8.411  -3.602  13.661  1.00 33.76 ? 166  MET A CB  1 
ATOM   536  C  CG  . MET A 1 75  ? -8.616  -3.811  12.175  1.00 35.49 ? 166  MET A CG  1 
ATOM   537  S  SD  . MET A 1 75  ? -9.196  -5.480  11.821  1.00 39.61 ? 166  MET A SD  1 
ATOM   538  C  CE  . MET A 1 75  ? -7.706  -6.426  12.139  1.00 39.69 ? 166  MET A CE  1 
ATOM   539  N  N   . THR A 1 76  ? -9.293  -0.689  14.933  1.00 31.49 ? 167  THR A N   1 
ATOM   540  C  CA  . THR A 1 76  ? -10.223 0.438   14.826  1.00 30.77 ? 167  THR A CA  1 
ATOM   541  C  C   . THR A 1 76  ? -9.526  1.792   14.757  1.00 29.13 ? 167  THR A C   1 
ATOM   542  O  O   . THR A 1 76  ? -10.138 2.796   14.393  1.00 29.30 ? 167  THR A O   1 
ATOM   543  C  CB  . THR A 1 76  ? -11.228 0.478   16.009  1.00 30.65 ? 167  THR A CB  1 
ATOM   544  O  OG1 . THR A 1 76  ? -10.512 0.532   17.248  1.00 29.05 ? 167  THR A OG1 1 
ATOM   545  C  CG2 . THR A 1 76  ? -12.129 -0.750  15.987  1.00 32.57 ? 167  THR A CG2 1 
ATOM   546  N  N   . GLU A 1 77  ? -8.244  1.822   15.096  1.00 28.80 ? 168  GLU A N   1 
ATOM   547  C  CA  . GLU A 1 77  ? -7.496  3.071   15.076  1.00 27.83 ? 168  GLU A CA  1 
ATOM   548  C  C   . GLU A 1 77  ? -7.022  3.448   13.675  1.00 27.60 ? 168  GLU A C   1 
ATOM   549  O  O   . GLU A 1 77  ? -6.382  2.648   12.983  1.00 24.83 ? 168  GLU A O   1 
ATOM   550  C  CB  . GLU A 1 77  ? -6.291  2.971   16.009  1.00 29.51 ? 168  GLU A CB  1 
ATOM   551  C  CG  . GLU A 1 77  ? -5.548  4.283   16.189  1.00 32.34 ? 168  GLU A CG  1 
ATOM   552  C  CD  . GLU A 1 77  ? -4.329  4.143   17.078  1.00 33.97 ? 168  GLU A CD  1 
ATOM   553  O  OE1 . GLU A 1 77  ? -4.419  3.437   18.108  1.00 35.38 ? 168  GLU A OE1 1 
ATOM   554  O  OE2 . GLU A 1 77  ? -3.282  4.744   16.754  1.00 35.04 ? 168  GLU A OE2 1 
ATOM   555  N  N   . VAL A 1 78  ? -7.336  4.672   13.259  1.00 25.43 ? 169  VAL A N   1 
ATOM   556  C  CA  . VAL A 1 78  ? -6.920  5.153   11.949  1.00 24.83 ? 169  VAL A CA  1 
ATOM   557  C  C   . VAL A 1 78  ? -5.391  5.188   11.875  1.00 25.64 ? 169  VAL A C   1 
ATOM   558  O  O   . VAL A 1 78  ? -4.730  5.767   12.745  1.00 24.49 ? 169  VAL A O   1 
ATOM   559  C  CB  . VAL A 1 78  ? -7.449  6.583   11.675  1.00 25.41 ? 169  VAL A CB  1 
ATOM   560  C  CG1 . VAL A 1 78  ? -6.859  7.119   10.374  1.00 23.04 ? 169  VAL A CG1 1 
ATOM   561  C  CG2 . VAL A 1 78  ? -8.973  6.575   11.599  1.00 25.95 ? 169  VAL A CG2 1 
ATOM   562  N  N   . VAL A 1 79  ? -4.833  4.555   10.844  1.00 23.08 ? 170  VAL A N   1 
ATOM   563  C  CA  . VAL A 1 79  ? -3.386  4.554   10.654  1.00 22.58 ? 170  VAL A CA  1 
ATOM   564  C  C   . VAL A 1 79  ? -2.996  5.880   10.023  1.00 22.74 ? 170  VAL A C   1 
ATOM   565  O  O   . VAL A 1 79  ? -3.489  6.235   8.948   1.00 23.84 ? 170  VAL A O   1 
ATOM   566  C  CB  . VAL A 1 79  ? -2.923  3.425   9.702   1.00 21.94 ? 170  VAL A CB  1 
ATOM   567  C  CG1 . VAL A 1 79  ? -1.430  3.566   9.416   1.00 23.36 ? 170  VAL A CG1 1 
ATOM   568  C  CG2 . VAL A 1 79  ? -3.215  2.068   10.319  1.00 20.44 ? 170  VAL A CG2 1 
ATOM   569  N  N   . ARG A 1 80  ? -2.113  6.612   10.688  1.00 22.20 ? 171  ARG A N   1 
ATOM   570  C  CA  . ARG A 1 80  ? -1.670  7.894   10.167  1.00 24.76 ? 171  ARG A CA  1 
ATOM   571  C  C   . ARG A 1 80  ? -0.214  8.126   10.520  1.00 22.99 ? 171  ARG A C   1 
ATOM   572  O  O   . ARG A 1 80  ? 0.376   7.352   11.269  1.00 24.21 ? 171  ARG A O   1 
ATOM   573  C  CB  . ARG A 1 80  ? -2.543  9.020   10.730  1.00 27.49 ? 171  ARG A CB  1 
ATOM   574  C  CG  . ARG A 1 80  ? -2.631  9.046   12.246  1.00 33.76 ? 171  ARG A CG  1 
ATOM   575  C  CD  . ARG A 1 80  ? -3.646  10.082  12.702  1.00 39.58 ? 171  ARG A CD  1 
ATOM   576  N  NE  . ARG A 1 80  ? -3.326  11.409  12.185  1.00 43.84 ? 171  ARG A NE  1 
ATOM   577  C  CZ  . ARG A 1 80  ? -4.085  12.486  12.363  1.00 45.22 ? 171  ARG A CZ  1 
ATOM   578  N  NH1 . ARG A 1 80  ? -5.217  12.395  13.050  1.00 44.94 ? 171  ARG A NH1 1 
ATOM   579  N  NH2 . ARG A 1 80  ? -3.709  13.653  11.857  1.00 44.49 ? 171  ARG A NH2 1 
ATOM   580  N  N   . ARG A 1 81  ? 0.368   9.183   9.966   1.00 24.00 ? 172  ARG A N   1 
ATOM   581  C  CA  . ARG A 1 81  ? 1.763   9.509   10.238  1.00 25.13 ? 172  ARG A CA  1 
ATOM   582  C  C   . ARG A 1 81  ? 1.903   10.100  11.636  1.00 25.95 ? 172  ARG A C   1 
ATOM   583  O  O   . ARG A 1 81  ? 0.968   10.711  12.155  1.00 25.87 ? 172  ARG A O   1 
ATOM   584  C  CB  . ARG A 1 81  ? 2.288   10.516  9.215   1.00 24.95 ? 172  ARG A CB  1 
ATOM   585  C  CG  . ARG A 1 81  ? 2.206   10.056  7.771   1.00 27.24 ? 172  ARG A CG  1 
ATOM   586  C  CD  . ARG A 1 81  ? 2.737   11.129  6.832   1.00 27.76 ? 172  ARG A CD  1 
ATOM   587  N  NE  . ARG A 1 81  ? 4.182   11.292  6.957   1.00 30.48 ? 172  ARG A NE  1 
ATOM   588  C  CZ  . ARG A 1 81  ? 4.871   12.295  6.421   1.00 28.59 ? 172  ARG A CZ  1 
ATOM   589  N  NH1 . ARG A 1 81  ? 4.253   13.241  5.724   1.00 26.12 ? 172  ARG A NH1 1 
ATOM   590  N  NH2 . ARG A 1 81  ? 6.185   12.346  6.579   1.00 31.66 ? 172  ARG A NH2 1 
ATOM   591  N  N   . CYS A 1 82  ? 3.074   9.916   12.239  1.00 26.31 ? 173  CYS A N   1 
ATOM   592  C  CA  . CYS A 1 82  ? 3.341   10.453  13.569  1.00 27.37 ? 173  CYS A CA  1 
ATOM   593  C  C   . CYS A 1 82  ? 3.402   11.978  13.476  1.00 27.49 ? 173  CYS A C   1 
ATOM   594  O  O   . CYS A 1 82  ? 3.553   12.534  12.387  1.00 26.05 ? 173  CYS A O   1 
ATOM   595  C  CB  . CYS A 1 82  ? 4.678   9.918   14.098  1.00 26.97 ? 173  CYS A CB  1 
ATOM   596  S  SG  . CYS A 1 82  ? 6.134   10.487  13.178  1.00 25.73 ? 173  CYS A SG  1 
ATOM   597  N  N   . PRO A 1 83  ? 3.280   12.675  14.619  1.00 29.07 ? 174  PRO A N   1 
ATOM   598  C  CA  . PRO A 1 83  ? 3.325   14.141  14.639  1.00 30.76 ? 174  PRO A CA  1 
ATOM   599  C  C   . PRO A 1 83  ? 4.578   14.711  13.980  1.00 32.20 ? 174  PRO A C   1 
ATOM   600  O  O   . PRO A 1 83  ? 4.512   15.700  13.251  1.00 32.81 ? 174  PRO A O   1 
ATOM   601  C  CB  . PRO A 1 83  ? 3.266   14.463  16.131  1.00 29.82 ? 174  PRO A CB  1 
ATOM   602  C  CG  . PRO A 1 83  ? 2.424   13.367  16.671  1.00 29.38 ? 174  PRO A CG  1 
ATOM   603  C  CD  . PRO A 1 83  ? 2.970   12.146  15.959  1.00 29.16 ? 174  PRO A CD  1 
ATOM   604  N  N   . HIS A 1 84  ? 5.718   14.079  14.245  1.00 34.76 ? 175  HIS A N   1 
ATOM   605  C  CA  . HIS A 1 84  ? 6.993   14.521  13.693  1.00 36.07 ? 175  HIS A CA  1 
ATOM   606  C  C   . HIS A 1 84  ? 7.001   14.556  12.173  1.00 35.19 ? 175  HIS A C   1 
ATOM   607  O  O   . HIS A 1 84  ? 7.331   15.574  11.573  1.00 36.19 ? 175  HIS A O   1 
ATOM   608  C  CB  . HIS A 1 84  ? 8.121   13.607  14.176  1.00 38.60 ? 175  HIS A CB  1 
ATOM   609  C  CG  . HIS A 1 84  ? 9.453   13.917  13.566  1.00 41.94 ? 175  HIS A CG  1 
ATOM   610  N  ND1 . HIS A 1 84  ? 10.119  15.103  13.792  1.00 44.62 ? 175  HIS A ND1 1 
ATOM   611  C  CD2 . HIS A 1 84  ? 10.243  13.194  12.737  1.00 43.30 ? 175  HIS A CD2 1 
ATOM   612  C  CE1 . HIS A 1 84  ? 11.263  15.096  13.129  1.00 45.31 ? 175  HIS A CE1 1 
ATOM   613  N  NE2 . HIS A 1 84  ? 11.363  13.949  12.481  1.00 45.23 ? 175  HIS A NE2 1 
ATOM   614  N  N   . HIS A 1 85  ? 6.651   13.442  11.545  1.00 33.02 ? 176  HIS A N   1 
ATOM   615  C  CA  . HIS A 1 85  ? 6.647   13.397  10.094  1.00 32.89 ? 176  HIS A CA  1 
ATOM   616  C  C   . HIS A 1 85  ? 5.530   14.220  9.480   1.00 33.00 ? 176  HIS A C   1 
ATOM   617  O  O   . HIS A 1 85  ? 5.693   14.781  8.402   1.00 33.81 ? 176  HIS A O   1 
ATOM   618  C  CB  . HIS A 1 85  ? 6.581   11.950  9.602   1.00 30.50 ? 176  HIS A CB  1 
ATOM   619  C  CG  . HIS A 1 85  ? 7.897   11.241  9.666   1.00 31.18 ? 176  HIS A CG  1 
ATOM   620  N  ND1 . HIS A 1 85  ? 8.136   10.184  10.515  1.00 31.16 ? 176  HIS A ND1 1 
ATOM   621  C  CD2 . HIS A 1 85  ? 9.061   11.470  9.013   1.00 31.22 ? 176  HIS A CD2 1 
ATOM   622  C  CE1 . HIS A 1 85  ? 9.391   9.792   10.386  1.00 31.07 ? 176  HIS A CE1 1 
ATOM   623  N  NE2 . HIS A 1 85  ? 9.974   10.557  9.480   1.00 28.70 ? 176  HIS A NE2 1 
ATOM   624  N  N   . GLU A 1 86  ? 4.397   14.299  10.166  1.00 34.47 ? 177  GLU A N   1 
ATOM   625  C  CA  . GLU A 1 86  ? 3.277   15.081  9.663   1.00 35.98 ? 177  GLU A CA  1 
ATOM   626  C  C   . GLU A 1 86  ? 3.735   16.531  9.490   1.00 36.54 ? 177  GLU A C   1 
ATOM   627  O  O   . GLU A 1 86  ? 3.283   17.236  8.587   1.00 35.92 ? 177  GLU A O   1 
ATOM   628  C  CB  . GLU A 1 86  ? 2.107   15.028  10.649  1.00 37.83 ? 177  GLU A CB  1 
ATOM   629  C  CG  . GLU A 1 86  ? 0.846   15.728  10.158  1.00 42.38 ? 177  GLU A CG  1 
ATOM   630  C  CD  . GLU A 1 86  ? -0.255  15.753  11.204  1.00 43.34 ? 177  GLU A CD  1 
ATOM   631  O  OE1 . GLU A 1 86  ? -0.562  14.687  11.778  1.00 42.64 ? 177  GLU A OE1 1 
ATOM   632  O  OE2 . GLU A 1 86  ? -0.816  16.841  11.448  1.00 46.44 ? 177  GLU A OE2 1 
ATOM   633  N  N   . ARG A 1 87  ? 4.650   16.960  10.354  1.00 36.71 ? 178  ARG A N   1 
ATOM   634  C  CA  . ARG A 1 87  ? 5.158   18.326  10.321  1.00 38.82 ? 178  ARG A CA  1 
ATOM   635  C  C   . ARG A 1 87  ? 6.516   18.522  9.643   1.00 38.76 ? 178  ARG A C   1 
ATOM   636  O  O   . ARG A 1 87  ? 6.991   19.653  9.552   1.00 39.20 ? 178  ARG A O   1 
ATOM   637  C  CB  . ARG A 1 87  ? 5.257   18.881  11.746  1.00 39.13 ? 178  ARG A CB  1 
ATOM   638  C  CG  . ARG A 1 87  ? 3.936   19.035  12.488  1.00 40.14 ? 178  ARG A CG  1 
ATOM   639  C  CD  . ARG A 1 87  ? 4.157   19.792  13.796  1.00 40.77 ? 178  ARG A CD  1 
ATOM   640  N  NE  . ARG A 1 87  ? 4.984   19.044  14.741  1.00 39.99 ? 178  ARG A NE  1 
ATOM   641  C  CZ  . ARG A 1 87  ? 4.499   18.301  15.731  1.00 39.82 ? 178  ARG A CZ  1 
ATOM   642  N  NH1 . ARG A 1 87  ? 3.188   18.209  15.911  1.00 37.99 ? 178  ARG A NH1 1 
ATOM   643  N  NH2 . ARG A 1 87  ? 5.322   17.645  16.540  1.00 37.87 ? 178  ARG A NH2 1 
ATOM   644  N  N   . CYS A 1 88  ? 7.142   17.448  9.163   1.00 38.67 ? 179  CYS A N   1 
ATOM   645  C  CA  . CYS A 1 88  ? 8.464   17.576  8.548   1.00 39.46 ? 179  CYS A CA  1 
ATOM   646  C  C   . CYS A 1 88  ? 8.512   18.321  7.212   1.00 40.16 ? 179  CYS A C   1 
ATOM   647  O  O   . CYS A 1 88  ? 9.594   18.608  6.702   1.00 41.11 ? 179  CYS A O   1 
ATOM   648  C  CB  . CYS A 1 88  ? 9.121   16.202  8.391   1.00 38.79 ? 179  CYS A CB  1 
ATOM   649  S  SG  . CYS A 1 88  ? 8.465   15.213  7.054   1.00 38.03 ? 179  CYS A SG  1 
ATOM   650  N  N   . SER A 1 89  ? 7.349   18.621  6.642   1.00 40.71 ? 180  SER A N   1 
ATOM   651  C  CA  . SER A 1 89  ? 7.279   19.369  5.385   1.00 41.17 ? 180  SER A CA  1 
ATOM   652  C  C   . SER A 1 89  ? 7.856   18.646  4.167   1.00 40.68 ? 180  SER A C   1 
ATOM   653  O  O   . SER A 1 89  ? 8.613   19.233  3.392   1.00 41.36 ? 180  SER A O   1 
ATOM   654  C  CB  . SER A 1 89  ? 7.996   20.715  5.552   1.00 42.93 ? 180  SER A CB  1 
ATOM   655  O  OG  . SER A 1 89  ? 7.577   21.380  6.733   1.00 44.69 ? 180  SER A OG  1 
ATOM   656  N  N   . ASP A 1 90  ? 7.491   17.382  3.988   1.00 38.72 ? 181  ASP A N   1 
ATOM   657  C  CA  . ASP A 1 90  ? 7.982   16.597  2.857   1.00 36.05 ? 181  ASP A CA  1 
ATOM   658  C  C   . ASP A 1 90  ? 6.874   16.360  1.834   1.00 34.98 ? 181  ASP A C   1 
ATOM   659  O  O   . ASP A 1 90  ? 6.985   15.480  0.983   1.00 32.94 ? 181  ASP A O   1 
ATOM   660  C  CB  . ASP A 1 90  ? 8.508   15.243  3.341   1.00 34.49 ? 181  ASP A CB  1 
ATOM   661  C  CG  . ASP A 1 90  ? 7.452   14.441  4.086   1.00 33.06 ? 181  ASP A CG  1 
ATOM   662  O  OD1 . ASP A 1 90  ? 6.262   14.821  4.021   1.00 29.79 ? 181  ASP A OD1 1 
ATOM   663  O  OD2 . ASP A 1 90  ? 7.807   13.431  4.731   1.00 31.05 ? 181  ASP A OD2 1 
ATOM   664  N  N   . GLY A 1 91  ? 5.804   17.143  1.926   1.00 34.68 ? 182  GLY A N   1 
ATOM   665  C  CA  . GLY A 1 91  ? 4.680   16.992  1.013   1.00 34.23 ? 182  GLY A CA  1 
ATOM   666  C  C   . GLY A 1 91  ? 5.071   17.285  -0.430  1.00 34.37 ? 182  GLY A C   1 
ATOM   667  O  O   . GLY A 1 91  ? 6.003   18.042  -0.692  1.00 35.69 ? 182  GLY A O   1 
ATOM   668  N  N   . ASP A 1 92  ? 4.354   16.667  -1.361  1.00 32.56 ? 183  ASP A N   1 
ATOM   669  C  CA  . ASP A 1 92  ? 4.606   16.849  -2.782  1.00 32.25 ? 183  ASP A CA  1 
ATOM   670  C  C   . ASP A 1 92  ? 3.561   17.771  -3.389  1.00 31.86 ? 183  ASP A C   1 
ATOM   671  O  O   . ASP A 1 92  ? 3.468   17.899  -4.611  1.00 31.23 ? 183  ASP A O   1 
ATOM   672  C  CB  . ASP A 1 92  ? 4.564   15.501  -3.503  1.00 31.26 ? 183  ASP A CB  1 
ATOM   673  C  CG  . ASP A 1 92  ? 3.324   14.693  -3.156  1.00 32.52 ? 183  ASP A CG  1 
ATOM   674  O  OD1 . ASP A 1 92  ? 2.378   15.273  -2.582  1.00 31.53 ? 183  ASP A OD1 1 
ATOM   675  O  OD2 . ASP A 1 92  ? 3.291   13.484  -3.465  1.00 32.68 ? 183  ASP A OD2 1 
ATOM   676  N  N   . GLY A 1 93  ? 2.768   18.401  -2.529  1.00 31.03 ? 184  GLY A N   1 
ATOM   677  C  CA  . GLY A 1 93  ? 1.737   19.303  -3.004  1.00 29.04 ? 184  GLY A CA  1 
ATOM   678  C  C   . GLY A 1 93  ? 0.469   18.597  -3.449  1.00 29.14 ? 184  GLY A C   1 
ATOM   679  O  O   . GLY A 1 93  ? -0.470  19.246  -3.913  1.00 29.86 ? 184  GLY A O   1 
ATOM   680  N  N   . LEU A 1 94  ? 0.438   17.272  -3.322  1.00 25.48 ? 185  LEU A N   1 
ATOM   681  C  CA  . LEU A 1 94  ? -0.740  16.496  -3.708  1.00 24.68 ? 185  LEU A CA  1 
ATOM   682  C  C   . LEU A 1 94  ? -1.284  15.723  -2.514  1.00 23.48 ? 185  LEU A C   1 
ATOM   683  O  O   . LEU A 1 94  ? -2.491  15.655  -2.295  1.00 23.57 ? 185  LEU A O   1 
ATOM   684  C  CB  . LEU A 1 94  ? -0.395  15.498  -4.818  1.00 22.96 ? 185  LEU A CB  1 
ATOM   685  C  CG  . LEU A 1 94  ? 0.266   16.008  -6.098  1.00 24.87 ? 185  LEU A CG  1 
ATOM   686  C  CD1 . LEU A 1 94  ? 0.493   14.826  -7.040  1.00 24.09 ? 185  LEU A CD1 1 
ATOM   687  C  CD2 . LEU A 1 94  ? -0.606  17.058  -6.764  1.00 24.09 ? 185  LEU A CD2 1 
ATOM   688  N  N   . ALA A 1 95  ? -0.377  15.145  -1.740  1.00 23.25 ? 186  ALA A N   1 
ATOM   689  C  CA  . ALA A 1 95  ? -0.751  14.347  -0.584  1.00 24.12 ? 186  ALA A CA  1 
ATOM   690  C  C   . ALA A 1 95  ? -0.834  15.132  0.716   1.00 24.16 ? 186  ALA A C   1 
ATOM   691  O  O   . ALA A 1 95  ? 0.095   15.853  1.071   1.00 24.73 ? 186  ALA A O   1 
ATOM   692  C  CB  . ALA A 1 95  ? 0.250   13.200  -0.415  1.00 22.61 ? 186  ALA A CB  1 
ATOM   693  N  N   . PRO A 1 96  ? -1.955  15.004  1.448   1.00 24.42 ? 187  PRO A N   1 
ATOM   694  C  CA  . PRO A 1 96  ? -2.074  15.731  2.718   1.00 23.64 ? 187  PRO A CA  1 
ATOM   695  C  C   . PRO A 1 96  ? -0.926  15.273  3.609   1.00 24.55 ? 187  PRO A C   1 
ATOM   696  O  O   . PRO A 1 96  ? -0.510  14.114  3.543   1.00 25.09 ? 187  PRO A O   1 
ATOM   697  C  CB  . PRO A 1 96  ? -3.433  15.282  3.245   1.00 23.80 ? 187  PRO A CB  1 
ATOM   698  C  CG  . PRO A 1 96  ? -4.221  15.092  1.989   1.00 23.71 ? 187  PRO A CG  1 
ATOM   699  C  CD  . PRO A 1 96  ? -3.230  14.361  1.088   1.00 22.23 ? 187  PRO A CD  1 
ATOM   700  N  N   . PRO A 1 97  ? -0.401  16.165  4.460   1.00 26.48 ? 188  PRO A N   1 
ATOM   701  C  CA  . PRO A 1 97  ? 0.715   15.789  5.336   1.00 25.89 ? 188  PRO A CA  1 
ATOM   702  C  C   . PRO A 1 97  ? 0.493   14.630  6.306   1.00 26.05 ? 188  PRO A C   1 
ATOM   703  O  O   . PRO A 1 97  ? 1.459   14.034  6.777   1.00 25.23 ? 188  PRO A O   1 
ATOM   704  C  CB  . PRO A 1 97  ? 1.043   17.098  6.057   1.00 28.16 ? 188  PRO A CB  1 
ATOM   705  C  CG  . PRO A 1 97  ? -0.283  17.797  6.114   1.00 28.04 ? 188  PRO A CG  1 
ATOM   706  C  CD  . PRO A 1 97  ? -0.841  17.547  4.725   1.00 27.27 ? 188  PRO A CD  1 
ATOM   707  N  N   . GLN A 1 98  ? -0.762  14.299  6.599   1.00 25.54 ? 189  GLN A N   1 
ATOM   708  C  CA  . GLN A 1 98  ? -1.050  13.216  7.537   1.00 25.81 ? 189  GLN A CA  1 
ATOM   709  C  C   . GLN A 1 98  ? -1.102  11.819  6.916   1.00 24.18 ? 189  GLN A C   1 
ATOM   710  O  O   . GLN A 1 98  ? -1.072  10.821  7.635   1.00 23.49 ? 189  GLN A O   1 
ATOM   711  C  CB  . GLN A 1 98  ? -2.376  13.474  8.264   1.00 28.37 ? 189  GLN A CB  1 
ATOM   712  C  CG  . GLN A 1 98  ? -2.493  14.855  8.884   1.00 33.56 ? 189  GLN A CG  1 
ATOM   713  C  CD  . GLN A 1 98  ? -3.169  15.857  7.960   1.00 36.98 ? 189  GLN A CD  1 
ATOM   714  O  OE1 . GLN A 1 98  ? -3.038  15.785  6.738   1.00 34.77 ? 189  GLN A OE1 1 
ATOM   715  N  NE2 . GLN A 1 98  ? -3.889  16.806  8.549   1.00 40.17 ? 189  GLN A NE2 1 
ATOM   716  N  N   . HIS A 1 99  ? -1.182  11.747  5.589   1.00 22.71 ? 190  HIS A N   1 
ATOM   717  C  CA  . HIS A 1 99  ? -1.265  10.460  4.903   1.00 20.42 ? 190  HIS A CA  1 
ATOM   718  C  C   . HIS A 1 99  ? 0.023   9.643   4.901   1.00 21.60 ? 190  HIS A C   1 
ATOM   719  O  O   . HIS A 1 99  ? 1.079   10.117  4.473   1.00 20.91 ? 190  HIS A O   1 
ATOM   720  C  CB  . HIS A 1 99  ? -1.735  10.661  3.463   1.00 19.86 ? 190  HIS A CB  1 
ATOM   721  C  CG  . HIS A 1 99  ? -3.206  10.903  3.338   1.00 20.15 ? 190  HIS A CG  1 
ATOM   722  N  ND1 . HIS A 1 99  ? -3.886  11.790  4.146   1.00 22.38 ? 190  HIS A ND1 1 
ATOM   723  C  CD2 . HIS A 1 99  ? -4.121  10.398  2.481   1.00 19.06 ? 190  HIS A CD2 1 
ATOM   724  C  CE1 . HIS A 1 99  ? -5.157  11.822  3.788   1.00 20.62 ? 190  HIS A CE1 1 
ATOM   725  N  NE2 . HIS A 1 99  ? -5.326  10.987  2.778   1.00 24.49 ? 190  HIS A NE2 1 
ATOM   726  N  N   . LEU A 1 100 ? -0.086  8.404   5.366   1.00 19.39 ? 191  LEU A N   1 
ATOM   727  C  CA  . LEU A 1 100 ? 1.053   7.495   5.423   1.00 20.69 ? 191  LEU A CA  1 
ATOM   728  C  C   . LEU A 1 100 ? 1.431   7.001   4.029   1.00 20.43 ? 191  LEU A C   1 
ATOM   729  O  O   . LEU A 1 100 ? 2.611   6.970   3.665   1.00 18.31 ? 191  LEU A O   1 
ATOM   730  C  CB  . LEU A 1 100 ? 0.722   6.283   6.293   1.00 20.39 ? 191  LEU A CB  1 
ATOM   731  C  CG  . LEU A 1 100 ? 1.759   5.150   6.271   1.00 22.72 ? 191  LEU A CG  1 
ATOM   732  C  CD1 . LEU A 1 100 ? 3.006   5.600   7.008   1.00 20.48 ? 191  LEU A CD1 1 
ATOM   733  C  CD2 . LEU A 1 100 ? 1.191   3.897   6.924   1.00 21.06 ? 191  LEU A CD2 1 
ATOM   734  N  N   . ILE A 1 101 ? 0.422   6.611   3.255   1.00 18.83 ? 192  ILE A N   1 
ATOM   735  C  CA  . ILE A 1 101 ? 0.658   6.080   1.919   1.00 19.90 ? 192  ILE A CA  1 
ATOM   736  C  C   . ILE A 1 101 ? 0.505   7.090   0.795   1.00 20.24 ? 192  ILE A C   1 
ATOM   737  O  O   . ILE A 1 101 ? -0.505  7.789   0.700   1.00 16.76 ? 192  ILE A O   1 
ATOM   738  C  CB  . ILE A 1 101 ? -0.290  4.902   1.599   1.00 20.22 ? 192  ILE A CB  1 
ATOM   739  C  CG1 . ILE A 1 101 ? -0.156  3.807   2.662   1.00 20.37 ? 192  ILE A CG1 1 
ATOM   740  C  CG2 . ILE A 1 101 ? 0.035   4.338   0.212   1.00 21.44 ? 192  ILE A CG2 1 
ATOM   741  C  CD1 . ILE A 1 101 ? -1.115  2.644   2.455   1.00 18.59 ? 192  ILE A CD1 1 
ATOM   742  N  N   . ARG A 1 102 ? 1.520   7.150   -0.061  1.00 19.51 ? 193  ARG A N   1 
ATOM   743  C  CA  . ARG A 1 102 ? 1.485   8.031   -1.213  1.00 20.62 ? 193  ARG A CA  1 
ATOM   744  C  C   . ARG A 1 102 ? 1.727   7.195   -2.461  1.00 21.97 ? 193  ARG A C   1 
ATOM   745  O  O   . ARG A 1 102 ? 2.260   6.080   -2.393  1.00 20.28 ? 193  ARG A O   1 
ATOM   746  C  CB  . ARG A 1 102 ? 2.557   9.120   -1.120  1.00 19.91 ? 193  ARG A CB  1 
ATOM   747  C  CG  . ARG A 1 102 ? 2.371   10.095  0.029   1.00 18.60 ? 193  ARG A CG  1 
ATOM   748  C  CD  . ARG A 1 102 ? 3.350   11.251  -0.082  1.00 22.66 ? 193  ARG A CD  1 
ATOM   749  N  NE  . ARG A 1 102 ? 3.361   12.082  1.120   1.00 21.21 ? 193  ARG A NE  1 
ATOM   750  C  CZ  . ARG A 1 102 ? 4.246   13.047  1.354   1.00 24.23 ? 193  ARG A CZ  1 
ATOM   751  N  NH1 . ARG A 1 102 ? 5.197   13.307  0.463   1.00 21.20 ? 193  ARG A NH1 1 
ATOM   752  N  NH2 . ARG A 1 102 ? 4.186   13.742  2.487   1.00 21.98 ? 193  ARG A NH2 1 
ATOM   753  N  N   . VAL A 1 103 ? 1.313   7.738   -3.596  1.00 21.99 ? 194  VAL A N   1 
ATOM   754  C  CA  . VAL A 1 103 ? 1.495   7.086   -4.881  1.00 24.42 ? 194  VAL A CA  1 
ATOM   755  C  C   . VAL A 1 103 ? 2.486   7.945   -5.656  1.00 26.44 ? 194  VAL A C   1 
ATOM   756  O  O   . VAL A 1 103 ? 2.492   9.172   -5.525  1.00 25.00 ? 194  VAL A O   1 
ATOM   757  C  CB  . VAL A 1 103 ? 0.173   7.023   -5.673  1.00 25.73 ? 194  VAL A CB  1 
ATOM   758  C  CG1 . VAL A 1 103 ? 0.430   6.511   -7.081  1.00 25.13 ? 194  VAL A CG1 1 
ATOM   759  C  CG2 . VAL A 1 103 ? -0.818  6.121   -4.956  1.00 25.34 ? 194  VAL A CG2 1 
ATOM   760  N  N   . GLU A 1 104 ? 3.325   7.309   -6.469  1.00 26.86 ? 195  GLU A N   1 
ATOM   761  C  CA  . GLU A 1 104 ? 4.331   8.038   -7.236  1.00 28.13 ? 195  GLU A CA  1 
ATOM   762  C  C   . GLU A 1 104 ? 4.423   7.524   -8.668  1.00 27.39 ? 195  GLU A C   1 
ATOM   763  O  O   . GLU A 1 104 ? 4.454   6.315   -8.899  1.00 26.74 ? 195  GLU A O   1 
ATOM   764  C  CB  . GLU A 1 104 ? 5.696   7.945   -6.554  1.00 32.74 ? 195  GLU A CB  1 
ATOM   765  C  CG  . GLU A 1 104 ? 6.814   8.649   -7.304  1.00 39.69 ? 195  GLU A CG  1 
ATOM   766  C  CD  . GLU A 1 104 ? 8.165   8.473   -6.637  1.00 43.89 ? 195  GLU A CD  1 
ATOM   767  O  OE1 . GLU A 1 104 ? 8.205   8.362   -5.394  1.00 46.44 ? 195  GLU A OE1 1 
ATOM   768  O  OE2 . GLU A 1 104 ? 9.186   8.445   -7.357  1.00 46.87 ? 195  GLU A OE2 1 
ATOM   769  N  N   . GLY A 1 105 ? 4.467   8.442   -9.629  1.00 27.29 ? 196  GLY A N   1 
ATOM   770  C  CA  . GLY A 1 105 ? 4.421   8.058   -11.028 1.00 26.03 ? 196  GLY A CA  1 
ATOM   771  C  C   . GLY A 1 105 ? 3.021   7.996   -11.602 1.00 25.94 ? 196  GLY A C   1 
ATOM   772  O  O   . GLY A 1 105 ? 2.806   7.383   -12.647 1.00 23.99 ? 196  GLY A O   1 
ATOM   773  N  N   . ASN A 1 106 ? 2.066   8.617   -10.912 1.00 25.82 ? 197  ASN A N   1 
ATOM   774  C  CA  . ASN A 1 106 ? 0.681   8.649   -11.375 1.00 24.60 ? 197  ASN A CA  1 
ATOM   775  C  C   . ASN A 1 106 ? 0.181   10.091  -11.305 1.00 25.59 ? 197  ASN A C   1 
ATOM   776  O  O   . ASN A 1 106 ? 0.278   10.746  -10.267 1.00 23.83 ? 197  ASN A O   1 
ATOM   777  C  CB  . ASN A 1 106 ? -0.203  7.747   -10.510 1.00 24.30 ? 197  ASN A CB  1 
ATOM   778  C  CG  . ASN A 1 106 ? -1.528  7.420   -11.177 1.00 25.62 ? 197  ASN A CG  1 
ATOM   779  O  OD1 . ASN A 1 106 ? -2.401  8.279   -11.323 1.00 23.08 ? 197  ASN A OD1 1 
ATOM   780  N  ND2 . ASN A 1 106 ? -1.677  6.171   -11.601 1.00 25.48 ? 197  ASN A ND2 1 
ATOM   781  N  N   . LEU A 1 107 ? -0.348  10.577  -12.421 1.00 24.89 ? 198  LEU A N   1 
ATOM   782  C  CA  . LEU A 1 107 ? -0.846  11.944  -12.506 1.00 25.16 ? 198  LEU A CA  1 
ATOM   783  C  C   . LEU A 1 107 ? -2.217  12.146  -11.877 1.00 25.18 ? 198  LEU A C   1 
ATOM   784  O  O   . LEU A 1 107 ? -2.654  13.286  -11.736 1.00 26.83 ? 198  LEU A O   1 
ATOM   785  C  CB  . LEU A 1 107 ? -0.947  12.367  -13.967 1.00 22.73 ? 198  LEU A CB  1 
ATOM   786  C  CG  . LEU A 1 107 ? 0.332   12.384  -14.785 1.00 23.73 ? 198  LEU A CG  1 
ATOM   787  C  CD1 . LEU A 1 107 ? -0.041  12.547  -16.249 1.00 27.21 ? 198  LEU A CD1 1 
ATOM   788  C  CD2 . LEU A 1 107 ? 1.226   13.520  -14.302 1.00 24.56 ? 198  LEU A CD2 1 
ATOM   789  N  N   . TYR A 1 108 ? -2.892  11.067  -11.486 1.00 23.11 ? 199  TYR A N   1 
ATOM   790  C  CA  . TYR A 1 108 ? -4.248  11.203  -10.958 1.00 23.68 ? 199  TYR A CA  1 
ATOM   791  C  C   . TYR A 1 108 ? -4.525  10.657  -9.563  1.00 20.36 ? 199  TYR A C   1 
ATOM   792  O  O   . TYR A 1 108 ? -5.575  10.061  -9.331  1.00 19.97 ? 199  TYR A O   1 
ATOM   793  C  CB  . TYR A 1 108 ? -5.220  10.547  -11.941 1.00 26.40 ? 199  TYR A CB  1 
ATOM   794  C  CG  . TYR A 1 108 ? -4.857  10.782  -13.388 1.00 31.84 ? 199  TYR A CG  1 
ATOM   795  C  CD1 . TYR A 1 108 ? -5.077  12.019  -13.997 1.00 31.85 ? 199  TYR A CD1 1 
ATOM   796  C  CD2 . TYR A 1 108 ? -4.254  9.773   -14.140 1.00 31.88 ? 199  TYR A CD2 1 
ATOM   797  C  CE1 . TYR A 1 108 ? -4.703  12.245  -15.322 1.00 33.89 ? 199  TYR A CE1 1 
ATOM   798  C  CE2 . TYR A 1 108 ? -3.874  9.989   -15.465 1.00 34.25 ? 199  TYR A CE2 1 
ATOM   799  C  CZ  . TYR A 1 108 ? -4.100  11.221  -16.049 1.00 33.99 ? 199  TYR A CZ  1 
ATOM   800  O  OH  . TYR A 1 108 ? -3.731  11.422  -17.361 1.00 33.62 ? 199  TYR A OH  1 
ATOM   801  N  N   . PRO A 1 109 ? -3.606  10.861  -8.611  1.00 20.85 ? 200  PRO A N   1 
ATOM   802  C  CA  . PRO A 1 109 ? -3.903  10.325  -7.284  1.00 21.44 ? 200  PRO A CA  1 
ATOM   803  C  C   . PRO A 1 109 ? -4.946  11.151  -6.542  1.00 22.01 ? 200  PRO A C   1 
ATOM   804  O  O   . PRO A 1 109 ? -4.946  12.379  -6.615  1.00 20.57 ? 200  PRO A O   1 
ATOM   805  C  CB  . PRO A 1 109 ? -2.550  10.371  -6.589  1.00 20.37 ? 200  PRO A CB  1 
ATOM   806  C  CG  . PRO A 1 109 ? -1.961  11.627  -7.134  1.00 22.47 ? 200  PRO A CG  1 
ATOM   807  C  CD  . PRO A 1 109 ? -2.298  11.542  -8.620  1.00 20.58 ? 200  PRO A CD  1 
ATOM   808  N  N   . GLU A 1 110 ? -5.835  10.461  -5.840  1.00 20.35 ? 201  GLU A N   1 
ATOM   809  C  CA  . GLU A 1 110 ? -6.867  11.107  -5.041  1.00 19.86 ? 201  GLU A CA  1 
ATOM   810  C  C   . GLU A 1 110 ? -6.619  10.687  -3.601  1.00 20.62 ? 201  GLU A C   1 
ATOM   811  O  O   . GLU A 1 110 ? -6.688  9.499   -3.272  1.00 22.88 ? 201  GLU A O   1 
ATOM   812  C  CB  . GLU A 1 110 ? -8.258  10.647  -5.473  1.00 18.29 ? 201  GLU A CB  1 
ATOM   813  C  CG  . GLU A 1 110 ? -8.717  11.184  -6.819  1.00 16.97 ? 201  GLU A CG  1 
ATOM   814  C  CD  . GLU A 1 110 ? -10.026 10.555  -7.264  1.00 17.55 ? 201  GLU A CD  1 
ATOM   815  O  OE1 . GLU A 1 110 ? -10.915 10.358  -6.408  1.00 18.55 ? 201  GLU A OE1 1 
ATOM   816  O  OE2 . GLU A 1 110 ? -10.172 10.257  -8.465  1.00 17.63 ? 201  GLU A OE2 1 
ATOM   817  N  N   . TYR A 1 111 ? -6.292  11.658  -2.754  1.00 20.04 ? 202  TYR A N   1 
ATOM   818  C  CA  . TYR A 1 111 ? -6.040  11.399  -1.346  1.00 19.00 ? 202  TYR A CA  1 
ATOM   819  C  C   . TYR A 1 111 ? -7.355  11.654  -0.636  1.00 21.66 ? 202  TYR A C   1 
ATOM   820  O  O   . TYR A 1 111 ? -7.834  12.789  -0.558  1.00 19.06 ? 202  TYR A O   1 
ATOM   821  C  CB  . TYR A 1 111 ? -4.921  12.308  -0.851  1.00 20.31 ? 202  TYR A CB  1 
ATOM   822  C  CG  . TYR A 1 111 ? -3.574  11.870  -1.396  1.00 19.57 ? 202  TYR A CG  1 
ATOM   823  C  CD1 . TYR A 1 111 ? -2.824  10.898  -0.740  1.00 21.18 ? 202  TYR A CD1 1 
ATOM   824  C  CD2 . TYR A 1 111 ? -3.089  12.371  -2.605  1.00 19.98 ? 202  TYR A CD2 1 
ATOM   825  C  CE1 . TYR A 1 111 ? -1.622  10.428  -1.275  1.00 19.89 ? 202  TYR A CE1 1 
ATOM   826  C  CE2 . TYR A 1 111 ? -1.887  11.906  -3.151  1.00 20.28 ? 202  TYR A CE2 1 
ATOM   827  C  CZ  . TYR A 1 111 ? -1.160  10.930  -2.478  1.00 22.41 ? 202  TYR A CZ  1 
ATOM   828  O  OH  . TYR A 1 111 ? 0.015   10.432  -3.012  1.00 21.78 ? 202  TYR A OH  1 
ATOM   829  N  N   . LEU A 1 112 ? -7.937  10.576  -0.128  1.00 21.18 ? 203  LEU A N   1 
ATOM   830  C  CA  . LEU A 1 112 ? -9.241  10.643  0.505   1.00 22.29 ? 203  LEU A CA  1 
ATOM   831  C  C   . LEU A 1 112 ? -9.270  10.354  1.994   1.00 23.63 ? 203  LEU A C   1 
ATOM   832  O  O   . LEU A 1 112 ? -8.355  9.752   2.550   1.00 23.09 ? 203  LEU A O   1 
ATOM   833  C  CB  . LEU A 1 112 ? -10.187 9.689   -0.228  1.00 21.72 ? 203  LEU A CB  1 
ATOM   834  C  CG  . LEU A 1 112 ? -10.239 9.901   -1.747  1.00 21.73 ? 203  LEU A CG  1 
ATOM   835  C  CD1 . LEU A 1 112 ? -10.902 8.710   -2.435  1.00 21.51 ? 203  LEU A CD1 1 
ATOM   836  C  CD2 . LEU A 1 112 ? -10.986 11.193  -2.042  1.00 22.60 ? 203  LEU A CD2 1 
ATOM   837  N  N   . GLU A 1 113 ? -10.351 10.799  2.624   1.00 25.78 ? 204  GLU A N   1 
ATOM   838  C  CA  . GLU A 1 113 ? -10.579 10.618  4.049   1.00 26.26 ? 204  GLU A CA  1 
ATOM   839  C  C   . GLU A 1 113 ? -12.057 10.270  4.178   1.00 26.72 ? 204  GLU A C   1 
ATOM   840  O  O   . GLU A 1 113 ? -12.919 11.074  3.828   1.00 29.08 ? 204  GLU A O   1 
ATOM   841  C  CB  . GLU A 1 113 ? -10.270 11.917  4.791   1.00 30.06 ? 204  GLU A CB  1 
ATOM   842  C  CG  . GLU A 1 113 ? -10.543 11.883  6.285   1.00 34.49 ? 204  GLU A CG  1 
ATOM   843  C  CD  . GLU A 1 113 ? -10.250 13.217  6.953   1.00 38.56 ? 204  GLU A CD  1 
ATOM   844  O  OE1 . GLU A 1 113 ? -9.072  13.639  6.951   1.00 38.50 ? 204  GLU A OE1 1 
ATOM   845  O  OE2 . GLU A 1 113 ? -11.199 13.844  7.471   1.00 39.42 ? 204  GLU A OE2 1 
ATOM   846  N  N   . ASP A 1 114 ? -12.351 9.070   4.664   1.00 25.64 ? 205  ASP A N   1 
ATOM   847  C  CA  . ASP A 1 114 ? -13.737 8.635   4.801   1.00 25.63 ? 205  ASP A CA  1 
ATOM   848  C  C   . ASP A 1 114 ? -14.519 9.516   5.775   1.00 26.09 ? 205  ASP A C   1 
ATOM   849  O  O   . ASP A 1 114 ? -14.103 9.724   6.915   1.00 23.17 ? 205  ASP A O   1 
ATOM   850  C  CB  . ASP A 1 114 ? -13.782 7.185   5.272   1.00 27.15 ? 205  ASP A CB  1 
ATOM   851  C  CG  . ASP A 1 114 ? -15.153 6.570   5.111   1.00 27.80 ? 205  ASP A CG  1 
ATOM   852  O  OD1 . ASP A 1 114 ? -15.459 6.071   4.005   1.00 29.80 ? 205  ASP A OD1 1 
ATOM   853  O  OD2 . ASP A 1 114 ? -15.925 6.599   6.089   1.00 29.24 ? 205  ASP A OD2 1 
ATOM   854  N  N   . ARG A 1 115 ? -15.660 10.019  5.322   1.00 27.81 ? 206  ARG A N   1 
ATOM   855  C  CA  . ARG A 1 115 ? -16.494 10.891  6.144   1.00 32.12 ? 206  ARG A CA  1 
ATOM   856  C  C   . ARG A 1 115 ? -16.997 10.237  7.424   1.00 30.98 ? 206  ARG A C   1 
ATOM   857  O  O   . ARG A 1 115 ? -17.313 10.924  8.393   1.00 30.67 ? 206  ARG A O   1 
ATOM   858  C  CB  . ARG A 1 115 ? -17.686 11.397  5.328   1.00 35.88 ? 206  ARG A CB  1 
ATOM   859  C  CG  . ARG A 1 115 ? -17.291 12.309  4.182   1.00 41.90 ? 206  ARG A CG  1 
ATOM   860  C  CD  . ARG A 1 115 ? -16.643 13.581  4.704   1.00 46.23 ? 206  ARG A CD  1 
ATOM   861  N  NE  . ARG A 1 115 ? -16.006 14.357  3.642   1.00 51.91 ? 206  ARG A NE  1 
ATOM   862  C  CZ  . ARG A 1 115 ? -16.643 14.857  2.587   1.00 54.43 ? 206  ARG A CZ  1 
ATOM   863  N  NH1 . ARG A 1 115 ? -17.949 14.664  2.439   1.00 56.73 ? 206  ARG A NH1 1 
ATOM   864  N  NH2 . ARG A 1 115 ? -15.973 15.556  1.680   1.00 55.07 ? 206  ARG A NH2 1 
ATOM   865  N  N   . GLN A 1 116 ? -17.064 8.913   7.434   1.00 31.03 ? 207  GLN A N   1 
ATOM   866  C  CA  . GLN A 1 116 ? -17.550 8.204   8.608   1.00 32.94 ? 207  GLN A CA  1 
ATOM   867  C  C   . GLN A 1 116 ? -16.450 7.604   9.472   1.00 32.22 ? 207  GLN A C   1 
ATOM   868  O  O   . GLN A 1 116 ? -16.460 7.768   10.688  1.00 32.25 ? 207  GLN A O   1 
ATOM   869  C  CB  . GLN A 1 116 ? -18.527 7.106   8.185   1.00 35.84 ? 207  GLN A CB  1 
ATOM   870  C  CG  . GLN A 1 116 ? -19.741 7.630   7.442   1.00 41.35 ? 207  GLN A CG  1 
ATOM   871  C  CD  . GLN A 1 116 ? -20.673 6.522   6.996   1.00 46.10 ? 207  GLN A CD  1 
ATOM   872  O  OE1 . GLN A 1 116 ? -21.220 5.784   7.820   1.00 49.04 ? 207  GLN A OE1 1 
ATOM   873  N  NE2 . GLN A 1 116 ? -20.858 6.396   5.684   1.00 46.55 ? 207  GLN A NE2 1 
ATOM   874  N  N   . THR A 1 117 ? -15.501 6.910   8.847   1.00 29.74 ? 208  THR A N   1 
ATOM   875  C  CA  . THR A 1 117 ? -14.411 6.280   9.591   1.00 29.03 ? 208  THR A CA  1 
ATOM   876  C  C   . THR A 1 117 ? -13.203 7.194   9.741   1.00 27.65 ? 208  THR A C   1 
ATOM   877  O  O   . THR A 1 117 ? -12.378 6.994   10.631  1.00 28.20 ? 208  THR A O   1 
ATOM   878  C  CB  . THR A 1 117 ? -13.928 4.991   8.905   1.00 29.77 ? 208  THR A CB  1 
ATOM   879  O  OG1 . THR A 1 117 ? -13.184 5.333   7.731   1.00 27.84 ? 208  THR A OG1 1 
ATOM   880  C  CG2 . THR A 1 117 ? -15.113 4.118   8.507   1.00 31.87 ? 208  THR A CG2 1 
ATOM   881  N  N   . PHE A 1 118 ? -13.095 8.184   8.859   1.00 26.95 ? 209  PHE A N   1 
ATOM   882  C  CA  . PHE A 1 118 ? -11.984 9.129   8.883   1.00 25.86 ? 209  PHE A CA  1 
ATOM   883  C  C   . PHE A 1 118 ? -10.661 8.471   8.497   1.00 24.42 ? 209  PHE A C   1 
ATOM   884  O  O   . PHE A 1 118 ? -9.590  9.055   8.678   1.00 21.88 ? 209  PHE A O   1 
ATOM   885  C  CB  . PHE A 1 118 ? -11.871 9.776   10.269  1.00 29.11 ? 209  PHE A CB  1 
ATOM   886  C  CG  . PHE A 1 118 ? -13.056 10.627  10.631  1.00 30.03 ? 209  PHE A CG  1 
ATOM   887  C  CD1 . PHE A 1 118 ? -13.215 11.891  10.073  1.00 31.42 ? 209  PHE A CD1 1 
ATOM   888  C  CD2 . PHE A 1 118 ? -14.036 10.146  11.494  1.00 31.71 ? 209  PHE A CD2 1 
ATOM   889  C  CE1 . PHE A 1 118 ? -14.334 12.669  10.367  1.00 32.32 ? 209  PHE A CE1 1 
ATOM   890  C  CE2 . PHE A 1 118 ? -15.161 10.915  11.797  1.00 32.63 ? 209  PHE A CE2 1 
ATOM   891  C  CZ  . PHE A 1 118 ? -15.310 12.179  11.231  1.00 33.13 ? 209  PHE A CZ  1 
ATOM   892  N  N   . ARG A 1 119 ? -10.739 7.256   7.968   1.00 20.88 ? 210  ARG A N   1 
ATOM   893  C  CA  . ARG A 1 119 ? -9.534  6.553   7.544   1.00 21.68 ? 210  ARG A CA  1 
ATOM   894  C  C   . ARG A 1 119 ? -9.024  7.166   6.243   1.00 18.70 ? 210  ARG A C   1 
ATOM   895  O  O   . ARG A 1 119 ? -9.814  7.565   5.383   1.00 18.80 ? 210  ARG A O   1 
ATOM   896  C  CB  . ARG A 1 119 ? -9.825  5.070   7.307   1.00 21.12 ? 210  ARG A CB  1 
ATOM   897  C  CG  . ARG A 1 119 ? -10.063 4.249   8.549   1.00 25.44 ? 210  ARG A CG  1 
ATOM   898  C  CD  . ARG A 1 119 ? -10.367 2.815   8.139   1.00 25.70 ? 210  ARG A CD  1 
ATOM   899  N  NE  . ARG A 1 119 ? -10.692 1.954   9.269   1.00 26.00 ? 210  ARG A NE  1 
ATOM   900  C  CZ  . ARG A 1 119 ? -9.827  1.582   10.204  1.00 26.77 ? 210  ARG A CZ  1 
ATOM   901  N  NH1 . ARG A 1 119 ? -8.568  1.998   10.158  1.00 25.68 ? 210  ARG A NH1 1 
ATOM   902  N  NH2 . ARG A 1 119 ? -10.222 0.777   11.181  1.00 26.52 ? 210  ARG A NH2 1 
ATOM   903  N  N   . HIS A 1 120 ? -7.703  7.232   6.107   1.00 19.20 ? 211  HIS A N   1 
ATOM   904  C  CA  . HIS A 1 120 ? -7.069  7.781   4.909   1.00 19.82 ? 211  HIS A CA  1 
ATOM   905  C  C   . HIS A 1 120 ? -6.889  6.704   3.847   1.00 20.25 ? 211  HIS A C   1 
ATOM   906  O  O   . HIS A 1 120 ? -6.789  5.515   4.159   1.00 19.61 ? 211  HIS A O   1 
ATOM   907  C  CB  . HIS A 1 120 ? -5.682  8.335   5.241   1.00 18.83 ? 211  HIS A CB  1 
ATOM   908  C  CG  . HIS A 1 120 ? -5.688  9.415   6.271   1.00 20.27 ? 211  HIS A CG  1 
ATOM   909  N  ND1 . HIS A 1 120 ? -4.566  9.752   6.995   1.00 20.60 ? 211  HIS A ND1 1 
ATOM   910  C  CD2 . HIS A 1 120 ? -6.671  10.242  6.692   1.00 20.42 ? 211  HIS A CD2 1 
ATOM   911  C  CE1 . HIS A 1 120 ? -4.858  10.740  7.820   1.00 22.15 ? 211  HIS A CE1 1 
ATOM   912  N  NE2 . HIS A 1 120 ? -6.129  11.057  7.655   1.00 18.69 ? 211  HIS A NE2 1 
ATOM   913  N  N   . SER A 1 121 ? -6.819  7.130   2.592   1.00 20.40 ? 212  SER A N   1 
ATOM   914  C  CA  . SER A 1 121 ? -6.606  6.204   1.487   1.00 20.57 ? 212  SER A CA  1 
ATOM   915  C  C   . SER A 1 121 ? -6.211  7.011   0.257   1.00 21.86 ? 212  SER A C   1 
ATOM   916  O  O   . SER A 1 121 ? -6.444  8.218   0.200   1.00 22.37 ? 212  SER A O   1 
ATOM   917  C  CB  . SER A 1 121 ? -7.874  5.388   1.207   1.00 19.40 ? 212  SER A CB  1 
ATOM   918  O  OG  . SER A 1 121 ? -8.911  6.180   0.651   1.00 21.53 ? 212  SER A OG  1 
ATOM   919  N  N   . VAL A 1 122 ? -5.580  6.353   -0.706  1.00 19.74 ? 213  VAL A N   1 
ATOM   920  C  CA  . VAL A 1 122 ? -5.180  7.025   -1.934  1.00 19.40 ? 213  VAL A CA  1 
ATOM   921  C  C   . VAL A 1 122 ? -5.674  6.193   -3.101  1.00 18.37 ? 213  VAL A C   1 
ATOM   922  O  O   . VAL A 1 122 ? -5.418  4.988   -3.180  1.00 19.36 ? 213  VAL A O   1 
ATOM   923  C  CB  . VAL A 1 122 ? -3.642  7.224   -2.017  1.00 19.12 ? 213  VAL A CB  1 
ATOM   924  C  CG1 . VAL A 1 122 ? -2.913  5.883   -1.867  1.00 19.63 ? 213  VAL A CG1 1 
ATOM   925  C  CG2 . VAL A 1 122 ? -3.287  7.886   -3.344  1.00 20.99 ? 213  VAL A CG2 1 
ATOM   926  N  N   . VAL A 1 123 ? -6.412  6.836   -3.995  1.00 17.95 ? 214  VAL A N   1 
ATOM   927  C  CA  . VAL A 1 123 ? -6.982  6.158   -5.151  1.00 18.31 ? 214  VAL A CA  1 
ATOM   928  C  C   . VAL A 1 123 ? -6.399  6.664   -6.463  1.00 19.69 ? 214  VAL A C   1 
ATOM   929  O  O   . VAL A 1 123 ? -6.136  7.855   -6.613  1.00 18.98 ? 214  VAL A O   1 
ATOM   930  C  CB  . VAL A 1 123 ? -8.513  6.368   -5.198  1.00 18.25 ? 214  VAL A CB  1 
ATOM   931  C  CG1 . VAL A 1 123 ? -9.095  5.769   -6.477  1.00 18.18 ? 214  VAL A CG1 1 
ATOM   932  C  CG2 . VAL A 1 123 ? -9.160  5.736   -3.963  1.00 18.72 ? 214  VAL A CG2 1 
ATOM   933  N  N   . VAL A 1 124 ? -6.182  5.744   -7.396  1.00 19.08 ? 215  VAL A N   1 
ATOM   934  C  CA  . VAL A 1 124 ? -5.693  6.095   -8.721  1.00 20.73 ? 215  VAL A CA  1 
ATOM   935  C  C   . VAL A 1 124 ? -6.592  5.354   -9.704  1.00 20.04 ? 215  VAL A C   1 
ATOM   936  O  O   . VAL A 1 124 ? -7.193  4.333   -9.360  1.00 19.97 ? 215  VAL A O   1 
ATOM   937  C  CB  . VAL A 1 124 ? -4.214  5.686   -8.938  1.00 20.43 ? 215  VAL A CB  1 
ATOM   938  C  CG1 . VAL A 1 124 ? -3.341  6.378   -7.905  1.00 20.04 ? 215  VAL A CG1 1 
ATOM   939  C  CG2 . VAL A 1 124 ? -4.056  4.170   -8.863  1.00 19.64 ? 215  VAL A CG2 1 
ATOM   940  N  N   . PRO A 1 125 ? -6.726  5.868   -10.933 1.00 20.53 ? 216  PRO A N   1 
ATOM   941  C  CA  . PRO A 1 125 ? -7.590  5.160   -11.879 1.00 20.34 ? 216  PRO A CA  1 
ATOM   942  C  C   . PRO A 1 125 ? -7.008  3.778   -12.166 1.00 21.10 ? 216  PRO A C   1 
ATOM   943  O  O   . PRO A 1 125 ? -5.792  3.595   -12.110 1.00 20.11 ? 216  PRO A O   1 
ATOM   944  C  CB  . PRO A 1 125 ? -7.560  6.056   -13.122 1.00 20.74 ? 216  PRO A CB  1 
ATOM   945  C  CG  . PRO A 1 125 ? -7.200  7.416   -12.576 1.00 20.90 ? 216  PRO A CG  1 
ATOM   946  C  CD  . PRO A 1 125 ? -6.161  7.083   -11.543 1.00 21.13 ? 216  PRO A CD  1 
ATOM   947  N  N   . TYR A 1 126 ? -7.870  2.803   -12.433 1.00 21.61 ? 217  TYR A N   1 
ATOM   948  C  CA  . TYR A 1 126 ? -7.382  1.479   -12.774 1.00 22.59 ? 217  TYR A CA  1 
ATOM   949  C  C   . TYR A 1 126 ? -7.094  1.555   -14.258 1.00 25.01 ? 217  TYR A C   1 
ATOM   950  O  O   . TYR A 1 126 ? -7.958  1.967   -15.029 1.00 23.20 ? 217  TYR A O   1 
ATOM   951  C  CB  . TYR A 1 126 ? -8.431  0.384   -12.568 1.00 21.88 ? 217  TYR A CB  1 
ATOM   952  C  CG  . TYR A 1 126 ? -7.972  -0.915  -13.192 1.00 22.85 ? 217  TYR A CG  1 
ATOM   953  C  CD1 . TYR A 1 126 ? -6.987  -1.696  -12.577 1.00 20.53 ? 217  TYR A CD1 1 
ATOM   954  C  CD2 . TYR A 1 126 ? -8.423  -1.302  -14.456 1.00 22.54 ? 217  TYR A CD2 1 
ATOM   955  C  CE1 . TYR A 1 126 ? -6.458  -2.820  -13.211 1.00 22.76 ? 217  TYR A CE1 1 
ATOM   956  C  CE2 . TYR A 1 126 ? -7.899  -2.423  -15.096 1.00 23.07 ? 217  TYR A CE2 1 
ATOM   957  C  CZ  . TYR A 1 126 ? -6.916  -3.175  -14.468 1.00 23.31 ? 217  TYR A CZ  1 
ATOM   958  O  OH  . TYR A 1 126 ? -6.378  -4.267  -15.112 1.00 25.13 ? 217  TYR A OH  1 
ATOM   959  N  N   . GLU A 1 127 ? -5.888  1.165   -14.654 1.00 28.31 ? 218  GLU A N   1 
ATOM   960  C  CA  . GLU A 1 127 ? -5.517  1.170   -16.063 1.00 34.35 ? 218  GLU A CA  1 
ATOM   961  C  C   . GLU A 1 127 ? -4.997  -0.209  -16.471 1.00 35.40 ? 218  GLU A C   1 
ATOM   962  O  O   . GLU A 1 127 ? -4.274  -0.863  -15.714 1.00 33.14 ? 218  GLU A O   1 
ATOM   963  C  CB  . GLU A 1 127 ? -4.444  2.228   -16.330 1.00 36.05 ? 218  GLU A CB  1 
ATOM   964  C  CG  . GLU A 1 127 ? -3.212  2.072   -15.469 1.00 44.06 ? 218  GLU A CG  1 
ATOM   965  C  CD  . GLU A 1 127 ? -2.112  3.040   -15.850 1.00 49.55 ? 218  GLU A CD  1 
ATOM   966  O  OE1 . GLU A 1 127 ? -2.387  4.259   -15.893 1.00 52.02 ? 218  GLU A OE1 1 
ATOM   967  O  OE2 . GLU A 1 127 ? -0.974  2.581   -16.101 1.00 51.09 ? 218  GLU A OE2 1 
ATOM   968  N  N   . PRO A 1 128 ? -5.393  -0.684  -17.659 1.00 39.33 ? 219  PRO A N   1 
ATOM   969  C  CA  . PRO A 1 128 ? -4.947  -1.993  -18.150 1.00 41.67 ? 219  PRO A CA  1 
ATOM   970  C  C   . PRO A 1 128 ? -3.426  -2.017  -18.337 1.00 44.28 ? 219  PRO A C   1 
ATOM   971  O  O   . PRO A 1 128 ? -2.790  -0.969  -18.455 1.00 44.52 ? 219  PRO A O   1 
ATOM   972  C  CB  . PRO A 1 128 ? -5.702  -2.136  -19.467 1.00 42.06 ? 219  PRO A CB  1 
ATOM   973  C  CG  . PRO A 1 128 ? -6.993  -1.408  -19.181 1.00 42.39 ? 219  PRO A CG  1 
ATOM   974  C  CD  . PRO A 1 128 ? -6.489  -0.158  -18.492 1.00 39.63 ? 219  PRO A CD  1 
ATOM   975  N  N   . PRO A 1 129 ? -2.825  -3.217  -18.361 1.00 48.15 ? 220  PRO A N   1 
ATOM   976  C  CA  . PRO A 1 129 ? -1.375  -3.380  -18.530 1.00 51.10 ? 220  PRO A CA  1 
ATOM   977  C  C   . PRO A 1 129 ? -0.822  -2.781  -19.827 1.00 54.40 ? 220  PRO A C   1 
ATOM   978  O  O   . PRO A 1 129 ? -1.490  -2.795  -20.862 1.00 54.61 ? 220  PRO A O   1 
ATOM   979  C  CB  . PRO A 1 129 ? -1.193  -4.895  -18.485 1.00 51.24 ? 220  PRO A CB  1 
ATOM   980  C  CG  . PRO A 1 129 ? -2.333  -5.350  -17.618 1.00 50.09 ? 220  PRO A CG  1 
ATOM   981  C  CD  . PRO A 1 129 ? -3.474  -4.521  -18.143 1.00 47.46 ? 220  PRO A CD  1 
ATOM   982  N  N   . GLU A 1 130 ? 0.400   -2.257  -19.766 1.00 57.23 ? 221  GLU A N   1 
ATOM   983  C  CA  . GLU A 1 130 ? 1.034   -1.671  -20.942 1.00 60.67 ? 221  GLU A CA  1 
ATOM   984  C  C   . GLU A 1 130 ? 1.132   -2.711  -22.057 1.00 61.37 ? 221  GLU A C   1 
ATOM   985  O  O   . GLU A 1 130 ? 0.767   -3.871  -21.868 1.00 61.61 ? 221  GLU A O   1 
ATOM   986  C  CB  . GLU A 1 130 ? 2.437   -1.161  -20.593 1.00 62.94 ? 221  GLU A CB  1 
ATOM   987  C  CG  . GLU A 1 130 ? 2.456   0.051   -19.670 1.00 65.84 ? 221  GLU A CG  1 
ATOM   988  C  CD  . GLU A 1 130 ? 3.867   0.528   -19.364 1.00 68.18 ? 221  GLU A CD  1 
ATOM   989  O  OE1 . GLU A 1 130 ? 4.647   0.738   -20.319 1.00 69.87 ? 221  GLU A OE1 1 
ATOM   990  O  OE2 . GLU A 1 130 ? 4.194   0.701   -18.170 1.00 68.97 ? 221  GLU A OE2 1 
ATOM   991  N  N   . ALA A 1 131 ? 1.623   -2.293  -23.219 1.00 62.59 ? 222  ALA A N   1 
ATOM   992  C  CA  . ALA A 1 131 ? 1.768   -3.203  -24.352 1.00 62.84 ? 222  ALA A CA  1 
ATOM   993  C  C   . ALA A 1 131 ? 2.810   -4.267  -24.027 1.00 62.85 ? 222  ALA A C   1 
ATOM   994  O  O   . ALA A 1 131 ? 3.939   -3.949  -23.653 1.00 63.59 ? 222  ALA A O   1 
ATOM   995  C  CB  . ALA A 1 131 ? 2.182   -2.426  -25.600 1.00 62.64 ? 222  ALA A CB  1 
ATOM   996  N  N   . GLY A 1 132 ? 2.425   -5.533  -24.166 1.00 62.34 ? 223  GLY A N   1 
ATOM   997  C  CA  . GLY A 1 132 ? 3.348   -6.616  -23.879 1.00 61.54 ? 223  GLY A CA  1 
ATOM   998  C  C   . GLY A 1 132 ? 3.541   -6.847  -22.391 1.00 60.54 ? 223  GLY A C   1 
ATOM   999  O  O   . GLY A 1 132 ? 4.652   -7.123  -21.930 1.00 60.59 ? 223  GLY A O   1 
ATOM   1000 N  N   . SER A 1 133 ? 2.451   -6.731  -21.637 1.00 59.00 ? 224  SER A N   1 
ATOM   1001 C  CA  . SER A 1 133 ? 2.479   -6.930  -20.192 1.00 56.40 ? 224  SER A CA  1 
ATOM   1002 C  C   . SER A 1 133 ? 1.123   -7.478  -19.756 1.00 54.01 ? 224  SER A C   1 
ATOM   1003 O  O   . SER A 1 133 ? 0.096   -7.135  -20.337 1.00 53.87 ? 224  SER A O   1 
ATOM   1004 C  CB  . SER A 1 133 ? 2.766   -5.601  -19.486 1.00 57.86 ? 224  SER A CB  1 
ATOM   1005 O  OG  . SER A 1 133 ? 2.924   -5.785  -18.089 1.00 58.73 ? 224  SER A OG  1 
ATOM   1006 N  N   . GLU A 1 134 ? 1.121   -8.330  -18.735 1.00 51.87 ? 225  GLU A N   1 
ATOM   1007 C  CA  . GLU A 1 134 ? -0.122  -8.925  -18.249 1.00 50.30 ? 225  GLU A CA  1 
ATOM   1008 C  C   . GLU A 1 134 ? -0.573  -8.395  -16.888 1.00 46.95 ? 225  GLU A C   1 
ATOM   1009 O  O   . GLU A 1 134 ? -1.540  -8.884  -16.310 1.00 45.83 ? 225  GLU A O   1 
ATOM   1010 C  CB  . GLU A 1 134 ? 0.018   -10.448 -18.180 1.00 53.24 ? 225  GLU A CB  1 
ATOM   1011 C  CG  . GLU A 1 134 ? 1.310   -10.938 -17.542 1.00 55.47 ? 225  GLU A CG  1 
ATOM   1012 C  CD  . GLU A 1 134 ? 2.383   -11.257 -18.567 1.00 58.23 ? 225  GLU A CD  1 
ATOM   1013 O  OE1 . GLU A 1 134 ? 2.826   -10.332 -19.281 1.00 61.37 ? 225  GLU A OE1 1 
ATOM   1014 O  OE2 . GLU A 1 134 ? 2.781   -12.439 -18.663 1.00 57.91 ? 225  GLU A OE2 1 
ATOM   1015 N  N   . TYR A 1 135 ? 0.129   -7.388  -16.386 1.00 43.91 ? 226  TYR A N   1 
ATOM   1016 C  CA  . TYR A 1 135 ? -0.207  -6.798  -15.099 1.00 40.19 ? 226  TYR A CA  1 
ATOM   1017 C  C   . TYR A 1 135 ? 0.036   -5.300  -15.174 1.00 36.83 ? 226  TYR A C   1 
ATOM   1018 O  O   . TYR A 1 135 ? 0.699   -4.822  -16.089 1.00 37.59 ? 226  TYR A O   1 
ATOM   1019 C  CB  . TYR A 1 135 ? 0.666   -7.407  -14.002 1.00 37.99 ? 226  TYR A CB  1 
ATOM   1020 C  CG  . TYR A 1 135 ? 2.144   -7.155  -14.202 1.00 40.47 ? 226  TYR A CG  1 
ATOM   1021 C  CD1 . TYR A 1 135 ? 2.743   -5.986  -13.732 1.00 38.70 ? 226  TYR A CD1 1 
ATOM   1022 C  CD2 . TYR A 1 135 ? 2.943   -8.076  -14.881 1.00 41.28 ? 226  TYR A CD2 1 
ATOM   1023 C  CE1 . TYR A 1 135 ? 4.099   -5.740  -13.932 1.00 39.99 ? 226  TYR A CE1 1 
ATOM   1024 C  CE2 . TYR A 1 135 ? 4.303   -7.840  -15.088 1.00 41.30 ? 226  TYR A CE2 1 
ATOM   1025 C  CZ  . TYR A 1 135 ? 4.873   -6.671  -14.610 1.00 42.29 ? 226  TYR A CZ  1 
ATOM   1026 O  OH  . TYR A 1 135 ? 6.217   -6.435  -14.803 1.00 43.43 ? 226  TYR A OH  1 
ATOM   1027 N  N   . THR A 1 136 ? -0.507  -4.564  -14.212 1.00 32.18 ? 227  THR A N   1 
ATOM   1028 C  CA  . THR A 1 136 ? -0.318  -3.122  -14.164 1.00 28.85 ? 227  THR A CA  1 
ATOM   1029 C  C   . THR A 1 136 ? 0.438   -2.842  -12.878 1.00 26.47 ? 227  THR A C   1 
ATOM   1030 O  O   . THR A 1 136 ? 0.181   -3.474  -11.852 1.00 25.67 ? 227  THR A O   1 
ATOM   1031 C  CB  . THR A 1 136 ? -1.664  -2.378  -14.154 1.00 29.56 ? 227  THR A CB  1 
ATOM   1032 O  OG1 . THR A 1 136 ? -2.347  -2.630  -15.386 1.00 33.10 ? 227  THR A OG1 1 
ATOM   1033 C  CG2 . THR A 1 136 ? -1.453  -0.875  -13.998 1.00 31.27 ? 227  THR A CG2 1 
ATOM   1034 N  N   . THR A 1 137 ? 1.386   -1.917  -12.931 1.00 23.09 ? 228  THR A N   1 
ATOM   1035 C  CA  . THR A 1 137 ? 2.162   -1.607  -11.746 1.00 22.13 ? 228  THR A CA  1 
ATOM   1036 C  C   . THR A 1 137 ? 1.828   -0.234  -11.184 1.00 23.10 ? 228  THR A C   1 
ATOM   1037 O  O   . THR A 1 137 ? 1.696   0.742   -11.925 1.00 22.89 ? 228  THR A O   1 
ATOM   1038 C  CB  . THR A 1 137 ? 3.679   -1.670  -12.037 1.00 22.32 ? 228  THR A CB  1 
ATOM   1039 O  OG1 . THR A 1 137 ? 4.014   -2.970  -12.537 1.00 25.43 ? 228  THR A OG1 1 
ATOM   1040 C  CG2 . THR A 1 137 ? 4.484   -1.419  -10.767 1.00 22.91 ? 228  THR A CG2 1 
ATOM   1041 N  N   . ILE A 1 138 ? 1.668   -0.179  -9.867  1.00 21.86 ? 229  ILE A N   1 
ATOM   1042 C  CA  . ILE A 1 138 ? 1.399   1.068   -9.172  1.00 21.64 ? 229  ILE A CA  1 
ATOM   1043 C  C   . ILE A 1 138 ? 2.539   1.206   -8.176  1.00 21.16 ? 229  ILE A C   1 
ATOM   1044 O  O   . ILE A 1 138 ? 2.920   0.231   -7.526  1.00 22.37 ? 229  ILE A O   1 
ATOM   1045 C  CB  . ILE A 1 138 ? 0.055   1.030   -8.407  1.00 22.34 ? 229  ILE A CB  1 
ATOM   1046 C  CG1 . ILE A 1 138 ? -1.104  0.926   -9.396  1.00 24.30 ? 229  ILE A CG1 1 
ATOM   1047 C  CG2 . ILE A 1 138 ? -0.102  2.296   -7.558  1.00 23.61 ? 229  ILE A CG2 1 
ATOM   1048 C  CD1 . ILE A 1 138 ? -2.473  0.936   -8.728  1.00 29.73 ? 229  ILE A CD1 1 
ATOM   1049 N  N   . HIS A 1 139 ? 3.099   2.404   -8.069  1.00 21.02 ? 230  HIS A N   1 
ATOM   1050 C  CA  . HIS A 1 139 ? 4.206   2.627   -7.150  1.00 21.65 ? 230  HIS A CA  1 
ATOM   1051 C  C   . HIS A 1 139 ? 3.742   3.339   -5.891  1.00 22.39 ? 230  HIS A C   1 
ATOM   1052 O  O   . HIS A 1 139 ? 3.197   4.435   -5.944  1.00 23.38 ? 230  HIS A O   1 
ATOM   1053 C  CB  . HIS A 1 139 ? 5.313   3.426   -7.840  1.00 23.46 ? 230  HIS A CB  1 
ATOM   1054 C  CG  . HIS A 1 139 ? 5.899   2.728   -9.028  1.00 25.08 ? 230  HIS A CG  1 
ATOM   1055 N  ND1 . HIS A 1 139 ? 5.207   2.559   -10.208 1.00 27.32 ? 230  HIS A ND1 1 
ATOM   1056 C  CD2 . HIS A 1 139 ? 7.090   2.106   -9.197  1.00 26.74 ? 230  HIS A CD2 1 
ATOM   1057 C  CE1 . HIS A 1 139 ? 5.947   1.860   -11.053 1.00 27.60 ? 230  HIS A CE1 1 
ATOM   1058 N  NE2 . HIS A 1 139 ? 7.094   1.574   -10.463 1.00 26.27 ? 230  HIS A NE2 1 
ATOM   1059 N  N   . TYR A 1 140 ? 3.951   2.689   -4.756  1.00 23.08 ? 231  TYR A N   1 
ATOM   1060 C  CA  . TYR A 1 140 ? 3.547   3.242   -3.470  1.00 22.12 ? 231  TYR A CA  1 
ATOM   1061 C  C   . TYR A 1 140 ? 4.761   3.533   -2.619  1.00 23.36 ? 231  TYR A C   1 
ATOM   1062 O  O   . TYR A 1 140 ? 5.822   2.939   -2.805  1.00 24.37 ? 231  TYR A O   1 
ATOM   1063 C  CB  . TYR A 1 140 ? 2.667   2.242   -2.719  1.00 19.40 ? 231  TYR A CB  1 
ATOM   1064 C  CG  . TYR A 1 140 ? 1.331   1.980   -3.351  1.00 17.52 ? 231  TYR A CG  1 
ATOM   1065 C  CD1 . TYR A 1 140 ? 0.328   2.941   -3.318  1.00 16.65 ? 231  TYR A CD1 1 
ATOM   1066 C  CD2 . TYR A 1 140 ? 1.065   0.766   -3.973  1.00 16.96 ? 231  TYR A CD2 1 
ATOM   1067 C  CE1 . TYR A 1 140 ? -0.917  2.695   -3.885  1.00 17.51 ? 231  TYR A CE1 1 
ATOM   1068 C  CE2 . TYR A 1 140 ? -0.164  0.509   -4.545  1.00 16.62 ? 231  TYR A CE2 1 
ATOM   1069 C  CZ  . TYR A 1 140 ? -1.156  1.475   -4.499  1.00 15.58 ? 231  TYR A CZ  1 
ATOM   1070 O  OH  . TYR A 1 140 ? -2.385  1.211   -5.050  1.00 16.16 ? 231  TYR A OH  1 
ATOM   1071 N  N   . LYS A 1 141 ? 4.596   4.451   -1.677  1.00 25.40 ? 232  LYS A N   1 
ATOM   1072 C  CA  . LYS A 1 141 ? 5.663   4.790   -0.757  1.00 26.19 ? 232  LYS A CA  1 
ATOM   1073 C  C   . LYS A 1 141 ? 5.039   5.026   0.613   1.00 26.10 ? 232  LYS A C   1 
ATOM   1074 O  O   . LYS A 1 141 ? 3.913   5.516   0.722   1.00 23.85 ? 232  LYS A O   1 
ATOM   1075 C  CB  . LYS A 1 141 ? 6.426   6.027   -1.240  1.00 28.86 ? 232  LYS A CB  1 
ATOM   1076 C  CG  . LYS A 1 141 ? 5.594   7.278   -1.389  1.00 34.57 ? 232  LYS A CG  1 
ATOM   1077 C  CD  . LYS A 1 141 ? 6.391   8.380   -2.093  1.00 39.83 ? 232  LYS A CD  1 
ATOM   1078 C  CE  . LYS A 1 141 ? 7.651   8.743   -1.320  1.00 42.85 ? 232  LYS A CE  1 
ATOM   1079 N  NZ  . LYS A 1 141 ? 8.408   9.859   -1.964  1.00 48.34 ? 232  LYS A NZ  1 
ATOM   1080 N  N   . TYR A 1 142 ? 5.770   4.645   1.652   1.00 24.03 ? 233  TYR A N   1 
ATOM   1081 C  CA  . TYR A 1 142 ? 5.314   4.792   3.023   1.00 23.08 ? 233  TYR A CA  1 
ATOM   1082 C  C   . TYR A 1 142 ? 6.132   5.899   3.659   1.00 23.67 ? 233  TYR A C   1 
ATOM   1083 O  O   . TYR A 1 142 ? 7.359   5.821   3.727   1.00 21.46 ? 233  TYR A O   1 
ATOM   1084 C  CB  . TYR A 1 142 ? 5.486   3.456   3.741   1.00 21.76 ? 233  TYR A CB  1 
ATOM   1085 C  CG  . TYR A 1 142 ? 4.605   2.398   3.129   1.00 21.61 ? 233  TYR A CG  1 
ATOM   1086 C  CD1 . TYR A 1 142 ? 3.314   2.174   3.612   1.00 21.37 ? 233  TYR A CD1 1 
ATOM   1087 C  CD2 . TYR A 1 142 ? 5.028   1.670   2.017   1.00 21.88 ? 233  TYR A CD2 1 
ATOM   1088 C  CE1 . TYR A 1 142 ? 2.467   1.256   3.005   1.00 20.51 ? 233  TYR A CE1 1 
ATOM   1089 C  CE2 . TYR A 1 142 ? 4.186   0.749   1.397   1.00 20.65 ? 233  TYR A CE2 1 
ATOM   1090 C  CZ  . TYR A 1 142 ? 2.908   0.546   1.894   1.00 22.50 ? 233  TYR A CZ  1 
ATOM   1091 O  OH  . TYR A 1 142 ? 2.070   -0.353  1.280   1.00 20.95 ? 233  TYR A OH  1 
ATOM   1092 N  N   . MET A 1 143 ? 5.430   6.929   4.123   1.00 24.82 ? 234  MET A N   1 
ATOM   1093 C  CA  . MET A 1 143 ? 6.054   8.115   4.688   1.00 23.83 ? 234  MET A CA  1 
ATOM   1094 C  C   . MET A 1 143 ? 6.353   8.119   6.183   1.00 25.16 ? 234  MET A C   1 
ATOM   1095 O  O   . MET A 1 143 ? 6.668   9.164   6.746   1.00 26.16 ? 234  MET A O   1 
ATOM   1096 C  CB  . MET A 1 143 ? 5.203   9.332   4.325   1.00 24.19 ? 234  MET A CB  1 
ATOM   1097 C  CG  . MET A 1 143 ? 4.893   9.429   2.837   1.00 25.25 ? 234  MET A CG  1 
ATOM   1098 S  SD  . MET A 1 143 ? 6.364   9.233   1.787   1.00 28.12 ? 234  MET A SD  1 
ATOM   1099 C  CE  . MET A 1 143 ? 7.285   10.717  2.222   1.00 26.96 ? 234  MET A CE  1 
ATOM   1100 N  N   . CYS A 1 144 ? 6.265   6.957   6.817   1.00 26.48 ? 235  CYS A N   1 
ATOM   1101 C  CA  . CYS A 1 144 ? 6.547   6.828   8.246   1.00 27.59 ? 235  CYS A CA  1 
ATOM   1102 C  C   . CYS A 1 144 ? 7.179   5.460   8.492   1.00 28.18 ? 235  CYS A C   1 
ATOM   1103 O  O   . CYS A 1 144 ? 6.911   4.512   7.754   1.00 28.13 ? 235  CYS A O   1 
ATOM   1104 C  CB  . CYS A 1 144 ? 5.258   6.931   9.063   1.00 28.09 ? 235  CYS A CB  1 
ATOM   1105 S  SG  . CYS A 1 144 ? 5.085   8.411   10.081  1.00 31.28 ? 235  CYS A SG  1 
ATOM   1106 N  N   . ASN A 1 145 ? 8.026   5.361   9.512   1.00 27.40 ? 236  ASN A N   1 
ATOM   1107 C  CA  . ASN A 1 145 ? 8.648   4.086   9.847   1.00 28.51 ? 236  ASN A CA  1 
ATOM   1108 C  C   . ASN A 1 145 ? 7.650   3.321   10.709  1.00 28.64 ? 236  ASN A C   1 
ATOM   1109 O  O   . ASN A 1 145 ? 6.798   3.925   11.367  1.00 27.42 ? 236  ASN A O   1 
ATOM   1110 C  CB  . ASN A 1 145 ? 9.936   4.290   10.651  1.00 29.06 ? 236  ASN A CB  1 
ATOM   1111 C  CG  . ASN A 1 145 ? 10.999  5.055   9.884   1.00 32.11 ? 236  ASN A CG  1 
ATOM   1112 O  OD1 . ASN A 1 145 ? 11.439  4.633   8.815   1.00 32.58 ? 236  ASN A OD1 1 
ATOM   1113 N  ND2 . ASN A 1 145 ? 11.421  6.189   10.436  1.00 34.47 ? 236  ASN A ND2 1 
ATOM   1114 N  N   . SER A 1 146 ? 7.747   1.997   10.711  1.00 27.26 ? 237  SER A N   1 
ATOM   1115 C  CA  . SER A 1 146 ? 6.844   1.204   11.527  1.00 27.45 ? 237  SER A CA  1 
ATOM   1116 C  C   . SER A 1 146 ? 7.068   1.523   13.007  1.00 27.10 ? 237  SER A C   1 
ATOM   1117 O  O   . SER A 1 146 ? 6.150   1.409   13.818  1.00 26.19 ? 237  SER A O   1 
ATOM   1118 C  CB  . SER A 1 146 ? 7.079   -0.290  11.289  1.00 26.62 ? 237  SER A CB  1 
ATOM   1119 O  OG  . SER A 1 146 ? 6.580   -0.700  10.026  1.00 27.32 ? 237  SER A OG  1 
ATOM   1120 N  N   . SER A 1 147 ? 8.285   1.938   13.345  1.00 26.70 ? 238  SER A N   1 
ATOM   1121 C  CA  . SER A 1 147 ? 8.651   2.243   14.726  1.00 29.02 ? 238  SER A CA  1 
ATOM   1122 C  C   . SER A 1 147 ? 8.248   3.632   15.219  1.00 29.90 ? 238  SER A C   1 
ATOM   1123 O  O   . SER A 1 147 ? 8.344   3.919   16.410  1.00 30.48 ? 238  SER A O   1 
ATOM   1124 C  CB  . SER A 1 147 ? 10.163  2.081   14.905  1.00 28.73 ? 238  SER A CB  1 
ATOM   1125 O  OG  . SER A 1 147 ? 10.872  2.988   14.073  1.00 31.14 ? 238  SER A OG  1 
ATOM   1126 N  N   . CYS A 1 148 ? 7.800   4.493   14.313  1.00 30.10 ? 239  CYS A N   1 
ATOM   1127 C  CA  . CYS A 1 148 ? 7.424   5.849   14.699  1.00 31.80 ? 239  CYS A CA  1 
ATOM   1128 C  C   . CYS A 1 148 ? 6.488   5.946   15.898  1.00 32.79 ? 239  CYS A C   1 
ATOM   1129 O  O   . CYS A 1 148 ? 5.349   5.480   15.854  1.00 31.39 ? 239  CYS A O   1 
ATOM   1130 C  CB  . CYS A 1 148 ? 6.805   6.586   13.514  1.00 30.38 ? 239  CYS A CB  1 
ATOM   1131 S  SG  . CYS A 1 148 ? 8.021   7.187   12.325  1.00 28.93 ? 239  CYS A SG  1 
ATOM   1132 N  N   . MET A 1 149 ? 6.986   6.545   16.975  1.00 34.28 ? 240  MET A N   1 
ATOM   1133 C  CA  . MET A 1 149 ? 6.180   6.735   18.170  1.00 36.46 ? 240  MET A CA  1 
ATOM   1134 C  C   . MET A 1 149 ? 5.173   7.824   17.826  1.00 35.73 ? 240  MET A C   1 
ATOM   1135 O  O   . MET A 1 149 ? 5.506   8.786   17.135  1.00 33.69 ? 240  MET A O   1 
ATOM   1136 C  CB  . MET A 1 149 ? 7.053   7.177   19.344  1.00 40.04 ? 240  MET A CB  1 
ATOM   1137 C  CG  . MET A 1 149 ? 8.017   6.116   19.830  1.00 44.95 ? 240  MET A CG  1 
ATOM   1138 S  SD  . MET A 1 149 ? 8.936   6.652   21.289  1.00 53.59 ? 240  MET A SD  1 
ATOM   1139 C  CE  . MET A 1 149 ? 10.345  7.452   20.523  1.00 50.55 ? 240  MET A CE  1 
ATOM   1140 N  N   . GLY A 1 150 ? 3.946   7.676   18.302  1.00 35.48 ? 241  GLY A N   1 
ATOM   1141 C  CA  . GLY A 1 150 ? 2.935   8.668   17.991  1.00 35.69 ? 241  GLY A CA  1 
ATOM   1142 C  C   . GLY A 1 150 ? 2.309   8.324   16.655  1.00 33.88 ? 241  GLY A C   1 
ATOM   1143 O  O   . GLY A 1 150 ? 1.300   8.905   16.255  1.00 33.79 ? 241  GLY A O   1 
ATOM   1144 N  N   . GLY A 1 151 ? 2.928   7.374   15.960  1.00 32.31 ? 242  GLY A N   1 
ATOM   1145 C  CA  . GLY A 1 151 ? 2.423   6.933   14.676  1.00 30.31 ? 242  GLY A CA  1 
ATOM   1146 C  C   . GLY A 1 151 ? 2.061   5.463   14.768  1.00 31.03 ? 242  GLY A C   1 
ATOM   1147 O  O   . GLY A 1 151 ? 1.237   5.075   15.598  1.00 31.40 ? 242  GLY A O   1 
ATOM   1148 N  N   . MET A 1 152 ? 2.676   4.631   13.934  1.00 28.96 ? 243  MET A N   1 
ATOM   1149 C  CA  . MET A 1 152 ? 2.383   3.204   13.968  1.00 29.18 ? 243  MET A CA  1 
ATOM   1150 C  C   . MET A 1 152 ? 2.948   2.571   15.236  1.00 29.57 ? 243  MET A C   1 
ATOM   1151 O  O   . MET A 1 152 ? 2.469   1.535   15.692  1.00 30.22 ? 243  MET A O   1 
ATOM   1152 C  CB  . MET A 1 152 ? 2.946   2.519   12.720  1.00 27.16 ? 243  MET A CB  1 
ATOM   1153 C  CG  . MET A 1 152 ? 2.216   2.921   11.440  1.00 23.95 ? 243  MET A CG  1 
ATOM   1154 S  SD  . MET A 1 152 ? 2.857   2.106   9.968   1.00 23.81 ? 243  MET A SD  1 
ATOM   1155 C  CE  . MET A 1 152 ? 4.140   3.260   9.493   1.00 20.39 ? 243  MET A CE  1 
ATOM   1156 N  N   . ASN A 1 153 ? 3.965   3.214   15.800  1.00 31.62 ? 244  ASN A N   1 
ATOM   1157 C  CA  . ASN A 1 153 ? 4.609   2.768   17.032  1.00 33.39 ? 244  ASN A CA  1 
ATOM   1158 C  C   . ASN A 1 153 ? 4.876   1.265   17.114  1.00 33.79 ? 244  ASN A C   1 
ATOM   1159 O  O   . ASN A 1 153 ? 4.438   0.584   18.048  1.00 33.00 ? 244  ASN A O   1 
ATOM   1160 C  CB  . ASN A 1 153 ? 3.780   3.222   18.240  1.00 35.43 ? 244  ASN A CB  1 
ATOM   1161 C  CG  . ASN A 1 153 ? 4.545   3.116   19.546  1.00 37.60 ? 244  ASN A CG  1 
ATOM   1162 O  OD1 . ASN A 1 153 ? 5.698   3.543   19.642  1.00 40.97 ? 244  ASN A OD1 1 
ATOM   1163 N  ND2 . ASN A 1 153 ? 3.901   2.559   20.566  1.00 36.73 ? 244  ASN A ND2 1 
ATOM   1164 N  N   . ARG A 1 154 ? 5.602   0.765   16.121  1.00 35.20 ? 245  ARG A N   1 
ATOM   1165 C  CA  . ARG A 1 154 ? 5.989   -0.638  16.037  1.00 36.05 ? 245  ARG A CA  1 
ATOM   1166 C  C   . ARG A 1 154 ? 4.850   -1.607  15.764  1.00 34.85 ? 245  ARG A C   1 
ATOM   1167 O  O   . ARG A 1 154 ? 5.065   -2.819  15.695  1.00 35.47 ? 245  ARG A O   1 
ATOM   1168 C  CB  . ARG A 1 154 ? 6.721   -1.049  17.315  1.00 39.54 ? 245  ARG A CB  1 
ATOM   1169 C  CG  . ARG A 1 154 ? 7.932   -0.190  17.627  1.00 43.95 ? 245  ARG A CG  1 
ATOM   1170 C  CD  . ARG A 1 154 ? 8.650   -0.689  18.868  1.00 47.94 ? 245  ARG A CD  1 
ATOM   1171 N  NE  . ARG A 1 154 ? 9.781   0.165   19.226  1.00 53.36 ? 245  ARG A NE  1 
ATOM   1172 C  CZ  . ARG A 1 154 ? 10.851  0.360   18.457  1.00 55.44 ? 245  ARG A CZ  1 
ATOM   1173 N  NH1 . ARG A 1 154 ? 10.945  -0.238  17.276  1.00 56.70 ? 245  ARG A NH1 1 
ATOM   1174 N  NH2 . ARG A 1 154 ? 11.830  1.156   18.874  1.00 55.67 ? 245  ARG A NH2 1 
ATOM   1175 N  N   . ARG A 1 155 ? 3.640   -1.081  15.607  1.00 32.26 ? 246  ARG A N   1 
ATOM   1176 C  CA  . ARG A 1 155 ? 2.487   -1.928  15.334  1.00 30.57 ? 246  ARG A CA  1 
ATOM   1177 C  C   . ARG A 1 155 ? 2.423   -2.268  13.855  1.00 29.97 ? 246  ARG A C   1 
ATOM   1178 O  O   . ARG A 1 155 ? 2.354   -1.380  13.009  1.00 31.60 ? 246  ARG A O   1 
ATOM   1179 C  CB  . ARG A 1 155 ? 1.194   -1.226  15.755  1.00 30.61 ? 246  ARG A CB  1 
ATOM   1180 C  CG  . ARG A 1 155 ? 1.036   -1.087  17.253  1.00 31.68 ? 246  ARG A CG  1 
ATOM   1181 C  CD  . ARG A 1 155 ? -0.195  -0.274  17.600  1.00 30.98 ? 246  ARG A CD  1 
ATOM   1182 N  NE  . ARG A 1 155 ? -0.086  1.103   17.126  1.00 29.39 ? 246  ARG A NE  1 
ATOM   1183 C  CZ  . ARG A 1 155 ? -1.035  2.020   17.283  1.00 30.67 ? 246  ARG A CZ  1 
ATOM   1184 N  NH1 . ARG A 1 155 ? -2.165  1.706   17.905  1.00 29.30 ? 246  ARG A NH1 1 
ATOM   1185 N  NH2 . ARG A 1 155 ? -0.861  3.247   16.812  1.00 28.16 ? 246  ARG A NH2 1 
ATOM   1186 N  N   . PRO A 1 156 ? 2.452   -3.564  13.520  1.00 29.38 ? 247  PRO A N   1 
ATOM   1187 C  CA  . PRO A 1 156 ? 2.390   -3.939  12.107  1.00 28.32 ? 247  PRO A CA  1 
ATOM   1188 C  C   . PRO A 1 156 ? 1.079   -3.497  11.463  1.00 27.04 ? 247  PRO A C   1 
ATOM   1189 O  O   . PRO A 1 156 ? 0.035   -3.458  12.112  1.00 26.94 ? 247  PRO A O   1 
ATOM   1190 C  CB  . PRO A 1 156 ? 2.542   -5.463  12.148  1.00 27.85 ? 247  PRO A CB  1 
ATOM   1191 C  CG  . PRO A 1 156 ? 1.947   -5.824  13.474  1.00 31.47 ? 247  PRO A CG  1 
ATOM   1192 C  CD  . PRO A 1 156 ? 2.509   -4.756  14.383  1.00 29.17 ? 247  PRO A CD  1 
ATOM   1193 N  N   . ILE A 1 157 ? 1.145   -3.139  10.187  1.00 26.45 ? 248  ILE A N   1 
ATOM   1194 C  CA  . ILE A 1 157 ? -0.047  -2.725  9.458   1.00 24.29 ? 248  ILE A CA  1 
ATOM   1195 C  C   . ILE A 1 157 ? -0.182  -3.580  8.217   1.00 24.30 ? 248  ILE A C   1 
ATOM   1196 O  O   . ILE A 1 157 ? 0.757   -4.276  7.809   1.00 24.28 ? 248  ILE A O   1 
ATOM   1197 C  CB  . ILE A 1 157 ? 0.035   -1.267  8.968   1.00 23.88 ? 248  ILE A CB  1 
ATOM   1198 C  CG1 . ILE A 1 157 ? 1.173   -1.139  7.944   1.00 23.59 ? 248  ILE A CG1 1 
ATOM   1199 C  CG2 . ILE A 1 157 ? 0.211   -0.324  10.150  1.00 22.42 ? 248  ILE A CG2 1 
ATOM   1200 C  CD1 . ILE A 1 157 ? 1.246   0.209   7.252   1.00 24.35 ? 248  ILE A CD1 1 
ATOM   1201 N  N   . LEU A 1 158 ? -1.362  -3.533  7.606   1.00 22.42 ? 249  LEU A N   1 
ATOM   1202 C  CA  . LEU A 1 158 ? -1.561  -4.102  6.279   1.00 22.46 ? 249  LEU A CA  1 
ATOM   1203 C  C   . LEU A 1 158 ? -1.950  -3.027  5.270   1.00 23.03 ? 249  LEU A C   1 
ATOM   1204 O  O   . LEU A 1 158 ? -2.556  -2.016  5.628   1.00 24.08 ? 249  LEU A O   1 
ATOM   1205 C  CB  . LEU A 1 158 ? -2.629  -5.195  6.320   1.00 22.46 ? 249  LEU A CB  1 
ATOM   1206 C  CG  . LEU A 1 158 ? -2.617  -6.110  7.546   1.00 24.05 ? 249  LEU A CG  1 
ATOM   1207 C  CD1 . LEU A 1 158 ? -3.905  -6.915  7.630   1.00 23.94 ? 249  LEU A CD1 1 
ATOM   1208 C  CD2 . LEU A 1 158 ? -1.407  -7.031  7.519   1.00 24.12 ? 249  LEU A CD2 1 
ATOM   1209 N  N   . THR A 1 159 ? -1.596  -3.251  4.008   1.00 20.25 ? 250  THR A N   1 
ATOM   1210 C  CA  . THR A 1 159 ? -1.970  -2.338  2.935   1.00 17.83 ? 250  THR A CA  1 
ATOM   1211 C  C   . THR A 1 159 ? -3.059  -2.941  2.054   1.00 17.95 ? 250  THR A C   1 
ATOM   1212 O  O   . THR A 1 159 ? -2.770  -3.648  1.088   1.00 16.85 ? 250  THR A O   1 
ATOM   1213 C  CB  . THR A 1 159 ? -0.759  -1.971  2.058   1.00 20.29 ? 250  THR A CB  1 
ATOM   1214 O  OG1 . THR A 1 159 ? 0.184   -1.219  2.832   1.00 20.31 ? 250  THR A OG1 1 
ATOM   1215 C  CG2 . THR A 1 159 ? -1.200  -1.143  0.860   1.00 20.59 ? 250  THR A CG2 1 
ATOM   1216 N  N   . ILE A 1 160 ? -4.313  -2.657  2.393   1.00 16.73 ? 251  ILE A N   1 
ATOM   1217 C  CA  . ILE A 1 160 ? -5.447  -3.169  1.633   1.00 17.14 ? 251  ILE A CA  1 
ATOM   1218 C  C   . ILE A 1 160 ? -5.556  -2.485  0.274   1.00 17.37 ? 251  ILE A C   1 
ATOM   1219 O  O   . ILE A 1 160 ? -5.752  -1.273  0.193   1.00 18.09 ? 251  ILE A O   1 
ATOM   1220 C  CB  . ILE A 1 160 ? -6.770  -2.983  2.398   1.00 16.60 ? 251  ILE A CB  1 
ATOM   1221 C  CG1 . ILE A 1 160 ? -6.580  -3.314  3.880   1.00 18.64 ? 251  ILE A CG1 1 
ATOM   1222 C  CG2 . ILE A 1 160 ? -7.864  -3.847  1.790   1.00 17.06 ? 251  ILE A CG2 1 
ATOM   1223 C  CD1 . ILE A 1 160 ? -6.099  -4.726  4.134   1.00 22.66 ? 251  ILE A CD1 1 
ATOM   1224 N  N   . ILE A 1 161 ? -5.428  -3.270  -0.790  1.00 17.27 ? 252  ILE A N   1 
ATOM   1225 C  CA  . ILE A 1 161 ? -5.586  -2.757  -2.142  1.00 17.77 ? 252  ILE A CA  1 
ATOM   1226 C  C   . ILE A 1 161 ? -6.945  -3.233  -2.625  1.00 17.90 ? 252  ILE A C   1 
ATOM   1227 O  O   . ILE A 1 161 ? -7.216  -4.437  -2.660  1.00 18.82 ? 252  ILE A O   1 
ATOM   1228 C  CB  . ILE A 1 161 ? -4.506  -3.294  -3.119  1.00 19.17 ? 252  ILE A CB  1 
ATOM   1229 C  CG1 . ILE A 1 161 ? -3.105  -2.892  -2.642  1.00 19.40 ? 252  ILE A CG1 1 
ATOM   1230 C  CG2 . ILE A 1 161 ? -4.761  -2.743  -4.522  1.00 17.51 ? 252  ILE A CG2 1 
ATOM   1231 C  CD1 . ILE A 1 161 ? -2.896  -1.395  -2.486  1.00 20.34 ? 252  ILE A CD1 1 
ATOM   1232 N  N   . THR A 1 162 ? -7.800  -2.287  -2.998  1.00 16.09 ? 253  THR A N   1 
ATOM   1233 C  CA  . THR A 1 162 ? -9.151  -2.607  -3.444  1.00 18.26 ? 253  THR A CA  1 
ATOM   1234 C  C   . THR A 1 162 ? -9.387  -2.130  -4.873  1.00 20.05 ? 253  THR A C   1 
ATOM   1235 O  O   . THR A 1 162 ? -9.247  -0.945  -5.173  1.00 21.42 ? 253  THR A O   1 
ATOM   1236 C  CB  . THR A 1 162 ? -10.213 -1.982  -2.522  1.00 20.05 ? 253  THR A CB  1 
ATOM   1237 O  OG1 . THR A 1 162 ? -9.903  -0.601  -2.299  1.00 23.41 ? 253  THR A OG1 1 
ATOM   1238 C  CG2 . THR A 1 162 ? -10.254 -2.710  -1.187  1.00 19.80 ? 253  THR A CG2 1 
ATOM   1239 N  N   . LEU A 1 163 ? -9.745  -3.061  -5.751  1.00 17.22 ? 254  LEU A N   1 
ATOM   1240 C  CA  . LEU A 1 163 ? -10.368 -2.715  -7.024  1.00 18.57 ? 254  LEU A CA  1 
ATOM   1241 C  C   . LEU A 1 163 ? -11.843 -2.374  -6.842  1.00 18.31 ? 254  LEU A C   1 
ATOM   1242 O  O   . LEU A 1 163 ? -12.636 -3.214  -6.418  1.00 17.34 ? 254  LEU A O   1 
ATOM   1243 C  CB  . LEU A 1 163 ? -10.213 -3.861  -8.025  1.00 18.66 ? 254  LEU A CB  1 
ATOM   1244 C  CG  . LEU A 1 163 ? -10.699 -3.587  -9.450  1.00 20.14 ? 254  LEU A CG  1 
ATOM   1245 C  CD1 . LEU A 1 163 ? -9.886  -2.472  -10.091 1.00 19.24 ? 254  LEU A CD1 1 
ATOM   1246 C  CD2 . LEU A 1 163 ? -10.639 -4.852  -10.291 1.00 20.52 ? 254  LEU A CD2 1 
ATOM   1247 N  N   . GLU A 1 164 ? -12.204 -1.136  -7.164  1.00 17.27 ? 255  GLU A N   1 
ATOM   1248 C  CA  . GLU A 1 164 ? -13.593 -0.700  -7.095  1.00 17.47 ? 255  GLU A CA  1 
ATOM   1249 C  C   . GLU A 1 164 ? -14.071 -0.164  -8.439  1.00 17.30 ? 255  GLU A C   1 
ATOM   1250 O  O   . GLU A 1 164 ? -13.267 0.249   -9.276  1.00 17.64 ? 255  GLU A O   1 
ATOM   1251 C  CB  . GLU A 1 164 ? -13.765 0.367   -6.012  1.00 16.67 ? 255  GLU A CB  1 
ATOM   1252 C  CG  . GLU A 1 164 ? -13.166 -0.011  -4.668  1.00 20.08 ? 255  GLU A CG  1 
ATOM   1253 C  CD  . GLU A 1 164 ? -12.937 1.191   -3.772  1.00 20.31 ? 255  GLU A CD  1 
ATOM   1254 O  OE1 . GLU A 1 164 ? -13.460 2.280   -4.092  1.00 22.45 ? 255  GLU A OE1 1 
ATOM   1255 O  OE2 . GLU A 1 164 ? -12.235 1.047   -2.749  1.00 21.78 ? 255  GLU A OE2 1 
ATOM   1256 N  N   . ASP A 1 165 ? -15.385 -0.172  -8.641  1.00 16.55 ? 256  ASP A N   1 
ATOM   1257 C  CA  . ASP A 1 165 ? -15.971 0.322   -9.876  1.00 18.35 ? 256  ASP A CA  1 
ATOM   1258 C  C   . ASP A 1 165 ? -16.142 1.833   -9.744  1.00 19.14 ? 256  ASP A C   1 
ATOM   1259 O  O   . ASP A 1 165 ? -15.818 2.408   -8.700  1.00 18.98 ? 256  ASP A O   1 
ATOM   1260 C  CB  . ASP A 1 165 ? -17.307 -0.381  -10.199 1.00 19.34 ? 256  ASP A CB  1 
ATOM   1261 C  CG  . ASP A 1 165 ? -18.428 -0.037  -9.231  1.00 21.48 ? 256  ASP A CG  1 
ATOM   1262 O  OD1 . ASP A 1 165 ? -18.269 0.865   -8.383  1.00 21.26 ? 256  ASP A OD1 1 
ATOM   1263 O  OD2 . ASP A 1 165 ? -19.495 -0.684  -9.339  1.00 23.73 ? 256  ASP A OD2 1 
ATOM   1264 N  N   . SER A 1 166 ? -16.633 2.475   -10.797 1.00 21.64 ? 257  SER A N   1 
ATOM   1265 C  CA  . SER A 1 166 ? -16.801 3.923   -10.793 1.00 22.95 ? 257  SER A CA  1 
ATOM   1266 C  C   . SER A 1 166 ? -17.688 4.462   -9.667  1.00 24.38 ? 257  SER A C   1 
ATOM   1267 O  O   . SER A 1 166 ? -17.577 5.630   -9.303  1.00 23.64 ? 257  SER A O   1 
ATOM   1268 C  CB  . SER A 1 166 ? -17.348 4.389   -12.143 1.00 22.25 ? 257  SER A CB  1 
ATOM   1269 O  OG  . SER A 1 166 ? -18.621 3.834   -12.390 1.00 25.07 ? 257  SER A OG  1 
ATOM   1270 N  N   . SER A 1 167 ? -18.564 3.623   -9.120  1.00 24.27 ? 258  SER A N   1 
ATOM   1271 C  CA  . SER A 1 167 ? -19.445 4.059   -8.037  1.00 25.47 ? 258  SER A CA  1 
ATOM   1272 C  C   . SER A 1 167 ? -18.839 3.796   -6.663  1.00 25.80 ? 258  SER A C   1 
ATOM   1273 O  O   . SER A 1 167 ? -19.401 4.195   -5.644  1.00 28.11 ? 258  SER A O   1 
ATOM   1274 C  CB  . SER A 1 167 ? -20.804 3.363   -8.131  1.00 25.35 ? 258  SER A CB  1 
ATOM   1275 O  OG  . SER A 1 167 ? -21.478 3.711   -9.326  1.00 26.83 ? 258  SER A OG  1 
ATOM   1276 N  N   . GLY A 1 168 ? -17.690 3.130   -6.636  1.00 24.56 ? 259  GLY A N   1 
ATOM   1277 C  CA  . GLY A 1 168 ? -17.047 2.835   -5.368  1.00 23.80 ? 259  GLY A CA  1 
ATOM   1278 C  C   . GLY A 1 168 ? -17.363 1.444   -4.847  1.00 23.74 ? 259  GLY A C   1 
ATOM   1279 O  O   . GLY A 1 168 ? -16.974 1.085   -3.736  1.00 24.01 ? 259  GLY A O   1 
ATOM   1280 N  N   . ASN A 1 169 ? -18.070 0.655   -5.651  1.00 22.88 ? 260  ASN A N   1 
ATOM   1281 C  CA  . ASN A 1 169 ? -18.421 -0.704  -5.261  1.00 22.85 ? 260  ASN A CA  1 
ATOM   1282 C  C   . ASN A 1 169 ? -17.189 -1.597  -5.289  1.00 22.67 ? 260  ASN A C   1 
ATOM   1283 O  O   . ASN A 1 169 ? -16.307 -1.439  -6.136  1.00 20.93 ? 260  ASN A O   1 
ATOM   1284 C  CB  . ASN A 1 169 ? -19.471 -1.289  -6.205  1.00 23.21 ? 260  ASN A CB  1 
ATOM   1285 C  CG  . ASN A 1 169 ? -20.786 -0.550  -6.144  1.00 26.67 ? 260  ASN A CG  1 
ATOM   1286 O  OD1 . ASN A 1 169 ? -21.339 -0.337  -5.065  1.00 26.50 ? 260  ASN A OD1 1 
ATOM   1287 N  ND2 . ASN A 1 169 ? -21.300 -0.159  -7.304  1.00 25.42 ? 260  ASN A ND2 1 
ATOM   1288 N  N   . LEU A 1 170 ? -17.141 -2.545  -4.362  1.00 22.44 ? 261  LEU A N   1 
ATOM   1289 C  CA  . LEU A 1 170 ? -16.028 -3.474  -4.283  1.00 22.13 ? 261  LEU A CA  1 
ATOM   1290 C  C   . LEU A 1 170 ? -16.014 -4.440  -5.472  1.00 21.62 ? 261  LEU A C   1 
ATOM   1291 O  O   . LEU A 1 170 ? -17.021 -5.086  -5.764  1.00 23.84 ? 261  LEU A O   1 
ATOM   1292 C  CB  . LEU A 1 170 ? -16.131 -4.281  -2.985  1.00 20.91 ? 261  LEU A CB  1 
ATOM   1293 C  CG  . LEU A 1 170 ? -15.062 -5.355  -2.783  1.00 19.77 ? 261  LEU A CG  1 
ATOM   1294 C  CD1 . LEU A 1 170 ? -13.721 -4.687  -2.504  1.00 20.43 ? 261  LEU A CD1 1 
ATOM   1295 C  CD2 . LEU A 1 170 ? -15.452 -6.263  -1.629  1.00 18.21 ? 261  LEU A CD2 1 
ATOM   1296 N  N   . LEU A 1 171 ? -14.884 -4.530  -6.169  1.00 20.86 ? 262  LEU A N   1 
ATOM   1297 C  CA  . LEU A 1 171 ? -14.762 -5.480  -7.278  1.00 19.29 ? 262  LEU A CA  1 
ATOM   1298 C  C   . LEU A 1 171 ? -13.764 -6.572  -6.889  1.00 18.21 ? 262  LEU A C   1 
ATOM   1299 O  O   . LEU A 1 171 ? -13.937 -7.746  -7.226  1.00 17.93 ? 262  LEU A O   1 
ATOM   1300 C  CB  . LEU A 1 171 ? -14.287 -4.793  -8.567  1.00 18.06 ? 262  LEU A CB  1 
ATOM   1301 C  CG  . LEU A 1 171 ? -15.266 -3.831  -9.245  1.00 19.33 ? 262  LEU A CG  1 
ATOM   1302 C  CD1 . LEU A 1 171 ? -14.702 -3.404  -10.605 1.00 19.68 ? 262  LEU A CD1 1 
ATOM   1303 C  CD2 . LEU A 1 171 ? -16.617 -4.510  -9.419  1.00 16.25 ? 262  LEU A CD2 1 
ATOM   1304 N  N   . GLY A 1 172 ? -12.716 -6.176  -6.181  1.00 16.79 ? 263  GLY A N   1 
ATOM   1305 C  CA  . GLY A 1 172 ? -11.713 -7.133  -5.763  1.00 17.11 ? 263  GLY A CA  1 
ATOM   1306 C  C   . GLY A 1 172 ? -10.878 -6.558  -4.645  1.00 16.92 ? 263  GLY A C   1 
ATOM   1307 O  O   . GLY A 1 172 ? -10.831 -5.338  -4.451  1.00 16.46 ? 263  GLY A O   1 
ATOM   1308 N  N   . ARG A 1 173 ? -10.216 -7.431  -3.898  1.00 16.78 ? 264  ARG A N   1 
ATOM   1309 C  CA  . ARG A 1 173 ? -9.389  -6.973  -2.800  1.00 16.98 ? 264  ARG A CA  1 
ATOM   1310 C  C   . ARG A 1 173 ? -8.244  -7.916  -2.477  1.00 18.16 ? 264  ARG A C   1 
ATOM   1311 O  O   . ARG A 1 173 ? -8.388  -9.137  -2.535  1.00 17.67 ? 264  ARG A O   1 
ATOM   1312 C  CB  . ARG A 1 173 ? -10.233 -6.783  -1.534  1.00 18.15 ? 264  ARG A CB  1 
ATOM   1313 C  CG  . ARG A 1 173 ? -9.395  -6.346  -0.327  1.00 20.73 ? 264  ARG A CG  1 
ATOM   1314 C  CD  . ARG A 1 173 ? -10.197 -6.312  0.973   1.00 23.10 ? 264  ARG A CD  1 
ATOM   1315 N  NE  . ARG A 1 173 ? -10.699 -7.637  1.336   1.00 24.28 ? 264  ARG A NE  1 
ATOM   1316 C  CZ  . ARG A 1 173 ? -11.985 -7.981  1.335   1.00 26.18 ? 264  ARG A CZ  1 
ATOM   1317 N  NH1 . ARG A 1 173 ? -12.916 -7.096  0.992   1.00 23.47 ? 264  ARG A NH1 1 
ATOM   1318 N  NH2 . ARG A 1 173 ? -12.340 -9.214  1.669   1.00 24.71 ? 264  ARG A NH2 1 
ATOM   1319 N  N   . ASP A 1 174 ? -7.107  -7.337  -2.123  1.00 17.67 ? 265  ASP A N   1 
ATOM   1320 C  CA  . ASP A 1 174 ? -5.944  -8.124  -1.747  1.00 18.92 ? 265  ASP A CA  1 
ATOM   1321 C  C   . ASP A 1 174 ? -5.232  -7.270  -0.728  1.00 18.66 ? 265  ASP A C   1 
ATOM   1322 O  O   . ASP A 1 174 ? -5.558  -6.092  -0.557  1.00 21.02 ? 265  ASP A O   1 
ATOM   1323 C  CB  . ASP A 1 174 ? -5.033  -8.379  -2.951  1.00 19.49 ? 265  ASP A CB  1 
ATOM   1324 C  CG  . ASP A 1 174 ? -4.153  -9.624  -2.778  1.00 20.64 ? 265  ASP A CG  1 
ATOM   1325 O  OD1 . ASP A 1 174 ? -3.983  -10.104 -1.636  1.00 16.99 ? 265  ASP A OD1 1 
ATOM   1326 O  OD2 . ASP A 1 174 ? -3.625  -10.124 -3.795  1.00 17.92 ? 265  ASP A OD2 1 
ATOM   1327 N  N   . SER A 1 175 ? -4.264  -7.849  -0.038  1.00 17.40 ? 266  SER A N   1 
ATOM   1328 C  CA  . SER A 1 175 ? -3.544  -7.089  0.953   1.00 17.14 ? 266  SER A CA  1 
ATOM   1329 C  C   . SER A 1 175 ? -2.225  -7.748  1.277   1.00 19.38 ? 266  SER A C   1 
ATOM   1330 O  O   . SER A 1 175 ? -1.961  -8.895  0.893   1.00 20.00 ? 266  SER A O   1 
ATOM   1331 C  CB  . SER A 1 175 ? -4.390  -6.949  2.228   1.00 19.92 ? 266  SER A CB  1 
ATOM   1332 O  OG  . SER A 1 175 ? -4.746  -8.216  2.757   1.00 20.98 ? 266  SER A OG  1 
ATOM   1333 N  N   . PHE A 1 176 ? -1.385  -7.007  1.977   1.00 17.12 ? 267  PHE A N   1 
ATOM   1334 C  CA  . PHE A 1 176 ? -0.101  -7.522  2.377   1.00 19.26 ? 267  PHE A CA  1 
ATOM   1335 C  C   . PHE A 1 176 ? 0.322   -6.740  3.594   1.00 19.65 ? 267  PHE A C   1 
ATOM   1336 O  O   . PHE A 1 176 ? -0.065  -5.583  3.764   1.00 19.60 ? 267  PHE A O   1 
ATOM   1337 C  CB  . PHE A 1 176 ? 0.912   -7.368  1.241   1.00 19.90 ? 267  PHE A CB  1 
ATOM   1338 C  CG  . PHE A 1 176 ? 1.005   -5.975  0.687   1.00 19.43 ? 267  PHE A CG  1 
ATOM   1339 C  CD1 . PHE A 1 176 ? 1.963   -5.087  1.158   1.00 20.85 ? 267  PHE A CD1 1 
ATOM   1340 C  CD2 . PHE A 1 176 ? 0.131   -5.552  -0.309  1.00 20.18 ? 267  PHE A CD2 1 
ATOM   1341 C  CE1 . PHE A 1 176 ? 2.052   -3.792  0.640   1.00 21.61 ? 267  PHE A CE1 1 
ATOM   1342 C  CE2 . PHE A 1 176 ? 0.210   -4.258  -0.832  1.00 22.46 ? 267  PHE A CE2 1 
ATOM   1343 C  CZ  . PHE A 1 176 ? 1.172   -3.380  -0.356  1.00 20.11 ? 267  PHE A CZ  1 
ATOM   1344 N  N   . GLU A 1 177 ? 1.088   -7.388  4.458   1.00 20.13 ? 268  GLU A N   1 
ATOM   1345 C  CA  . GLU A 1 177 ? 1.569   -6.735  5.658   1.00 21.58 ? 268  GLU A CA  1 
ATOM   1346 C  C   . GLU A 1 177 ? 2.718   -5.845  5.219   1.00 22.72 ? 268  GLU A C   1 
ATOM   1347 O  O   . GLU A 1 177 ? 3.313   -6.060  4.158   1.00 21.23 ? 268  GLU A O   1 
ATOM   1348 C  CB  . GLU A 1 177 ? 2.059   -7.778  6.658   1.00 22.50 ? 268  GLU A CB  1 
ATOM   1349 C  CG  . GLU A 1 177 ? 2.327   -7.230  8.052   1.00 24.04 ? 268  GLU A CG  1 
ATOM   1350 C  CD  . GLU A 1 177 ? 2.696   -8.332  9.022   1.00 22.58 ? 268  GLU A CD  1 
ATOM   1351 O  OE1 . GLU A 1 177 ? 2.096   -9.422  8.925   1.00 22.72 ? 268  GLU A OE1 1 
ATOM   1352 O  OE2 . GLU A 1 177 ? 3.570   -8.105  9.882   1.00 24.41 ? 268  GLU A OE2 1 
ATOM   1353 N  N   . VAL A 1 178 ? 3.027   -4.840  6.025   1.00 23.81 ? 269  VAL A N   1 
ATOM   1354 C  CA  . VAL A 1 178 ? 4.111   -3.941  5.687   1.00 24.95 ? 269  VAL A CA  1 
ATOM   1355 C  C   . VAL A 1 178 ? 4.918   -3.558  6.905   1.00 26.26 ? 269  VAL A C   1 
ATOM   1356 O  O   . VAL A 1 178 ? 4.383   -3.390  8.005   1.00 26.25 ? 269  VAL A O   1 
ATOM   1357 C  CB  . VAL A 1 178 ? 3.601   -2.636  5.038   1.00 25.80 ? 269  VAL A CB  1 
ATOM   1358 C  CG1 . VAL A 1 178 ? 4.781   -1.743  4.674   1.00 23.99 ? 269  VAL A CG1 1 
ATOM   1359 C  CG2 . VAL A 1 178 ? 2.780   -2.949  3.806   1.00 25.20 ? 269  VAL A CG2 1 
ATOM   1360 N  N   . ARG A 1 179 ? 6.223   -3.455  6.695   1.00 26.77 ? 270  ARG A N   1 
ATOM   1361 C  CA  . ARG A 1 179 ? 7.140   -3.031  7.733   1.00 27.55 ? 270  ARG A CA  1 
ATOM   1362 C  C   . ARG A 1 179 ? 8.052   -2.023  7.062   1.00 27.91 ? 270  ARG A C   1 
ATOM   1363 O  O   . ARG A 1 179 ? 8.754   -2.348  6.103   1.00 28.03 ? 270  ARG A O   1 
ATOM   1364 C  CB  . ARG A 1 179 ? 7.964   -4.198  8.276   1.00 28.34 ? 270  ARG A CB  1 
ATOM   1365 C  CG  . ARG A 1 179 ? 9.014   -3.760  9.293   1.00 31.71 ? 270  ARG A CG  1 
ATOM   1366 C  CD  . ARG A 1 179 ? 9.740   -4.950  9.897   1.00 36.82 ? 270  ARG A CD  1 
ATOM   1367 N  NE  . ARG A 1 179 ? 10.944  -4.558  10.628  1.00 39.27 ? 270  ARG A NE  1 
ATOM   1368 C  CZ  . ARG A 1 179 ? 10.957  -3.789  11.713  1.00 43.15 ? 270  ARG A CZ  1 
ATOM   1369 N  NH1 . ARG A 1 179 ? 9.822   -3.312  12.214  1.00 43.72 ? 270  ARG A NH1 1 
ATOM   1370 N  NH2 . ARG A 1 179 ? 12.111  -3.502  12.305  1.00 43.60 ? 270  ARG A NH2 1 
ATOM   1371 N  N   . VAL A 1 180 ? 8.006   -0.790  7.540   1.00 26.77 ? 271  VAL A N   1 
ATOM   1372 C  CA  . VAL A 1 180 ? 8.842   0.265   7.000   1.00 27.68 ? 271  VAL A CA  1 
ATOM   1373 C  C   . VAL A 1 180 ? 10.018  0.317   7.968   1.00 29.48 ? 271  VAL A C   1 
ATOM   1374 O  O   . VAL A 1 180 ? 9.851   0.673   9.133   1.00 30.47 ? 271  VAL A O   1 
ATOM   1375 C  CB  . VAL A 1 180 ? 8.095   1.611   6.991   1.00 26.21 ? 271  VAL A CB  1 
ATOM   1376 C  CG1 . VAL A 1 180 ? 8.887   2.642   6.217   1.00 24.42 ? 271  VAL A CG1 1 
ATOM   1377 C  CG2 . VAL A 1 180 ? 6.712   1.427   6.377   1.00 23.27 ? 271  VAL A CG2 1 
ATOM   1378 N  N   . CYS A 1 181 ? 11.200  -0.051  7.486   1.00 30.73 ? 272  CYS A N   1 
ATOM   1379 C  CA  . CYS A 1 181 ? 12.384  -0.094  8.336   1.00 31.38 ? 272  CYS A CA  1 
ATOM   1380 C  C   . CYS A 1 181 ? 13.672  0.361   7.659   1.00 32.13 ? 272  CYS A C   1 
ATOM   1381 O  O   . CYS A 1 181 ? 13.708  0.630   6.460   1.00 32.71 ? 272  CYS A O   1 
ATOM   1382 C  CB  . CYS A 1 181 ? 12.568  -1.517  8.859   1.00 31.31 ? 272  CYS A CB  1 
ATOM   1383 S  SG  . CYS A 1 181 ? 12.483  -2.768  7.552   1.00 30.39 ? 272  CYS A SG  1 
ATOM   1384 N  N   . ALA A 1 182 ? 14.736  0.425   8.449   1.00 33.09 ? 273  ALA A N   1 
ATOM   1385 C  CA  . ALA A 1 182 ? 16.037  0.855   7.964   1.00 34.02 ? 273  ALA A CA  1 
ATOM   1386 C  C   . ALA A 1 182 ? 16.720  -0.191  7.091   1.00 33.95 ? 273  ALA A C   1 
ATOM   1387 O  O   . ALA A 1 182 ? 17.357  0.152   6.097   1.00 33.95 ? 273  ALA A O   1 
ATOM   1388 C  CB  . ALA A 1 182 ? 16.934  1.206   9.149   1.00 33.29 ? 273  ALA A CB  1 
ATOM   1389 N  N   . CYS A 1 183 ? 16.575  -1.462  7.458   1.00 34.46 ? 274  CYS A N   1 
ATOM   1390 C  CA  . CYS A 1 183 ? 17.212  -2.553  6.722   1.00 35.09 ? 274  CYS A CA  1 
ATOM   1391 C  C   . CYS A 1 183 ? 16.249  -3.681  6.347   1.00 33.10 ? 274  CYS A C   1 
ATOM   1392 O  O   . CYS A 1 183 ? 16.260  -4.752  6.962   1.00 30.23 ? 274  CYS A O   1 
ATOM   1393 C  CB  . CYS A 1 183 ? 18.354  -3.123  7.561   1.00 37.94 ? 274  CYS A CB  1 
ATOM   1394 S  SG  . CYS A 1 183 ? 19.331  -1.842  8.376   1.00 48.48 ? 274  CYS A SG  1 
ATOM   1395 N  N   . PRO A 1 184 ? 15.413  -3.456  5.321   1.00 31.69 ? 275  PRO A N   1 
ATOM   1396 C  CA  . PRO A 1 184 ? 14.428  -4.425  4.828   1.00 31.37 ? 275  PRO A CA  1 
ATOM   1397 C  C   . PRO A 1 184 ? 14.989  -5.828  4.597   1.00 31.59 ? 275  PRO A C   1 
ATOM   1398 O  O   . PRO A 1 184 ? 14.353  -6.822  4.945   1.00 31.03 ? 275  PRO A O   1 
ATOM   1399 C  CB  . PRO A 1 184 ? 13.941  -3.787  3.532   1.00 29.71 ? 275  PRO A CB  1 
ATOM   1400 C  CG  . PRO A 1 184 ? 14.011  -2.338  3.843   1.00 30.33 ? 275  PRO A CG  1 
ATOM   1401 C  CD  . PRO A 1 184 ? 15.354  -2.214  4.529   1.00 30.82 ? 275  PRO A CD  1 
ATOM   1402 N  N   . GLY A 1 185 ? 16.178  -5.898  4.005   1.00 32.14 ? 276  GLY A N   1 
ATOM   1403 C  CA  . GLY A 1 185 ? 16.793  -7.185  3.738   1.00 32.36 ? 276  GLY A CA  1 
ATOM   1404 C  C   . GLY A 1 185 ? 17.044  -7.995  4.995   1.00 33.66 ? 276  GLY A C   1 
ATOM   1405 O  O   . GLY A 1 185 ? 16.692  -9.175  5.062   1.00 32.15 ? 276  GLY A O   1 
ATOM   1406 N  N   . ARG A 1 186 ? 17.652  -7.358  5.991   1.00 34.18 ? 277  ARG A N   1 
ATOM   1407 C  CA  . ARG A 1 186 ? 17.956  -8.016  7.255   1.00 36.76 ? 277  ARG A CA  1 
ATOM   1408 C  C   . ARG A 1 186 ? 16.696  -8.403  8.018   1.00 36.59 ? 277  ARG A C   1 
ATOM   1409 O  O   . ARG A 1 186 ? 16.579  -9.522  8.525   1.00 34.88 ? 277  ARG A O   1 
ATOM   1410 C  CB  . ARG A 1 186 ? 18.822  -7.103  8.129   1.00 39.56 ? 277  ARG A CB  1 
ATOM   1411 C  CG  . ARG A 1 186 ? 19.141  -7.682  9.508   1.00 45.83 ? 277  ARG A CG  1 
ATOM   1412 C  CD  . ARG A 1 186 ? 20.108  -6.797  10.292  1.00 49.57 ? 277  ARG A CD  1 
ATOM   1413 N  NE  . ARG A 1 186 ? 19.579  -5.455  10.531  1.00 53.77 ? 277  ARG A NE  1 
ATOM   1414 C  CZ  . ARG A 1 186 ? 18.513  -5.187  11.282  1.00 55.83 ? 277  ARG A CZ  1 
ATOM   1415 N  NH1 . ARG A 1 186 ? 17.850  -6.173  11.876  1.00 56.99 ? 277  ARG A NH1 1 
ATOM   1416 N  NH2 . ARG A 1 186 ? 18.107  -3.931  11.438  1.00 55.62 ? 277  ARG A NH2 1 
ATOM   1417 N  N   . ASP A 1 187 ? 15.753  -7.472  8.107   1.00 36.13 ? 278  ASP A N   1 
ATOM   1418 C  CA  . ASP A 1 187 ? 14.515  -7.737  8.821   1.00 36.38 ? 278  ASP A CA  1 
ATOM   1419 C  C   . ASP A 1 187 ? 13.700  -8.834  8.149   1.00 35.93 ? 278  ASP A C   1 
ATOM   1420 O  O   . ASP A 1 187 ? 13.077  -9.650  8.827   1.00 35.18 ? 278  ASP A O   1 
ATOM   1421 C  CB  . ASP A 1 187 ? 13.701  -6.447  8.951   1.00 37.24 ? 278  ASP A CB  1 
ATOM   1422 C  CG  . ASP A 1 187 ? 14.344  -5.457  9.903   1.00 40.21 ? 278  ASP A CG  1 
ATOM   1423 O  OD1 . ASP A 1 187 ? 15.445  -5.770  10.409  1.00 39.98 ? 278  ASP A OD1 1 
ATOM   1424 O  OD2 . ASP A 1 187 ? 13.762  -4.376  10.150  1.00 40.03 ? 278  ASP A OD2 1 
ATOM   1425 N  N   . ARG A 1 188 ? 13.712  -8.872  6.818   1.00 35.18 ? 279  ARG A N   1 
ATOM   1426 C  CA  . ARG A 1 188 ? 12.969  -9.910  6.120   1.00 34.78 ? 279  ARG A CA  1 
ATOM   1427 C  C   . ARG A 1 188 ? 13.519  -11.278 6.517   1.00 35.66 ? 279  ARG A C   1 
ATOM   1428 O  O   . ARG A 1 188 ? 12.758  -12.197 6.831   1.00 35.26 ? 279  ARG A O   1 
ATOM   1429 C  CB  . ARG A 1 188 ? 13.070  -9.741  4.601   1.00 33.57 ? 279  ARG A CB  1 
ATOM   1430 C  CG  . ARG A 1 188 ? 12.387  -10.871 3.846   1.00 30.14 ? 279  ARG A CG  1 
ATOM   1431 C  CD  . ARG A 1 188 ? 12.493  -10.722 2.341   1.00 31.69 ? 279  ARG A CD  1 
ATOM   1432 N  NE  . ARG A 1 188 ? 12.159  -11.974 1.667   1.00 28.84 ? 279  ARG A NE  1 
ATOM   1433 C  CZ  . ARG A 1 188 ? 12.314  -12.189 0.366   1.00 29.42 ? 279  ARG A CZ  1 
ATOM   1434 N  NH1 . ARG A 1 188 ? 12.799  -11.230 -0.413  1.00 26.25 ? 279  ARG A NH1 1 
ATOM   1435 N  NH2 . ARG A 1 188 ? 12.005  -13.368 -0.155  1.00 26.70 ? 279  ARG A NH2 1 
ATOM   1436 N  N   . ARG A 1 189 ? 14.844  -11.402 6.508   1.00 37.43 ? 280  ARG A N   1 
ATOM   1437 C  CA  . ARG A 1 189 ? 15.507  -12.656 6.864   1.00 39.07 ? 280  ARG A CA  1 
ATOM   1438 C  C   . ARG A 1 189 ? 15.158  -13.099 8.278   1.00 38.57 ? 280  ARG A C   1 
ATOM   1439 O  O   . ARG A 1 189 ? 14.821  -14.258 8.508   1.00 38.81 ? 280  ARG A O   1 
ATOM   1440 C  CB  . ARG A 1 189 ? 17.029  -12.513 6.754   1.00 41.11 ? 280  ARG A CB  1 
ATOM   1441 C  CG  . ARG A 1 189 ? 17.515  -12.093 5.383   1.00 45.37 ? 280  ARG A CG  1 
ATOM   1442 C  CD  . ARG A 1 189 ? 18.688  -12.943 4.928   1.00 50.10 ? 280  ARG A CD  1 
ATOM   1443 N  NE  . ARG A 1 189 ? 19.857  -12.803 5.789   1.00 53.83 ? 280  ARG A NE  1 
ATOM   1444 C  CZ  . ARG A 1 189 ? 20.933  -13.579 5.702   1.00 57.27 ? 280  ARG A CZ  1 
ATOM   1445 N  NH1 . ARG A 1 189 ? 20.980  -14.547 4.793   1.00 58.37 ? 280  ARG A NH1 1 
ATOM   1446 N  NH2 . ARG A 1 189 ? 21.962  -13.391 6.519   1.00 57.80 ? 280  ARG A NH2 1 
ATOM   1447 N  N   . THR A 1 190 ? 15.247  -12.171 9.224   1.00 39.16 ? 281  THR A N   1 
ATOM   1448 C  CA  . THR A 1 190 ? 14.945  -12.481 10.614  1.00 40.25 ? 281  THR A CA  1 
ATOM   1449 C  C   . THR A 1 190 ? 13.506  -12.969 10.772  1.00 40.42 ? 281  THR A C   1 
ATOM   1450 O  O   . THR A 1 190 ? 13.266  -14.051 11.312  1.00 40.82 ? 281  THR A O   1 
ATOM   1451 C  CB  . THR A 1 190 ? 15.159  -11.248 11.518  1.00 41.09 ? 281  THR A CB  1 
ATOM   1452 O  OG1 . THR A 1 190 ? 14.191  -10.242 11.192  1.00 46.42 ? 281  THR A OG1 1 
ATOM   1453 C  CG2 . THR A 1 190 ? 16.556  -10.673 11.314  1.00 39.39 ? 281  THR A CG2 1 
ATOM   1454 N  N   . GLU A 1 191 ? 12.550  -12.181 10.288  1.00 39.67 ? 282  GLU A N   1 
ATOM   1455 C  CA  . GLU A 1 191 ? 11.147  -12.555 10.406  1.00 39.29 ? 282  GLU A CA  1 
ATOM   1456 C  C   . GLU A 1 191 ? 10.826  -13.867 9.705   1.00 39.72 ? 282  GLU A C   1 
ATOM   1457 O  O   . GLU A 1 191 ? 9.912   -14.583 10.108  1.00 40.60 ? 282  GLU A O   1 
ATOM   1458 C  CB  . GLU A 1 191 ? 10.251  -11.437 9.874   1.00 37.16 ? 282  GLU A CB  1 
ATOM   1459 C  CG  . GLU A 1 191 ? 10.448  -10.126 10.610  1.00 35.80 ? 282  GLU A CG  1 
ATOM   1460 C  CD  . GLU A 1 191 ? 9.291   -9.172  10.432  1.00 33.59 ? 282  GLU A CD  1 
ATOM   1461 O  OE1 . GLU A 1 191 ? 9.415   -8.011  10.877  1.00 34.32 ? 282  GLU A OE1 1 
ATOM   1462 O  OE2 . GLU A 1 191 ? 8.260   -9.582  9.857   1.00 31.07 ? 282  GLU A OE2 1 
ATOM   1463 N  N   . GLU A 1 192 ? 11.569  -14.188 8.652   1.00 39.95 ? 283  GLU A N   1 
ATOM   1464 C  CA  . GLU A 1 192 ? 11.333  -15.441 7.955   1.00 40.57 ? 283  GLU A CA  1 
ATOM   1465 C  C   . GLU A 1 192 ? 11.913  -16.599 8.769   1.00 42.15 ? 283  GLU A C   1 
ATOM   1466 O  O   . GLU A 1 192 ? 11.192  -17.605 8.951   1.00 42.26 ? 283  GLU A O   1 
ATOM   1467 C  CB  . GLU A 1 192 ? 11.947  -15.405 6.554   1.00 39.96 ? 283  GLU A CB  1 
ATOM   1468 C  CG  . GLU A 1 192 ? 11.124  -14.603 5.558   1.00 41.09 ? 283  GLU A CG  1 
ATOM   1469 C  CD  . GLU A 1 192 ? 11.631  -14.738 4.139   1.00 41.88 ? 283  GLU A CD  1 
ATOM   1470 O  OE1 . GLU A 1 192 ? 10.984  -14.188 3.220   1.00 40.02 ? 283  GLU A OE1 1 
ATOM   1471 O  OE2 . GLU A 1 192 ? 12.676  -15.394 3.942   1.00 42.97 ? 283  GLU A OE2 1 
HETATM 1472 ZN ZN  . ZN  B 2 .   ? 6.841   8.963   11.440  1.00 28.76 ? 2001 ZN  A ZN  1 
HETATM 1473 C  C   . TRS C 3 .   ? -1.241  -12.684 -2.903  1.00 44.79 ? 1163 TRS A C   1 
HETATM 1474 C  C1  . TRS C 3 .   ? -1.356  -12.776 -1.455  1.00 44.95 ? 1163 TRS A C1  1 
HETATM 1475 C  C2  . TRS C 3 .   ? -2.125  -13.657 -3.415  1.00 46.28 ? 1163 TRS A C2  1 
HETATM 1476 C  C3  . TRS C 3 .   ? 0.245   -12.900 -3.204  1.00 46.14 ? 1163 TRS A C3  1 
HETATM 1477 N  N   . TRS C 3 .   ? -1.744  -11.367 -3.326  1.00 44.38 ? 1163 TRS A N   1 
HETATM 1478 O  O1  . TRS C 3 .   ? -2.568  -12.359 -1.006  1.00 38.42 ? 1163 TRS A O1  1 
HETATM 1479 O  O2  . TRS C 3 .   ? -2.184  -13.745 -4.838  1.00 45.97 ? 1163 TRS A O2  1 
HETATM 1480 O  O3  . TRS C 3 .   ? 1.243   -13.119 -2.214  1.00 47.21 ? 1163 TRS A O3  1 
HETATM 1481 C  C1  . IPA D 4 .   ? 8.148   -3.996  -4.015  1.00 44.78 ? 3001 IPA A C1  1 
HETATM 1482 C  C2  . IPA D 4 .   ? 8.707   -4.995  -4.882  1.00 45.55 ? 3001 IPA A C2  1 
HETATM 1483 C  C3  . IPA D 4 .   ? 9.442   -6.024  -4.104  1.00 44.77 ? 3001 IPA A C3  1 
HETATM 1484 O  O2  . IPA D 4 .   ? 7.618   -5.549  -5.633  1.00 44.57 ? 3001 IPA A O2  1 
HETATM 1485 O  O   . HOH E 5 .   ? -14.220 7.060   -3.584  1.00 15.36 ? 1001 HOH A O   1 
HETATM 1486 O  O   . HOH E 5 .   ? -7.097  -10.911 -4.317  1.00 17.16 ? 1002 HOH A O   1 
HETATM 1487 O  O   . HOH E 5 .   ? -8.216  -0.190  -0.146  1.00 15.18 ? 1003 HOH A O   1 
HETATM 1488 O  O   . HOH E 5 .   ? -2.620  7.617   6.713   1.00 14.05 ? 1004 HOH A O   1 
HETATM 1489 O  O   . HOH E 5 .   ? -4.517  4.524   5.034   1.00 17.86 ? 1005 HOH A O   1 
HETATM 1490 O  O   . HOH E 5 .   ? -4.144  3.411   -5.094  1.00 19.59 ? 1006 HOH A O   1 
HETATM 1491 O  O   . HOH E 5 .   ? -6.479  3.406   8.787   1.00 13.58 ? 1007 HOH A O   1 
HETATM 1492 O  O   . HOH E 5 .   ? -16.069 -8.634  -8.329  1.00 20.37 ? 1008 HOH A O   1 
HETATM 1493 O  O   . HOH E 5 .   ? 8.277   3.284   1.413   1.00 24.38 ? 1009 HOH A O   1 
HETATM 1494 O  O   . HOH E 5 .   ? -14.314 6.385   -12.585 1.00 24.06 ? 1010 HOH A O   1 
HETATM 1495 O  O   . HOH E 5 .   ? 2.583   4.456   -10.024 1.00 21.96 ? 1011 HOH A O   1 
HETATM 1496 O  O   . HOH E 5 .   ? -13.410 -14.251 -4.934  1.00 22.94 ? 1012 HOH A O   1 
HETATM 1497 O  O   . HOH E 5 .   ? -6.447  0.512   11.586  1.00 22.87 ? 1013 HOH A O   1 
HETATM 1498 O  O   . HOH E 5 .   ? -5.633  5.522   7.448   1.00 19.49 ? 1014 HOH A O   1 
HETATM 1499 O  O   . HOH E 5 .   ? -3.796  14.678  -6.174  1.00 20.21 ? 1015 HOH A O   1 
HETATM 1500 O  O   . HOH E 5 .   ? -3.074  7.603   1.737   1.00 21.26 ? 1016 HOH A O   1 
HETATM 1501 O  O   . HOH E 5 .   ? -10.209 -14.372 -2.883  1.00 23.42 ? 1017 HOH A O   1 
HETATM 1502 O  O   . HOH E 5 .   ? -2.417  6.421   4.234   1.00 20.52 ? 1018 HOH A O   1 
HETATM 1503 O  O   . HOH E 5 .   ? -2.065  5.895   13.604  1.00 24.30 ? 1019 HOH A O   1 
HETATM 1504 O  O   . HOH E 5 .   ? 4.277   -12.045 -6.425  1.00 19.62 ? 1020 HOH A O   1 
HETATM 1505 O  O   . HOH E 5 .   ? -10.387 6.694   2.779   1.00 15.62 ? 1021 HOH A O   1 
HETATM 1506 O  O   . HOH E 5 .   ? -0.621  -9.802  -1.274  1.00 23.11 ? 1022 HOH A O   1 
HETATM 1507 O  O   . HOH E 5 .   ? -4.413  15.883  -3.958  1.00 17.39 ? 1023 HOH A O   1 
HETATM 1508 O  O   . HOH E 5 .   ? -7.188  13.533  4.998   1.00 29.86 ? 1024 HOH A O   1 
HETATM 1509 O  O   . HOH E 5 .   ? -12.469 -8.715  -9.279  1.00 17.77 ? 1025 HOH A O   1 
HETATM 1510 O  O   . HOH E 5 .   ? -11.758 13.015  1.312   1.00 22.62 ? 1026 HOH A O   1 
HETATM 1511 O  O   . HOH E 5 .   ? -5.530  -13.261 -4.082  1.00 20.07 ? 1027 HOH A O   1 
HETATM 1512 O  O   . HOH E 5 .   ? -12.746 11.501  -4.955  1.00 19.95 ? 1028 HOH A O   1 
HETATM 1513 O  O   . HOH E 5 .   ? 1.662   12.471  3.378   1.00 21.54 ? 1029 HOH A O   1 
HETATM 1514 O  O   . HOH E 5 .   ? -10.908 1.319   -15.589 1.00 25.14 ? 1031 HOH A O   1 
HETATM 1515 O  O   . HOH E 5 .   ? -8.253  9.882   -10.340 1.00 22.16 ? 1032 HOH A O   1 
HETATM 1516 O  O   . HOH E 5 .   ? 3.959   -0.963  10.834  1.00 26.97 ? 1033 HOH A O   1 
HETATM 1517 O  O   . HOH E 5 .   ? 10.270  -11.171 -10.250 1.00 26.57 ? 1034 HOH A O   1 
HETATM 1518 O  O   . HOH E 5 .   ? 2.986   6.366   11.628  1.00 25.52 ? 1035 HOH A O   1 
HETATM 1519 O  O   . HOH E 5 .   ? -10.678 -1.022  -17.326 1.00 24.91 ? 1036 HOH A O   1 
HETATM 1520 O  O   . HOH E 5 .   ? 1.275   12.013  -4.539  1.00 28.67 ? 1037 HOH A O   1 
HETATM 1521 O  O   . HOH E 5 .   ? -9.849  14.531  -0.073  1.00 29.80 ? 1038 HOH A O   1 
HETATM 1522 O  O   . HOH E 5 .   ? -0.535  8.713   -14.644 1.00 29.23 ? 1039 HOH A O   1 
HETATM 1523 O  O   . HOH E 5 .   ? -4.004  -5.089  -14.316 1.00 27.33 ? 1040 HOH A O   1 
HETATM 1524 O  O   . HOH E 5 .   ? 7.433   10.177  16.360  1.00 35.20 ? 1041 HOH A O   1 
HETATM 1525 O  O   . HOH E 5 .   ? -11.122 -10.878 6.760   1.00 24.45 ? 1042 HOH A O   1 
HETATM 1526 O  O   . HOH E 5 .   ? -13.900 4.638   -5.488  1.00 34.70 ? 1043 HOH A O   1 
HETATM 1527 O  O   . HOH E 5 .   ? -3.889  1.387   -12.336 1.00 26.57 ? 1045 HOH A O   1 
HETATM 1528 O  O   . HOH E 5 .   ? -8.045  -13.122 7.586   1.00 33.42 ? 1046 HOH A O   1 
HETATM 1529 O  O   . HOH E 5 .   ? -17.686 -8.102  -10.469 1.00 31.31 ? 1047 HOH A O   1 
HETATM 1530 O  O   . HOH E 5 .   ? -7.681  -14.868 2.143   1.00 29.18 ? 1048 HOH A O   1 
HETATM 1531 O  O   . HOH E 5 .   ? 15.840  -2.627  9.993   1.00 33.19 ? 1049 HOH A O   1 
HETATM 1532 O  O   . HOH E 5 .   ? 10.671  0.660   11.655  1.00 31.70 ? 1050 HOH A O   1 
HETATM 1533 O  O   . HOH E 5 .   ? -15.857 2.890   -2.087  1.00 24.86 ? 1051 HOH A O   1 
HETATM 1534 O  O   . HOH E 5 .   ? -13.080 -4.337  1.191   1.00 31.32 ? 1052 HOH A O   1 
HETATM 1535 O  O   . HOH E 5 .   ? -0.833  12.179  10.671  1.00 37.44 ? 1053 HOH A O   1 
HETATM 1536 O  O   . HOH E 5 .   ? -16.619 1.274   -13.294 1.00 29.74 ? 1054 HOH A O   1 
HETATM 1537 O  O   . HOH E 5 .   ? -13.223 3.706   5.694   1.00 31.37 ? 1055 HOH A O   1 
HETATM 1538 O  O   . HOH E 5 .   ? 9.776   7.255   16.772  1.00 33.12 ? 1056 HOH A O   1 
HETATM 1539 O  O   . HOH E 5 .   ? 5.952   12.250  -2.139  1.00 33.38 ? 1057 HOH A O   1 
HETATM 1540 O  O   . HOH E 5 .   ? -8.381  6.597   15.144  1.00 27.38 ? 1058 HOH A O   1 
HETATM 1541 O  O   . HOH E 5 .   ? 8.240   -11.740 -5.001  1.00 36.73 ? 1059 HOH A O   1 
HETATM 1542 O  O   . HOH E 5 .   ? -5.088  -9.978  15.768  1.00 39.58 ? 1060 HOH A O   1 
HETATM 1543 O  O   . HOH E 5 .   ? 6.362   -4.344  -11.434 1.00 33.68 ? 1061 HOH A O   1 
HETATM 1544 O  O   . HOH E 5 .   ? -0.553  21.801  -4.525  1.00 28.15 ? 1062 HOH A O   1 
HETATM 1545 O  O   . HOH E 5 .   ? 5.226   -4.739  10.277  1.00 30.02 ? 1063 HOH A O   1 
HETATM 1546 O  O   . HOH E 5 .   ? 5.997   12.368  16.233  1.00 40.31 ? 1064 HOH A O   1 
HETATM 1547 O  O   . HOH E 5 .   ? 10.472  -11.805 -3.563  1.00 31.95 ? 1065 HOH A O   1 
HETATM 1548 O  O   . HOH E 5 .   ? 10.582  12.234  4.576   1.00 40.47 ? 1066 HOH A O   1 
HETATM 1549 O  O   . HOH E 5 .   ? 2.020   -0.767  -15.367 1.00 28.74 ? 1067 HOH A O   1 
HETATM 1550 O  O   . HOH E 5 .   ? -15.850 16.108  -1.188  1.00 42.14 ? 1068 HOH A O   1 
HETATM 1551 O  O   . HOH E 5 .   ? 8.481   14.877  -0.948  1.00 45.15 ? 1069 HOH A O   1 
HETATM 1552 O  O   . HOH E 5 .   ? -3.646  -9.475  23.162  1.00 45.16 ? 1070 HOH A O   1 
HETATM 1553 O  O   . HOH E 5 .   ? 12.276  5.729   -4.140  1.00 37.86 ? 1071 HOH A O   1 
HETATM 1554 O  O   . HOH E 5 .   ? -3.616  5.025   -13.129 1.00 35.37 ? 1072 HOH A O   1 
HETATM 1555 O  O   . HOH E 5 .   ? -3.970  14.288  -18.251 1.00 39.66 ? 1073 HOH A O   1 
HETATM 1556 O  O   . HOH E 5 .   ? -10.960 4.894   -13.854 1.00 36.57 ? 1074 HOH A O   1 
HETATM 1557 O  O   . HOH E 5 .   ? -4.022  -13.358 -13.832 1.00 40.60 ? 1075 HOH A O   1 
HETATM 1558 O  O   . HOH E 5 .   ? 0.892   6.055   -14.644 1.00 39.10 ? 1076 HOH A O   1 
HETATM 1559 O  O   . HOH E 5 .   ? -3.545  -4.152  -21.233 1.00 43.39 ? 1077 HOH A O   1 
HETATM 1560 O  O   . HOH E 5 .   ? -13.332 7.489   0.178   1.00 28.95 ? 1078 HOH A O   1 
HETATM 1561 O  O   . HOH E 5 .   ? 14.113  0.467   11.337  1.00 43.69 ? 1079 HOH A O   1 
HETATM 1562 O  O   . HOH E 5 .   ? -7.381  -8.983  1.376   1.00 38.11 ? 1080 HOH A O   1 
HETATM 1563 O  O   . HOH E 5 .   ? 7.038   -5.740  11.822  1.00 44.47 ? 1081 HOH A O   1 
HETATM 1564 O  O   . HOH E 5 .   ? -7.354  -8.489  9.100   1.00 36.42 ? 1082 HOH A O   1 
HETATM 1565 O  O   . HOH E 5 .   ? 0.674   4.575   -11.891 1.00 34.14 ? 1083 HOH A O   1 
HETATM 1566 O  O   . HOH E 5 .   ? -12.235 4.740   13.884  1.00 45.86 ? 1084 HOH A O   1 
HETATM 1567 O  O   . HOH E 5 .   ? -13.635 0.039   -0.754  1.00 39.31 ? 1085 HOH A O   1 
HETATM 1568 O  O   . HOH E 5 .   ? -6.252  15.355  10.531  1.00 44.70 ? 1087 HOH A O   1 
HETATM 1569 O  O   . HOH E 5 .   ? 0.116   -12.965 -19.921 1.00 47.36 ? 1088 HOH A O   1 
HETATM 1570 O  O   . HOH E 5 .   ? -18.440 8.978   12.069  1.00 32.60 ? 1089 HOH A O   1 
HETATM 1571 O  O   . HOH E 5 .   ? -8.567  -2.445  22.122  1.00 44.38 ? 1090 HOH A O   1 
HETATM 1572 O  O   . HOH E 5 .   ? -1.162  -4.042  14.672  1.00 29.51 ? 1091 HOH A O   1 
HETATM 1573 O  O   . HOH E 5 .   ? -8.089  -15.653 6.966   1.00 39.22 ? 1092 HOH A O   1 
HETATM 1574 O  O   . HOH E 5 .   ? -8.168  11.183  10.317  1.00 38.21 ? 1093 HOH A O   1 
HETATM 1575 O  O   . HOH E 5 .   ? -6.439  -15.451 -2.470  1.00 35.01 ? 1094 HOH A O   1 
HETATM 1576 O  O   . HOH E 5 .   ? -5.509  7.542   14.881  1.00 37.51 ? 1095 HOH A O   1 
HETATM 1577 O  O   . HOH E 5 .   ? -23.147 1.808   -5.684  1.00 47.17 ? 1096 HOH A O   1 
HETATM 1578 O  O   . HOH E 5 .   ? -12.154 -13.133 -14.800 1.00 41.30 ? 1097 HOH A O   1 
HETATM 1579 O  O   . HOH E 5 .   ? 3.439   9.769   -14.907 1.00 41.52 ? 1098 HOH A O   1 
HETATM 1580 O  O   . HOH E 5 .   ? 2.624   -14.675 -0.531  1.00 41.68 ? 1099 HOH A O   1 
HETATM 1581 O  O   . HOH E 5 .   ? 13.351  -18.697 6.971   1.00 53.50 ? 1100 HOH A O   1 
HETATM 1582 O  O   . HOH E 5 .   ? -2.556  4.921   19.457  1.00 39.41 ? 1101 HOH A O   1 
HETATM 1583 O  O   . HOH E 5 .   ? -1.472  7.759   15.583  1.00 34.92 ? 1102 HOH A O   1 
HETATM 1584 O  O   . HOH E 5 .   ? 8.041   -0.069  -12.697 1.00 43.53 ? 1103 HOH A O   1 
HETATM 1585 O  O   . HOH E 5 .   ? -12.912 -14.853 -2.115  1.00 21.93 ? 1104 HOH A O   1 
HETATM 1586 O  O   . HOH E 5 .   ? -9.929  -0.166  2.066   1.00 27.01 ? 1105 HOH A O   1 
HETATM 1587 O  O   . HOH E 5 .   ? -9.719  -7.734  9.027   1.00 25.07 ? 1106 HOH A O   1 
HETATM 1588 O  O   . HOH E 5 .   ? -14.118 10.028  0.771   1.00 28.35 ? 1107 HOH A O   1 
HETATM 1589 O  O   . HOH E 5 .   ? 8.325   -2.517  -11.643 1.00 27.42 ? 1108 HOH A O   1 
HETATM 1590 O  O   . HOH E 5 .   ? -11.532 7.303   -11.824 1.00 34.84 ? 1109 HOH A O   1 
HETATM 1591 O  O   . HOH E 5 .   ? 0.451   -4.856  17.039  1.00 37.38 ? 1110 HOH A O   1 
HETATM 1592 O  O   . HOH E 5 .   ? -14.491 9.950   -3.545  1.00 29.67 ? 1111 HOH A O   1 
HETATM 1593 O  O   . HOH E 5 .   ? 6.647   -5.381  -8.167  1.00 51.58 ? 1112 HOH A O   1 
HETATM 1594 O  O   . HOH E 5 .   ? -18.989 -0.452  -13.630 1.00 36.51 ? 1113 HOH A O   1 
HETATM 1595 O  O   . HOH E 5 .   ? -14.107 12.609  -0.250  1.00 36.59 ? 1114 HOH A O   1 
HETATM 1596 O  O   . HOH E 5 .   ? -6.248  -13.417 -11.897 1.00 41.01 ? 1115 HOH A O   1 
HETATM 1597 O  O   . HOH E 5 .   ? -15.752 -0.753  -2.074  1.00 36.83 ? 1116 HOH A O   1 
HETATM 1598 O  O   . HOH E 5 .   ? 18.004  -3.850  3.488   1.00 46.37 ? 1117 HOH A O   1 
HETATM 1599 O  O   . HOH E 5 .   ? 5.894   -10.675 -9.732  1.00 38.82 ? 1118 HOH A O   1 
HETATM 1600 O  O   . HOH E 5 .   ? 6.003   -13.249 -5.143  1.00 44.45 ? 1119 HOH A O   1 
HETATM 1601 O  O   . HOH E 5 .   ? 13.831  3.480   6.816   1.00 41.11 ? 1120 HOH A O   1 
HETATM 1602 O  O   . HOH E 5 .   ? -12.401 4.670   2.966   1.00 38.89 ? 1121 HOH A O   1 
HETATM 1603 O  O   . HOH E 5 .   ? -3.525  -7.802  -15.268 1.00 40.90 ? 1122 HOH A O   1 
HETATM 1604 O  O   . HOH E 5 .   ? 4.337   11.498  -13.093 1.00 44.05 ? 1123 HOH A O   1 
HETATM 1605 O  O   . HOH E 5 .   ? 14.308  -4.002  -4.487  1.00 45.16 ? 1124 HOH A O   1 
HETATM 1606 O  O   . HOH E 5 .   ? 11.218  5.652   14.935  1.00 39.79 ? 1125 HOH A O   1 
HETATM 1607 O  O   . HOH E 5 .   ? -16.452 9.814   2.688   1.00 41.09 ? 1126 HOH A O   1 
HETATM 1608 O  O   . HOH E 5 .   ? -19.433 -2.464  -11.712 1.00 38.47 ? 1127 HOH A O   1 
HETATM 1609 O  O   . HOH E 5 .   ? -18.272 5.731   5.289   1.00 38.57 ? 1129 HOH A O   1 
HETATM 1610 O  O   . HOH E 5 .   ? -10.240 -10.371 18.222  1.00 40.10 ? 1130 HOH A O   1 
HETATM 1611 O  O   . HOH E 5 .   ? 1.875   -15.776 5.846   1.00 44.03 ? 1131 HOH A O   1 
HETATM 1612 O  O   . HOH E 5 .   ? -16.872 -0.689  -19.225 1.00 40.45 ? 1132 HOH A O   1 
HETATM 1613 O  O   . HOH E 5 .   ? 6.130   -18.869 0.421   1.00 40.57 ? 1133 HOH A O   1 
HETATM 1614 O  O   . HOH E 5 .   ? -8.486  10.210  -12.912 1.00 45.14 ? 1134 HOH A O   1 
HETATM 1615 O  O   . HOH E 5 .   ? -9.020  -1.983  17.681  1.00 41.03 ? 1135 HOH A O   1 
HETATM 1616 O  O   . HOH E 5 .   ? 4.487   16.535  5.031   1.00 53.48 ? 1136 HOH A O   1 
HETATM 1617 O  O   . HOH E 5 .   ? -13.263 -14.205 -17.005 1.00 36.90 ? 1138 HOH A O   1 
HETATM 1618 O  O   . HOH E 5 .   ? -7.037  10.155  13.624  1.00 38.86 ? 1139 HOH A O   1 
HETATM 1619 O  O   . HOH E 5 .   ? 13.529  1.468   16.776  1.00 48.33 ? 1140 HOH A O   1 
HETATM 1620 O  O   . HOH E 5 .   ? -18.142 -6.308  -16.503 1.00 45.14 ? 1141 HOH A O   1 
HETATM 1621 O  O   . HOH E 5 .   ? -4.256  -15.884 -8.030  1.00 39.61 ? 1142 HOH A O   1 
HETATM 1622 O  O   . HOH E 5 .   ? -6.635  -15.899 4.337   1.00 51.04 ? 1143 HOH A O   1 
HETATM 1623 O  O   . HOH E 5 .   ? -10.044 -13.128 -19.917 1.00 41.42 ? 1144 HOH A O   1 
HETATM 1624 O  O   . HOH E 5 .   ? 14.536  6.501   3.794   1.00 37.17 ? 1145 HOH A O   1 
HETATM 1625 O  O   . HOH E 5 .   ? -17.107 5.237   -2.588  1.00 39.25 ? 1146 HOH A O   1 
HETATM 1626 O  O   . HOH E 5 .   ? 1.451   -10.255 13.418  1.00 46.34 ? 1147 HOH A O   1 
HETATM 1627 O  O   . HOH E 5 .   ? -7.006  14.976  13.184  1.00 49.01 ? 1148 HOH A O   1 
HETATM 1628 O  O   . HOH E 5 .   ? 6.408   -11.523 10.532  1.00 36.55 ? 1149 HOH A O   1 
HETATM 1629 O  O   . HOH E 5 .   ? 4.331   5.111   -13.394 1.00 39.15 ? 1150 HOH A O   1 
HETATM 1630 O  O   . HOH E 5 .   ? -7.556  -12.356 9.972   1.00 42.19 ? 1151 HOH A O   1 
HETATM 1631 O  O   . HOH E 5 .   ? -12.403 -15.198 -9.321  1.00 45.10 ? 1152 HOH A O   1 
HETATM 1632 O  O   . HOH E 5 .   ? -21.922 4.786   -4.429  1.00 46.28 ? 1153 HOH A O   1 
HETATM 1633 O  O   . HOH E 5 .   ? 4.200   11.086  -4.515  1.00 45.45 ? 1154 HOH A O   1 
HETATM 1634 O  O   . HOH E 5 .   ? 13.226  2.082   13.143  1.00 51.90 ? 1155 HOH A O   1 
HETATM 1635 O  O   . HOH E 5 .   ? -14.221 -7.959  -18.744 1.00 42.18 ? 1156 HOH A O   1 
HETATM 1636 O  O   . HOH E 5 .   ? -10.330 -15.529 -12.235 1.00 47.97 ? 1157 HOH A O   1 
HETATM 1637 O  O   . HOH E 5 .   ? -14.422 5.471   1.501   1.00 48.04 ? 1158 HOH A O   1 
HETATM 1638 O  O   . HOH E 5 .   ? 9.292   9.179   14.800  1.00 44.34 ? 1159 HOH A O   1 
HETATM 1639 O  O   . HOH E 5 .   ? 12.848  10.183  9.493   1.00 42.27 ? 1160 HOH A O   1 
HETATM 1640 O  O   . HOH E 5 .   ? -6.818  -15.851 -10.380 1.00 45.52 ? 1161 HOH A O   1 
HETATM 1641 O  O   . HOH E 5 .   ? 10.789  -9.284  -3.231  1.00 53.53 ? 1162 HOH A O   1 
# 
